data_2HHG
# 
_entry.id   2HHG 
# 
_audit_conform.dict_name       mmcif_pdbx.dic 
_audit_conform.dict_version    5.397 
_audit_conform.dict_location   http://mmcif.pdb.org/dictionaries/ascii/mmcif_pdbx.dic 
# 
loop_
_database_2.database_id 
_database_2.database_code 
_database_2.pdbx_database_accession 
_database_2.pdbx_DOI 
PDB   2HHG         pdb_00002hhg 10.2210/pdb2hhg/pdb 
RCSB  RCSB038350   ?            ?                   
WWPDB D_1000038350 ?            ?                   
# 
loop_
_pdbx_audit_revision_history.ordinal 
_pdbx_audit_revision_history.data_content_type 
_pdbx_audit_revision_history.major_revision 
_pdbx_audit_revision_history.minor_revision 
_pdbx_audit_revision_history.revision_date 
1 'Structure model' 1 0 2006-07-25 
2 'Structure model' 1 1 2008-05-01 
3 'Structure model' 1 2 2011-07-13 
4 'Structure model' 1 3 2024-10-16 
# 
_pdbx_audit_revision_details.ordinal             1 
_pdbx_audit_revision_details.revision_ordinal    1 
_pdbx_audit_revision_details.data_content_type   'Structure model' 
_pdbx_audit_revision_details.provider            repository 
_pdbx_audit_revision_details.type                'Initial release' 
_pdbx_audit_revision_details.description         ? 
_pdbx_audit_revision_details.details             ? 
# 
loop_
_pdbx_audit_revision_group.ordinal 
_pdbx_audit_revision_group.revision_ordinal 
_pdbx_audit_revision_group.data_content_type 
_pdbx_audit_revision_group.group 
1 2 'Structure model' 'Version format compliance' 
2 3 'Structure model' 'Derived calculations'      
3 3 'Structure model' 'Source and taxonomy'       
4 3 'Structure model' 'Version format compliance' 
5 4 'Structure model' 'Data collection'           
6 4 'Structure model' 'Database references'       
7 4 'Structure model' 'Derived calculations'      
8 4 'Structure model' 'Structure summary'         
# 
loop_
_pdbx_audit_revision_category.ordinal 
_pdbx_audit_revision_category.revision_ordinal 
_pdbx_audit_revision_category.data_content_type 
_pdbx_audit_revision_category.category 
1 4 'Structure model' chem_comp_atom            
2 4 'Structure model' chem_comp_bond            
3 4 'Structure model' database_2                
4 4 'Structure model' pdbx_entry_details        
5 4 'Structure model' pdbx_modification_feature 
6 4 'Structure model' pdbx_struct_conn_angle    
7 4 'Structure model' struct_conn               
8 4 'Structure model' struct_ref_seq_dif        
9 4 'Structure model' struct_site               
# 
loop_
_pdbx_audit_revision_item.ordinal 
_pdbx_audit_revision_item.revision_ordinal 
_pdbx_audit_revision_item.data_content_type 
_pdbx_audit_revision_item.item 
1  4 'Structure model' '_database_2.pdbx_DOI'                        
2  4 'Structure model' '_database_2.pdbx_database_accession'         
3  4 'Structure model' '_pdbx_struct_conn_angle.ptnr1_auth_comp_id'  
4  4 'Structure model' '_pdbx_struct_conn_angle.ptnr1_auth_seq_id'   
5  4 'Structure model' '_pdbx_struct_conn_angle.ptnr1_label_asym_id' 
6  4 'Structure model' '_pdbx_struct_conn_angle.ptnr1_label_comp_id' 
7  4 'Structure model' '_pdbx_struct_conn_angle.ptnr1_label_seq_id'  
8  4 'Structure model' '_pdbx_struct_conn_angle.ptnr1_symmetry'      
9  4 'Structure model' '_pdbx_struct_conn_angle.ptnr3_auth_comp_id'  
10 4 'Structure model' '_pdbx_struct_conn_angle.ptnr3_auth_seq_id'   
11 4 'Structure model' '_pdbx_struct_conn_angle.ptnr3_label_asym_id' 
12 4 'Structure model' '_pdbx_struct_conn_angle.ptnr3_label_comp_id' 
13 4 'Structure model' '_pdbx_struct_conn_angle.ptnr3_label_seq_id'  
14 4 'Structure model' '_pdbx_struct_conn_angle.ptnr3_symmetry'      
15 4 'Structure model' '_pdbx_struct_conn_angle.value'               
16 4 'Structure model' '_struct_conn.pdbx_dist_value'                
17 4 'Structure model' '_struct_conn.pdbx_leaving_atom_flag'         
18 4 'Structure model' '_struct_conn.ptnr1_auth_comp_id'             
19 4 'Structure model' '_struct_conn.ptnr1_auth_seq_id'              
20 4 'Structure model' '_struct_conn.ptnr1_label_asym_id'            
21 4 'Structure model' '_struct_conn.ptnr1_label_atom_id'            
22 4 'Structure model' '_struct_conn.ptnr1_label_comp_id'            
23 4 'Structure model' '_struct_conn.ptnr1_label_seq_id'             
24 4 'Structure model' '_struct_conn.ptnr1_symmetry'                 
25 4 'Structure model' '_struct_conn.ptnr2_auth_comp_id'             
26 4 'Structure model' '_struct_conn.ptnr2_auth_seq_id'              
27 4 'Structure model' '_struct_conn.ptnr2_label_asym_id'            
28 4 'Structure model' '_struct_conn.ptnr2_label_atom_id'            
29 4 'Structure model' '_struct_conn.ptnr2_label_comp_id'            
30 4 'Structure model' '_struct_conn.ptnr2_label_seq_id'             
31 4 'Structure model' '_struct_conn.ptnr2_symmetry'                 
32 4 'Structure model' '_struct_ref_seq_dif.details'                 
33 4 'Structure model' '_struct_site.pdbx_auth_asym_id'              
34 4 'Structure model' '_struct_site.pdbx_auth_comp_id'              
35 4 'Structure model' '_struct_site.pdbx_auth_seq_id'               
# 
_pdbx_database_status.status_code                     REL 
_pdbx_database_status.entry_id                        2HHG 
_pdbx_database_status.recvd_initial_deposition_date   2006-06-28 
_pdbx_database_status.deposit_site                    RCSB 
_pdbx_database_status.process_site                    RCSB 
_pdbx_database_status.status_code_sf                  REL 
_pdbx_database_status.status_code_mr                  ? 
_pdbx_database_status.SG_entry                        Y 
_pdbx_database_status.status_code_cs                  ? 
_pdbx_database_status.pdb_format_compatible           Y 
_pdbx_database_status.status_code_nmr_data            ? 
_pdbx_database_status.methods_development_category    ? 
# 
_pdbx_database_related.db_name        TargetDB 
_pdbx_database_related.db_id          APC6234 
_pdbx_database_related.details        . 
_pdbx_database_related.content_type   unspecified 
# 
loop_
_audit_author.name 
_audit_author.pdbx_ordinal 
'Binkowski, T.A.'                               1 
'Evdokimova, E.'                                2 
'Savchenko, A.'                                 3 
'Edwards, A.'                                   4 
'Joachimiak, A.'                                5 
'Midwest Center for Structural Genomics (MCSG)' 6 
# 
_citation.id                        primary 
_citation.title                     'Hypothetical protein RPA3614 from Rhodopseudomonas palustris CGA009' 
_citation.journal_abbrev            'To be published' 
_citation.journal_volume            ? 
_citation.page_first                ? 
_citation.page_last                 ? 
_citation.year                      ? 
_citation.journal_id_ASTM           ? 
_citation.country                   ? 
_citation.journal_id_ISSN           ? 
_citation.journal_id_CSD            0353 
_citation.book_publisher            ? 
_citation.pdbx_database_id_PubMed   ? 
_citation.pdbx_database_id_DOI      ? 
# 
loop_
_citation_author.citation_id 
_citation_author.name 
_citation_author.ordinal 
_citation_author.identifier_ORCID 
primary 'Binkowski, T.A.' 1 ? 
primary 'Evdokimova, E.'  2 ? 
primary 'Savchenko, A.'   3 ? 
primary 'Edwards, A.'     4 ? 
primary 'Joachimiak, A.'  5 ? 
# 
loop_
_entity.id 
_entity.type 
_entity.src_method 
_entity.pdbx_description 
_entity.formula_weight 
_entity.pdbx_number_of_molecules 
_entity.pdbx_ec 
_entity.pdbx_mutation 
_entity.pdbx_fragment 
_entity.details 
1 polymer     man 'Hypothetical protein RPA3614' 15243.805 1   ? ? ? ? 
2 non-polymer syn 'PHOSPHATE ION'                94.971    1   ? ? ? ? 
3 non-polymer syn 'SODIUM ION'                   22.990    1   ? ? ? ? 
4 water       nat water                          18.015    168 ? ? ? ? 
# 
_entity_poly.entity_id                      1 
_entity_poly.type                           'polypeptide(L)' 
_entity_poly.nstd_linkage                   no 
_entity_poly.nstd_monomer                   yes 
_entity_poly.pdbx_seq_one_letter_code       
;G(MSE)PQTITRGIKA(MSE)LDEANSSIETLTTADAIALHKSGASDVVIVDIRDPREIERDGKIPGSFSCTRG(MSE)L
EFWIDPQSPYAKPIFQEDKKFVFYCAGGLRSALAAKTAQD(MSE)GLKPVAHIEGGFGAWRDAGGPIEAWAPKKK
;
_entity_poly.pdbx_seq_one_letter_code_can   
;GMPQTITRGIKAMLDEANSSIETLTTADAIALHKSGASDVVIVDIRDPREIERDGKIPGSFSCTRGMLEFWIDPQSPYAK
PIFQEDKKFVFYCAGGLRSALAAKTAQDMGLKPVAHIEGGFGAWRDAGGPIEAWAPKKK
;
_entity_poly.pdbx_strand_id                 A 
_entity_poly.pdbx_target_identifier         APC6234 
# 
loop_
_pdbx_entity_nonpoly.entity_id 
_pdbx_entity_nonpoly.name 
_pdbx_entity_nonpoly.comp_id 
2 'PHOSPHATE ION' PO4 
3 'SODIUM ION'    NA  
4 water           HOH 
# 
loop_
_entity_poly_seq.entity_id 
_entity_poly_seq.num 
_entity_poly_seq.mon_id 
_entity_poly_seq.hetero 
1 1   GLY n 
1 2   MSE n 
1 3   PRO n 
1 4   GLN n 
1 5   THR n 
1 6   ILE n 
1 7   THR n 
1 8   ARG n 
1 9   GLY n 
1 10  ILE n 
1 11  LYS n 
1 12  ALA n 
1 13  MSE n 
1 14  LEU n 
1 15  ASP n 
1 16  GLU n 
1 17  ALA n 
1 18  ASN n 
1 19  SER n 
1 20  SER n 
1 21  ILE n 
1 22  GLU n 
1 23  THR n 
1 24  LEU n 
1 25  THR n 
1 26  THR n 
1 27  ALA n 
1 28  ASP n 
1 29  ALA n 
1 30  ILE n 
1 31  ALA n 
1 32  LEU n 
1 33  HIS n 
1 34  LYS n 
1 35  SER n 
1 36  GLY n 
1 37  ALA n 
1 38  SER n 
1 39  ASP n 
1 40  VAL n 
1 41  VAL n 
1 42  ILE n 
1 43  VAL n 
1 44  ASP n 
1 45  ILE n 
1 46  ARG n 
1 47  ASP n 
1 48  PRO n 
1 49  ARG n 
1 50  GLU n 
1 51  ILE n 
1 52  GLU n 
1 53  ARG n 
1 54  ASP n 
1 55  GLY n 
1 56  LYS n 
1 57  ILE n 
1 58  PRO n 
1 59  GLY n 
1 60  SER n 
1 61  PHE n 
1 62  SER n 
1 63  CYS n 
1 64  THR n 
1 65  ARG n 
1 66  GLY n 
1 67  MSE n 
1 68  LEU n 
1 69  GLU n 
1 70  PHE n 
1 71  TRP n 
1 72  ILE n 
1 73  ASP n 
1 74  PRO n 
1 75  GLN n 
1 76  SER n 
1 77  PRO n 
1 78  TYR n 
1 79  ALA n 
1 80  LYS n 
1 81  PRO n 
1 82  ILE n 
1 83  PHE n 
1 84  GLN n 
1 85  GLU n 
1 86  ASP n 
1 87  LYS n 
1 88  LYS n 
1 89  PHE n 
1 90  VAL n 
1 91  PHE n 
1 92  TYR n 
1 93  CYS n 
1 94  ALA n 
1 95  GLY n 
1 96  GLY n 
1 97  LEU n 
1 98  ARG n 
1 99  SER n 
1 100 ALA n 
1 101 LEU n 
1 102 ALA n 
1 103 ALA n 
1 104 LYS n 
1 105 THR n 
1 106 ALA n 
1 107 GLN n 
1 108 ASP n 
1 109 MSE n 
1 110 GLY n 
1 111 LEU n 
1 112 LYS n 
1 113 PRO n 
1 114 VAL n 
1 115 ALA n 
1 116 HIS n 
1 117 ILE n 
1 118 GLU n 
1 119 GLY n 
1 120 GLY n 
1 121 PHE n 
1 122 GLY n 
1 123 ALA n 
1 124 TRP n 
1 125 ARG n 
1 126 ASP n 
1 127 ALA n 
1 128 GLY n 
1 129 GLY n 
1 130 PRO n 
1 131 ILE n 
1 132 GLU n 
1 133 ALA n 
1 134 TRP n 
1 135 ALA n 
1 136 PRO n 
1 137 LYS n 
1 138 LYS n 
1 139 LYS n 
# 
_entity_src_gen.entity_id                          1 
_entity_src_gen.pdbx_src_id                        1 
_entity_src_gen.pdbx_alt_source_flag               sample 
_entity_src_gen.pdbx_seq_type                      ? 
_entity_src_gen.pdbx_beg_seq_num                   ? 
_entity_src_gen.pdbx_end_seq_num                   ? 
_entity_src_gen.gene_src_common_name               ? 
_entity_src_gen.gene_src_genus                     Rhodopseudomonas 
_entity_src_gen.pdbx_gene_src_gene                 RPA3614 
_entity_src_gen.gene_src_species                   'Rhodopseudomonas palustris' 
_entity_src_gen.gene_src_strain                    CGA009 
_entity_src_gen.gene_src_tissue                    ? 
_entity_src_gen.gene_src_tissue_fraction           ? 
_entity_src_gen.gene_src_details                   ? 
_entity_src_gen.pdbx_gene_src_fragment             ? 
_entity_src_gen.pdbx_gene_src_scientific_name      'Rhodopseudomonas palustris' 
_entity_src_gen.pdbx_gene_src_ncbi_taxonomy_id     258594 
_entity_src_gen.pdbx_gene_src_variant              ? 
_entity_src_gen.pdbx_gene_src_cell_line            ? 
_entity_src_gen.pdbx_gene_src_atcc                 ? 
_entity_src_gen.pdbx_gene_src_organ                ? 
_entity_src_gen.pdbx_gene_src_organelle            ? 
_entity_src_gen.pdbx_gene_src_cell                 ? 
_entity_src_gen.pdbx_gene_src_cellular_location    ? 
_entity_src_gen.host_org_common_name               ? 
_entity_src_gen.pdbx_host_org_scientific_name      'Escherichia coli' 
_entity_src_gen.pdbx_host_org_ncbi_taxonomy_id     562 
_entity_src_gen.host_org_genus                     Escherichia 
_entity_src_gen.pdbx_host_org_gene                 ? 
_entity_src_gen.pdbx_host_org_organ                ? 
_entity_src_gen.host_org_species                   ? 
_entity_src_gen.pdbx_host_org_tissue               ? 
_entity_src_gen.pdbx_host_org_tissue_fraction      ? 
_entity_src_gen.pdbx_host_org_strain               ? 
_entity_src_gen.pdbx_host_org_variant              ? 
_entity_src_gen.pdbx_host_org_cell_line            ? 
_entity_src_gen.pdbx_host_org_atcc                 ? 
_entity_src_gen.pdbx_host_org_culture_collection   ? 
_entity_src_gen.pdbx_host_org_cell                 ? 
_entity_src_gen.pdbx_host_org_organelle            ? 
_entity_src_gen.pdbx_host_org_cellular_location    ? 
_entity_src_gen.pdbx_host_org_vector_type          ? 
_entity_src_gen.pdbx_host_org_vector               ? 
_entity_src_gen.host_org_details                   ? 
_entity_src_gen.expression_system_id               ? 
_entity_src_gen.plasmid_name                       ? 
_entity_src_gen.plasmid_details                    ? 
_entity_src_gen.pdbx_description                   ? 
# 
loop_
_chem_comp.id 
_chem_comp.type 
_chem_comp.mon_nstd_flag 
_chem_comp.name 
_chem_comp.pdbx_synonyms 
_chem_comp.formula 
_chem_comp.formula_weight 
ALA 'L-peptide linking' y ALANINE          ? 'C3 H7 N O2'     89.093  
ARG 'L-peptide linking' y ARGININE         ? 'C6 H15 N4 O2 1' 175.209 
ASN 'L-peptide linking' y ASPARAGINE       ? 'C4 H8 N2 O3'    132.118 
ASP 'L-peptide linking' y 'ASPARTIC ACID'  ? 'C4 H7 N O4'     133.103 
CYS 'L-peptide linking' y CYSTEINE         ? 'C3 H7 N O2 S'   121.158 
GLN 'L-peptide linking' y GLUTAMINE        ? 'C5 H10 N2 O3'   146.144 
GLU 'L-peptide linking' y 'GLUTAMIC ACID'  ? 'C5 H9 N O4'     147.129 
GLY 'peptide linking'   y GLYCINE          ? 'C2 H5 N O2'     75.067  
HIS 'L-peptide linking' y HISTIDINE        ? 'C6 H10 N3 O2 1' 156.162 
HOH non-polymer         . WATER            ? 'H2 O'           18.015  
ILE 'L-peptide linking' y ISOLEUCINE       ? 'C6 H13 N O2'    131.173 
LEU 'L-peptide linking' y LEUCINE          ? 'C6 H13 N O2'    131.173 
LYS 'L-peptide linking' y LYSINE           ? 'C6 H15 N2 O2 1' 147.195 
MET 'L-peptide linking' y METHIONINE       ? 'C5 H11 N O2 S'  149.211 
MSE 'L-peptide linking' n SELENOMETHIONINE ? 'C5 H11 N O2 Se' 196.106 
NA  non-polymer         . 'SODIUM ION'     ? 'Na 1'           22.990  
PHE 'L-peptide linking' y PHENYLALANINE    ? 'C9 H11 N O2'    165.189 
PO4 non-polymer         . 'PHOSPHATE ION'  ? 'O4 P -3'        94.971  
PRO 'L-peptide linking' y PROLINE          ? 'C5 H9 N O2'     115.130 
SER 'L-peptide linking' y SERINE           ? 'C3 H7 N O3'     105.093 
THR 'L-peptide linking' y THREONINE        ? 'C4 H9 N O3'     119.119 
TRP 'L-peptide linking' y TRYPTOPHAN       ? 'C11 H12 N2 O2'  204.225 
TYR 'L-peptide linking' y TYROSINE         ? 'C9 H11 N O3'    181.189 
VAL 'L-peptide linking' y VALINE           ? 'C5 H11 N O2'    117.146 
# 
loop_
_pdbx_poly_seq_scheme.asym_id 
_pdbx_poly_seq_scheme.entity_id 
_pdbx_poly_seq_scheme.seq_id 
_pdbx_poly_seq_scheme.mon_id 
_pdbx_poly_seq_scheme.ndb_seq_num 
_pdbx_poly_seq_scheme.pdb_seq_num 
_pdbx_poly_seq_scheme.auth_seq_num 
_pdbx_poly_seq_scheme.pdb_mon_id 
_pdbx_poly_seq_scheme.auth_mon_id 
_pdbx_poly_seq_scheme.pdb_strand_id 
_pdbx_poly_seq_scheme.pdb_ins_code 
_pdbx_poly_seq_scheme.hetero 
A 1 1   GLY 1   0   0   GLY GLY A . n 
A 1 2   MSE 2   1   1   MSE MSE A . n 
A 1 3   PRO 3   2   2   PRO PRO A . n 
A 1 4   GLN 4   3   3   GLN GLN A . n 
A 1 5   THR 5   4   4   THR THR A . n 
A 1 6   ILE 6   5   5   ILE ILE A . n 
A 1 7   THR 7   6   6   THR THR A . n 
A 1 8   ARG 8   7   7   ARG ARG A . n 
A 1 9   GLY 9   8   8   GLY GLY A . n 
A 1 10  ILE 10  9   9   ILE ILE A . n 
A 1 11  LYS 11  10  10  LYS LYS A . n 
A 1 12  ALA 12  11  11  ALA ALA A . n 
A 1 13  MSE 13  12  12  MSE MSE A . n 
A 1 14  LEU 14  13  13  LEU LEU A . n 
A 1 15  ASP 15  14  14  ASP ASP A . n 
A 1 16  GLU 16  15  15  GLU GLU A . n 
A 1 17  ALA 17  16  16  ALA ALA A . n 
A 1 18  ASN 18  17  17  ASN ASN A . n 
A 1 19  SER 19  18  18  SER SER A . n 
A 1 20  SER 20  19  19  SER SER A . n 
A 1 21  ILE 21  20  20  ILE ILE A . n 
A 1 22  GLU 22  21  21  GLU GLU A . n 
A 1 23  THR 23  22  22  THR THR A . n 
A 1 24  LEU 24  23  23  LEU LEU A . n 
A 1 25  THR 25  24  24  THR THR A . n 
A 1 26  THR 26  25  25  THR THR A . n 
A 1 27  ALA 27  26  26  ALA ALA A . n 
A 1 28  ASP 28  27  27  ASP ASP A . n 
A 1 29  ALA 29  28  28  ALA ALA A . n 
A 1 30  ILE 30  29  29  ILE ILE A . n 
A 1 31  ALA 31  30  30  ALA ALA A . n 
A 1 32  LEU 32  31  31  LEU LEU A . n 
A 1 33  HIS 33  32  32  HIS HIS A . n 
A 1 34  LYS 34  33  33  LYS LYS A . n 
A 1 35  SER 35  34  34  SER SER A . n 
A 1 36  GLY 36  35  35  GLY GLY A . n 
A 1 37  ALA 37  36  36  ALA ALA A . n 
A 1 38  SER 38  37  37  SER SER A . n 
A 1 39  ASP 39  38  38  ASP ASP A . n 
A 1 40  VAL 40  39  39  VAL VAL A . n 
A 1 41  VAL 41  40  40  VAL VAL A . n 
A 1 42  ILE 42  41  41  ILE ILE A . n 
A 1 43  VAL 43  42  42  VAL VAL A . n 
A 1 44  ASP 44  43  43  ASP ASP A . n 
A 1 45  ILE 45  44  44  ILE ILE A . n 
A 1 46  ARG 46  45  45  ARG ARG A . n 
A 1 47  ASP 47  46  46  ASP ASP A . n 
A 1 48  PRO 48  47  47  PRO PRO A . n 
A 1 49  ARG 49  48  48  ARG ARG A . n 
A 1 50  GLU 50  49  49  GLU GLU A . n 
A 1 51  ILE 51  50  50  ILE ILE A . n 
A 1 52  GLU 52  51  51  GLU GLU A . n 
A 1 53  ARG 53  52  52  ARG ARG A . n 
A 1 54  ASP 54  53  53  ASP ASP A . n 
A 1 55  GLY 55  54  54  GLY GLY A . n 
A 1 56  LYS 56  55  55  LYS LYS A . n 
A 1 57  ILE 57  56  56  ILE ILE A . n 
A 1 58  PRO 58  57  57  PRO PRO A . n 
A 1 59  GLY 59  58  58  GLY GLY A . n 
A 1 60  SER 60  59  59  SER SER A . n 
A 1 61  PHE 61  60  60  PHE PHE A . n 
A 1 62  SER 62  61  61  SER SER A . n 
A 1 63  CYS 63  62  62  CYS CYS A . n 
A 1 64  THR 64  63  63  THR THR A . n 
A 1 65  ARG 65  64  64  ARG ARG A . n 
A 1 66  GLY 66  65  65  GLY GLY A . n 
A 1 67  MSE 67  66  66  MSE MSE A . n 
A 1 68  LEU 68  67  67  LEU LEU A . n 
A 1 69  GLU 69  68  68  GLU GLU A . n 
A 1 70  PHE 70  69  69  PHE PHE A . n 
A 1 71  TRP 71  70  70  TRP TRP A . n 
A 1 72  ILE 72  71  71  ILE ILE A . n 
A 1 73  ASP 73  72  72  ASP ASP A . n 
A 1 74  PRO 74  73  73  PRO PRO A . n 
A 1 75  GLN 75  74  74  GLN GLN A . n 
A 1 76  SER 76  75  75  SER SER A . n 
A 1 77  PRO 77  76  76  PRO PRO A . n 
A 1 78  TYR 78  77  77  TYR TYR A . n 
A 1 79  ALA 79  78  78  ALA ALA A . n 
A 1 80  LYS 80  79  79  LYS LYS A . n 
A 1 81  PRO 81  80  80  PRO PRO A . n 
A 1 82  ILE 82  81  81  ILE ILE A . n 
A 1 83  PHE 83  82  82  PHE PHE A . n 
A 1 84  GLN 84  83  83  GLN GLN A . n 
A 1 85  GLU 85  84  84  GLU GLU A . n 
A 1 86  ASP 86  85  85  ASP ASP A . n 
A 1 87  LYS 87  86  86  LYS LYS A . n 
A 1 88  LYS 88  87  87  LYS LYS A . n 
A 1 89  PHE 89  88  88  PHE PHE A . n 
A 1 90  VAL 90  89  89  VAL VAL A . n 
A 1 91  PHE 91  90  90  PHE PHE A . n 
A 1 92  TYR 92  91  91  TYR TYR A . n 
A 1 93  CYS 93  92  92  CYS CYS A . n 
A 1 94  ALA 94  93  93  ALA ALA A . n 
A 1 95  GLY 95  94  94  GLY GLY A . n 
A 1 96  GLY 96  95  95  GLY GLY A . n 
A 1 97  LEU 97  96  96  LEU LEU A . n 
A 1 98  ARG 98  97  97  ARG ARG A . n 
A 1 99  SER 99  98  98  SER SER A . n 
A 1 100 ALA 100 99  99  ALA ALA A . n 
A 1 101 LEU 101 100 100 LEU LEU A . n 
A 1 102 ALA 102 101 101 ALA ALA A . n 
A 1 103 ALA 103 102 102 ALA ALA A . n 
A 1 104 LYS 104 103 103 LYS LYS A . n 
A 1 105 THR 105 104 104 THR THR A . n 
A 1 106 ALA 106 105 105 ALA ALA A . n 
A 1 107 GLN 107 106 106 GLN GLN A . n 
A 1 108 ASP 108 107 107 ASP ASP A . n 
A 1 109 MSE 109 108 108 MSE MSE A . n 
A 1 110 GLY 110 109 109 GLY GLY A . n 
A 1 111 LEU 111 110 110 LEU LEU A . n 
A 1 112 LYS 112 111 111 LYS LYS A . n 
A 1 113 PRO 113 112 112 PRO PRO A . n 
A 1 114 VAL 114 113 113 VAL VAL A . n 
A 1 115 ALA 115 114 114 ALA ALA A . n 
A 1 116 HIS 116 115 115 HIS HIS A . n 
A 1 117 ILE 117 116 116 ILE ILE A . n 
A 1 118 GLU 118 117 117 GLU GLU A . n 
A 1 119 GLY 119 118 118 GLY GLY A . n 
A 1 120 GLY 120 119 119 GLY GLY A . n 
A 1 121 PHE 121 120 120 PHE PHE A . n 
A 1 122 GLY 122 121 121 GLY GLY A . n 
A 1 123 ALA 123 122 122 ALA ALA A . n 
A 1 124 TRP 124 123 123 TRP TRP A . n 
A 1 125 ARG 125 124 124 ARG ARG A . n 
A 1 126 ASP 126 125 125 ASP ASP A . n 
A 1 127 ALA 127 126 126 ALA ALA A . n 
A 1 128 GLY 128 127 127 GLY GLY A . n 
A 1 129 GLY 129 128 128 GLY GLY A . n 
A 1 130 PRO 130 129 129 PRO PRO A . n 
A 1 131 ILE 131 130 130 ILE ILE A . n 
A 1 132 GLU 132 131 131 GLU GLU A . n 
A 1 133 ALA 133 132 ?   ?   ?   A . n 
A 1 134 TRP 134 133 ?   ?   ?   A . n 
A 1 135 ALA 135 134 ?   ?   ?   A . n 
A 1 136 PRO 136 135 ?   ?   ?   A . n 
A 1 137 LYS 137 136 ?   ?   ?   A . n 
A 1 138 LYS 138 137 ?   ?   ?   A . n 
A 1 139 LYS 139 138 ?   ?   ?   A . n 
# 
loop_
_pdbx_nonpoly_scheme.asym_id 
_pdbx_nonpoly_scheme.entity_id 
_pdbx_nonpoly_scheme.mon_id 
_pdbx_nonpoly_scheme.ndb_seq_num 
_pdbx_nonpoly_scheme.pdb_seq_num 
_pdbx_nonpoly_scheme.auth_seq_num 
_pdbx_nonpoly_scheme.pdb_mon_id 
_pdbx_nonpoly_scheme.auth_mon_id 
_pdbx_nonpoly_scheme.pdb_strand_id 
_pdbx_nonpoly_scheme.pdb_ins_code 
B 2 PO4 1   4285 4285 PO4 PO4 A . 
C 3 NA  1   4286 1    NA  NA  A . 
D 4 HOH 1   4287 2    HOH HOH A . 
D 4 HOH 2   4288 3    HOH HOH A . 
D 4 HOH 3   4289 4    HOH HOH A . 
D 4 HOH 4   4290 5    HOH HOH A . 
D 4 HOH 5   4291 6    HOH HOH A . 
D 4 HOH 6   4292 7    HOH HOH A . 
D 4 HOH 7   4293 9    HOH HOH A . 
D 4 HOH 8   4294 11   HOH HOH A . 
D 4 HOH 9   4295 12   HOH HOH A . 
D 4 HOH 10  4296 13   HOH HOH A . 
D 4 HOH 11  4297 14   HOH HOH A . 
D 4 HOH 12  4298 15   HOH HOH A . 
D 4 HOH 13  4299 16   HOH HOH A . 
D 4 HOH 14  4300 17   HOH HOH A . 
D 4 HOH 15  4301 19   HOH HOH A . 
D 4 HOH 16  4302 20   HOH HOH A . 
D 4 HOH 17  4303 21   HOH HOH A . 
D 4 HOH 18  4304 22   HOH HOH A . 
D 4 HOH 19  4305 23   HOH HOH A . 
D 4 HOH 20  4306 24   HOH HOH A . 
D 4 HOH 21  4307 26   HOH HOH A . 
D 4 HOH 22  4308 27   HOH HOH A . 
D 4 HOH 23  4309 28   HOH HOH A . 
D 4 HOH 24  4310 30   HOH HOH A . 
D 4 HOH 25  4311 32   HOH HOH A . 
D 4 HOH 26  4312 33   HOH HOH A . 
D 4 HOH 27  4313 34   HOH HOH A . 
D 4 HOH 28  4314 35   HOH HOH A . 
D 4 HOH 29  4315 36   HOH HOH A . 
D 4 HOH 30  4316 37   HOH HOH A . 
D 4 HOH 31  4317 38   HOH HOH A . 
D 4 HOH 32  4318 39   HOH HOH A . 
D 4 HOH 33  4319 40   HOH HOH A . 
D 4 HOH 34  4320 41   HOH HOH A . 
D 4 HOH 35  4321 42   HOH HOH A . 
D 4 HOH 36  4322 44   HOH HOH A . 
D 4 HOH 37  4323 45   HOH HOH A . 
D 4 HOH 38  4324 46   HOH HOH A . 
D 4 HOH 39  4325 47   HOH HOH A . 
D 4 HOH 40  4326 48   HOH HOH A . 
D 4 HOH 41  4327 50   HOH HOH A . 
D 4 HOH 42  4328 51   HOH HOH A . 
D 4 HOH 43  4329 52   HOH HOH A . 
D 4 HOH 44  4330 53   HOH HOH A . 
D 4 HOH 45  4331 54   HOH HOH A . 
D 4 HOH 46  4332 55   HOH HOH A . 
D 4 HOH 47  4333 56   HOH HOH A . 
D 4 HOH 48  4334 57   HOH HOH A . 
D 4 HOH 49  4335 58   HOH HOH A . 
D 4 HOH 50  4336 59   HOH HOH A . 
D 4 HOH 51  4337 61   HOH HOH A . 
D 4 HOH 52  4338 62   HOH HOH A . 
D 4 HOH 53  4339 63   HOH HOH A . 
D 4 HOH 54  4340 64   HOH HOH A . 
D 4 HOH 55  4341 65   HOH HOH A . 
D 4 HOH 56  4342 66   HOH HOH A . 
D 4 HOH 57  4343 67   HOH HOH A . 
D 4 HOH 58  4344 68   HOH HOH A . 
D 4 HOH 59  4345 69   HOH HOH A . 
D 4 HOH 60  4346 70   HOH HOH A . 
D 4 HOH 61  4347 71   HOH HOH A . 
D 4 HOH 62  4348 72   HOH HOH A . 
D 4 HOH 63  4349 73   HOH HOH A . 
D 4 HOH 64  4350 74   HOH HOH A . 
D 4 HOH 65  4351 76   HOH HOH A . 
D 4 HOH 66  4352 77   HOH HOH A . 
D 4 HOH 67  4353 78   HOH HOH A . 
D 4 HOH 68  4354 79   HOH HOH A . 
D 4 HOH 69  4355 81   HOH HOH A . 
D 4 HOH 70  4356 82   HOH HOH A . 
D 4 HOH 71  4357 83   HOH HOH A . 
D 4 HOH 72  4358 84   HOH HOH A . 
D 4 HOH 73  4359 85   HOH HOH A . 
D 4 HOH 74  4360 86   HOH HOH A . 
D 4 HOH 75  4361 87   HOH HOH A . 
D 4 HOH 76  4362 88   HOH HOH A . 
D 4 HOH 77  4363 89   HOH HOH A . 
D 4 HOH 78  4364 90   HOH HOH A . 
D 4 HOH 79  4365 91   HOH HOH A . 
D 4 HOH 80  4366 92   HOH HOH A . 
D 4 HOH 81  4367 93   HOH HOH A . 
D 4 HOH 82  4368 94   HOH HOH A . 
D 4 HOH 83  4369 95   HOH HOH A . 
D 4 HOH 84  4370 96   HOH HOH A . 
D 4 HOH 85  4371 97   HOH HOH A . 
D 4 HOH 86  4372 98   HOH HOH A . 
D 4 HOH 87  4373 99   HOH HOH A . 
D 4 HOH 88  4374 100  HOH HOH A . 
D 4 HOH 89  4375 101  HOH HOH A . 
D 4 HOH 90  4376 102  HOH HOH A . 
D 4 HOH 91  4377 103  HOH HOH A . 
D 4 HOH 92  4378 104  HOH HOH A . 
D 4 HOH 93  4379 105  HOH HOH A . 
D 4 HOH 94  4380 106  HOH HOH A . 
D 4 HOH 95  4381 107  HOH HOH A . 
D 4 HOH 96  4382 109  HOH HOH A . 
D 4 HOH 97  4383 110  HOH HOH A . 
D 4 HOH 98  4384 111  HOH HOH A . 
D 4 HOH 99  4385 112  HOH HOH A . 
D 4 HOH 100 4386 113  HOH HOH A . 
D 4 HOH 101 4387 114  HOH HOH A . 
D 4 HOH 102 4388 115  HOH HOH A . 
D 4 HOH 103 4389 117  HOH HOH A . 
D 4 HOH 104 4390 120  HOH HOH A . 
D 4 HOH 105 4391 121  HOH HOH A . 
D 4 HOH 106 4392 122  HOH HOH A . 
D 4 HOH 107 4393 123  HOH HOH A . 
D 4 HOH 108 4394 124  HOH HOH A . 
D 4 HOH 109 4395 125  HOH HOH A . 
D 4 HOH 110 4396 126  HOH HOH A . 
D 4 HOH 111 4397 127  HOH HOH A . 
D 4 HOH 112 4398 128  HOH HOH A . 
D 4 HOH 113 4399 129  HOH HOH A . 
D 4 HOH 114 4400 130  HOH HOH A . 
D 4 HOH 115 4401 131  HOH HOH A . 
D 4 HOH 116 4402 132  HOH HOH A . 
D 4 HOH 117 4403 133  HOH HOH A . 
D 4 HOH 118 4404 134  HOH HOH A . 
D 4 HOH 119 4405 135  HOH HOH A . 
D 4 HOH 120 4406 137  HOH HOH A . 
D 4 HOH 121 4407 138  HOH HOH A . 
D 4 HOH 122 4408 140  HOH HOH A . 
D 4 HOH 123 4409 141  HOH HOH A . 
D 4 HOH 124 4410 142  HOH HOH A . 
D 4 HOH 125 4411 144  HOH HOH A . 
D 4 HOH 126 4412 146  HOH HOH A . 
D 4 HOH 127 4413 147  HOH HOH A . 
D 4 HOH 128 4414 148  HOH HOH A . 
D 4 HOH 129 4415 149  HOH HOH A . 
D 4 HOH 130 4416 151  HOH HOH A . 
D 4 HOH 131 4417 152  HOH HOH A . 
D 4 HOH 132 4418 153  HOH HOH A . 
D 4 HOH 133 4419 154  HOH HOH A . 
D 4 HOH 134 4420 155  HOH HOH A . 
D 4 HOH 135 4421 156  HOH HOH A . 
D 4 HOH 136 4422 157  HOH HOH A . 
D 4 HOH 137 4423 158  HOH HOH A . 
D 4 HOH 138 4424 159  HOH HOH A . 
D 4 HOH 139 4425 163  HOH HOH A . 
D 4 HOH 140 4426 164  HOH HOH A . 
D 4 HOH 141 4427 167  HOH HOH A . 
D 4 HOH 142 4428 169  HOH HOH A . 
D 4 HOH 143 4429 170  HOH HOH A . 
D 4 HOH 144 4430 173  HOH HOH A . 
D 4 HOH 145 4431 174  HOH HOH A . 
D 4 HOH 146 4432 175  HOH HOH A . 
D 4 HOH 147 4433 176  HOH HOH A . 
D 4 HOH 148 4434 178  HOH HOH A . 
D 4 HOH 149 4435 179  HOH HOH A . 
D 4 HOH 150 4436 180  HOH HOH A . 
D 4 HOH 151 4437 181  HOH HOH A . 
D 4 HOH 152 4438 189  HOH HOH A . 
D 4 HOH 153 4439 190  HOH HOH A . 
D 4 HOH 154 4440 191  HOH HOH A . 
D 4 HOH 155 4441 193  HOH HOH A . 
D 4 HOH 156 4442 194  HOH HOH A . 
D 4 HOH 157 4443 197  HOH HOH A . 
D 4 HOH 158 4444 198  HOH HOH A . 
D 4 HOH 159 4445 199  HOH HOH A . 
D 4 HOH 160 4446 200  HOH HOH A . 
D 4 HOH 161 4447 201  HOH HOH A . 
D 4 HOH 162 4448 202  HOH HOH A . 
D 4 HOH 163 4449 203  HOH HOH A . 
D 4 HOH 164 4450 204  HOH HOH A . 
D 4 HOH 165 4451 205  HOH HOH A . 
D 4 HOH 166 4452 207  HOH HOH A . 
D 4 HOH 167 4453 208  HOH HOH A . 
D 4 HOH 168 4454 209  HOH HOH A . 
# 
loop_
_software.name 
_software.classification 
_software.version 
_software.citation_id 
_software.pdbx_ordinal 
REFMAC   refinement       5.2.0019 ? 1 
HKL-3000 phasing          .        ? 2 
SHELXE   'model building' .        ? 3 
SOLVE    phasing          .        ? 4 
RESOLVE  phasing          .        ? 5 
ARP/wARP 'model building' .        ? 6 
# 
_cell.entry_id           2HHG 
_cell.length_a           66.118 
_cell.length_b           42.505 
_cell.length_c           42.251 
_cell.angle_alpha        90.00 
_cell.angle_beta         105.19 
_cell.angle_gamma        90.00 
_cell.Z_PDB              4 
_cell.pdbx_unique_axis   ? 
_cell.length_a_esd       ? 
_cell.length_b_esd       ? 
_cell.length_c_esd       ? 
_cell.angle_alpha_esd    ? 
_cell.angle_beta_esd     ? 
_cell.angle_gamma_esd    ? 
# 
_symmetry.entry_id                         2HHG 
_symmetry.space_group_name_H-M             'C 1 2 1' 
_symmetry.pdbx_full_space_group_name_H-M   ? 
_symmetry.cell_setting                     ? 
_symmetry.Int_Tables_number                5 
_symmetry.space_group_name_Hall            ? 
# 
_exptl.entry_id          2HHG 
_exptl.method            'X-RAY DIFFRACTION' 
_exptl.crystals_number   1 
# 
_exptl_crystal.id                    1 
_exptl_crystal.density_meas          ? 
_exptl_crystal.density_Matthews      1.88 
_exptl_crystal.density_percent_sol   34.51 
_exptl_crystal.description           ? 
_exptl_crystal.F_000                 ? 
_exptl_crystal.preparation           ? 
# 
_exptl_crystal_grow.crystal_id      1 
_exptl_crystal_grow.method          'VAPOR DIFFUSION, SITTING DROP' 
_exptl_crystal_grow.temp            298 
_exptl_crystal_grow.temp_details    ? 
_exptl_crystal_grow.pH              7.5 
_exptl_crystal_grow.pdbx_details    '1.4M Na Citrate, 0.1M HEPES, pH 7.5, VAPOR DIFFUSION, SITTING DROP, temperature 298K' 
_exptl_crystal_grow.pdbx_pH_range   . 
# 
_diffrn.id                     1 
_diffrn.ambient_temp           150 
_diffrn.ambient_temp_details   ? 
_diffrn.crystal_id             1 
# 
_diffrn_detector.diffrn_id              1 
_diffrn_detector.detector               CCD 
_diffrn_detector.type                   SBC-2 
_diffrn_detector.pdbx_collection_date   2006-06-10 
_diffrn_detector.details                ? 
# 
_diffrn_radiation.diffrn_id                        1 
_diffrn_radiation.wavelength_id                    1 
_diffrn_radiation.pdbx_monochromatic_or_laue_m_l   M 
_diffrn_radiation.monochromator                    'Double Crystal' 
_diffrn_radiation.pdbx_diffrn_protocol             'SINGLE WAVELENGTH' 
_diffrn_radiation.pdbx_scattering_type             x-ray 
# 
_diffrn_radiation_wavelength.id           1 
_diffrn_radiation_wavelength.wavelength   0.97945 
_diffrn_radiation_wavelength.wt           1.0 
# 
_diffrn_source.diffrn_id                   1 
_diffrn_source.source                      SYNCHROTRON 
_diffrn_source.type                        'APS BEAMLINE 19-ID' 
_diffrn_source.pdbx_synchrotron_site       APS 
_diffrn_source.pdbx_synchrotron_beamline   19-ID 
_diffrn_source.pdbx_wavelength             ? 
_diffrn_source.pdbx_wavelength_list        0.97945 
# 
_reflns.entry_id                     2HHG 
_reflns.observed_criterion_sigma_F   2.0 
_reflns.observed_criterion_sigma_I   2.0 
_reflns.d_resolution_high            1.2 
_reflns.d_resolution_low             50.00 
_reflns.number_all                   33695 
_reflns.number_obs                   32294 
_reflns.percent_possible_obs         95.84 
_reflns.pdbx_Rmerge_I_obs            ? 
_reflns.pdbx_Rsym_value              ? 
_reflns.pdbx_netI_over_sigmaI        ? 
_reflns.B_iso_Wilson_estimate        ? 
_reflns.pdbx_redundancy              ? 
_reflns.R_free_details               ? 
_reflns.limit_h_max                  ? 
_reflns.limit_h_min                  ? 
_reflns.limit_k_max                  ? 
_reflns.limit_k_min                  ? 
_reflns.limit_l_max                  ? 
_reflns.limit_l_min                  ? 
_reflns.observed_criterion_F_max     ? 
_reflns.observed_criterion_F_min     ? 
_reflns.pdbx_chi_squared             ? 
_reflns.pdbx_scaling_rejects         ? 
_reflns.pdbx_ordinal                 1 
_reflns.pdbx_diffrn_id               1 
# 
_reflns_shell.d_res_high             1.20 
_reflns_shell.d_res_low              1.24 
_reflns_shell.percent_possible_all   28.2 
_reflns_shell.Rmerge_I_obs           ? 
_reflns_shell.pdbx_Rsym_value        ? 
_reflns_shell.meanI_over_sigI_obs    ? 
_reflns_shell.pdbx_redundancy        ? 
_reflns_shell.percent_possible_obs   ? 
_reflns_shell.number_unique_all      ? 
_reflns_shell.number_measured_all    ? 
_reflns_shell.number_measured_obs    ? 
_reflns_shell.number_unique_obs      ? 
_reflns_shell.pdbx_chi_squared       ? 
_reflns_shell.pdbx_ordinal           1 
_reflns_shell.pdbx_diffrn_id         1 
# 
_refine.entry_id                                 2HHG 
_refine.ls_number_reflns_obs                     32294 
_refine.ls_number_reflns_all                     33695 
_refine.pdbx_ls_sigma_I                          ? 
_refine.pdbx_ls_sigma_F                          2.0 
_refine.pdbx_data_cutoff_high_absF               ? 
_refine.pdbx_data_cutoff_low_absF                ? 
_refine.pdbx_data_cutoff_high_rms_absF           ? 
_refine.ls_d_res_low                             40.79 
_refine.ls_d_res_high                            1.20 
_refine.ls_percent_reflns_obs                    95.84 
_refine.ls_R_factor_obs                          0.19256 
_refine.ls_R_factor_all                          0.2027 
_refine.ls_R_factor_R_work                       0.19175 
_refine.ls_R_factor_R_free                       0.2082 
_refine.ls_R_factor_R_free_error                 ? 
_refine.ls_R_factor_R_free_error_details         ? 
_refine.ls_percent_reflns_R_free                 5.0 
_refine.ls_number_reflns_R_free                  1699 
_refine.ls_number_parameters                     ? 
_refine.ls_number_restraints                     ? 
_refine.occupancy_min                            ? 
_refine.occupancy_max                            ? 
_refine.correlation_coeff_Fo_to_Fc               0.955 
_refine.correlation_coeff_Fo_to_Fc_free          0.946 
_refine.B_iso_mean                               13.271 
_refine.aniso_B[1][1]                            0.09 
_refine.aniso_B[2][2]                            -0.26 
_refine.aniso_B[3][3]                            -0.22 
_refine.aniso_B[1][2]                            0.00 
_refine.aniso_B[1][3]                            -0.75 
_refine.aniso_B[2][3]                            0.00 
_refine.solvent_model_details                    MASK 
_refine.solvent_model_param_ksol                 ? 
_refine.solvent_model_param_bsol                 ? 
_refine.pdbx_solvent_vdw_probe_radii             1.20 
_refine.pdbx_solvent_ion_probe_radii             0.80 
_refine.pdbx_solvent_shrinkage_radii             0.80 
_refine.pdbx_ls_cross_valid_method               THROUGHOUT 
_refine.details                                  'HYDROGENS HAVE BEEN ADDED IN THE RIDING POSITIONS' 
_refine.pdbx_starting_model                      ? 
_refine.pdbx_method_to_determine_struct          SAD 
_refine.pdbx_isotropic_thermal_model             ? 
_refine.pdbx_stereochemistry_target_values       'MAXIMUM LIKELIHOOD' 
_refine.pdbx_stereochem_target_val_spec_case     ? 
_refine.pdbx_R_Free_selection_details            RANDOM 
_refine.pdbx_overall_ESU_R                       0.049 
_refine.pdbx_overall_ESU_R_Free                  0.049 
_refine.overall_SU_ML                            0.027 
_refine.overall_SU_B                             0.575 
_refine.ls_redundancy_reflns_obs                 ? 
_refine.B_iso_min                                ? 
_refine.B_iso_max                                ? 
_refine.overall_SU_R_Cruickshank_DPI             ? 
_refine.overall_SU_R_free                        ? 
_refine.ls_wR_factor_R_free                      ? 
_refine.ls_wR_factor_R_work                      ? 
_refine.overall_FOM_free_R_set                   ? 
_refine.overall_FOM_work_R_set                   ? 
_refine.pdbx_refine_id                           'X-RAY DIFFRACTION' 
_refine.pdbx_overall_phase_error                 ? 
_refine.pdbx_diffrn_id                           1 
_refine.pdbx_TLS_residual_ADP_flag               ? 
_refine.pdbx_overall_SU_R_free_Cruickshank_DPI   ? 
_refine.pdbx_overall_SU_R_Blow_DPI               ? 
_refine.pdbx_overall_SU_R_free_Blow_DPI          ? 
# 
_refine_hist.pdbx_refine_id                   'X-RAY DIFFRACTION' 
_refine_hist.cycle_id                         LAST 
_refine_hist.pdbx_number_atoms_protein        998 
_refine_hist.pdbx_number_atoms_nucleic_acid   0 
_refine_hist.pdbx_number_atoms_ligand         6 
_refine_hist.number_atoms_solvent             168 
_refine_hist.number_atoms_total               1172 
_refine_hist.d_res_high                       1.20 
_refine_hist.d_res_low                        40.79 
# 
loop_
_refine_ls_restr.type 
_refine_ls_restr.dev_ideal 
_refine_ls_restr.dev_ideal_target 
_refine_ls_restr.weight 
_refine_ls_restr.number 
_refine_ls_restr.pdbx_refine_id 
_refine_ls_restr.pdbx_restraint_function 
r_bond_refined_d             0.006  0.022  ? 1030 'X-RAY DIFFRACTION' ? 
r_bond_other_d               ?      ?      ? ?    'X-RAY DIFFRACTION' ? 
r_angle_refined_deg          1.105  1.969  ? 1396 'X-RAY DIFFRACTION' ? 
r_angle_other_deg            ?      ?      ? ?    'X-RAY DIFFRACTION' ? 
r_dihedral_angle_1_deg       4.924  5.000  ? 135  'X-RAY DIFFRACTION' ? 
r_dihedral_angle_2_deg       33.241 23.953 ? 43   'X-RAY DIFFRACTION' ? 
r_dihedral_angle_3_deg       9.733  15.000 ? 171  'X-RAY DIFFRACTION' ? 
r_dihedral_angle_4_deg       15.308 15.000 ? 7    'X-RAY DIFFRACTION' ? 
r_chiral_restr               0.070  0.200  ? 151  'X-RAY DIFFRACTION' ? 
r_gen_planes_refined         0.004  0.020  ? 785  'X-RAY DIFFRACTION' ? 
r_gen_planes_other           ?      ?      ? ?    'X-RAY DIFFRACTION' ? 
r_nbd_refined                0.187  0.200  ? 474  'X-RAY DIFFRACTION' ? 
r_nbd_other                  ?      ?      ? ?    'X-RAY DIFFRACTION' ? 
r_nbtor_refined              0.310  0.200  ? 714  'X-RAY DIFFRACTION' ? 
r_nbtor_other                ?      ?      ? ?    'X-RAY DIFFRACTION' ? 
r_xyhbond_nbd_refined        0.089  0.200  ? 118  'X-RAY DIFFRACTION' ? 
r_xyhbond_nbd_other          ?      ?      ? ?    'X-RAY DIFFRACTION' ? 
r_metal_ion_refined          0.098  0.200  ? 3    'X-RAY DIFFRACTION' ? 
r_metal_ion_other            ?      ?      ? ?    'X-RAY DIFFRACTION' ? 
r_symmetry_vdw_refined       0.204  0.200  ? 52   'X-RAY DIFFRACTION' ? 
r_symmetry_vdw_other         ?      ?      ? ?    'X-RAY DIFFRACTION' ? 
r_symmetry_hbond_refined     0.118  0.200  ? 25   'X-RAY DIFFRACTION' ? 
r_symmetry_hbond_other       ?      ?      ? ?    'X-RAY DIFFRACTION' ? 
r_symmetry_metal_ion_refined 0.015  0.200  ? 1    'X-RAY DIFFRACTION' ? 
r_symmetry_metal_ion_other   ?      ?      ? ?    'X-RAY DIFFRACTION' ? 
r_mcbond_it                  0.545  1.500  ? 658  'X-RAY DIFFRACTION' ? 
r_mcbond_other               ?      ?      ? ?    'X-RAY DIFFRACTION' ? 
r_mcangle_it                 1.060  2.000  ? 1054 'X-RAY DIFFRACTION' ? 
r_scbond_it                  1.673  3.000  ? 383  'X-RAY DIFFRACTION' ? 
r_scangle_it                 2.657  4.500  ? 340  'X-RAY DIFFRACTION' ? 
r_rigid_bond_restr           ?      ?      ? ?    'X-RAY DIFFRACTION' ? 
r_sphericity_free            ?      ?      ? ?    'X-RAY DIFFRACTION' ? 
r_sphericity_bonded          ?      ?      ? ?    'X-RAY DIFFRACTION' ? 
# 
_refine_ls_shell.pdbx_total_number_of_bins_used   20 
_refine_ls_shell.d_res_high                       1.200 
_refine_ls_shell.d_res_low                        1.231 
_refine_ls_shell.number_reflns_R_work             2177 
_refine_ls_shell.R_factor_R_work                  0.215 
_refine_ls_shell.percent_reflns_obs               89.96 
_refine_ls_shell.R_factor_R_free                  0.227 
_refine_ls_shell.R_factor_R_free_error            ? 
_refine_ls_shell.percent_reflns_R_free            ? 
_refine_ls_shell.number_reflns_R_free             134 
_refine_ls_shell.number_reflns_all                ? 
_refine_ls_shell.R_factor_all                     ? 
_refine_ls_shell.number_reflns_obs                ? 
_refine_ls_shell.redundancy_reflns_obs            ? 
_refine_ls_shell.pdbx_refine_id                   'X-RAY DIFFRACTION' 
# 
_struct.entry_id                  2HHG 
_struct.title                     
'Structure of Protein of Unknown Function RPA3614, Possible Tyrosine Phosphatase, from Rhodopseudomonas palustris CGA009' 
_struct.pdbx_model_details        ? 
_struct.pdbx_CASP_flag            ? 
_struct.pdbx_model_type_details   ? 
# 
_struct_keywords.entry_id        2HHG 
_struct_keywords.pdbx_keywords   'Structural genomics, unknown function' 
_struct_keywords.text            
;MCSG, structural genomics, hypothetical protein, Rohopseudomonas palustris, PSI-2, Protein Structure Initiative, Midwest Center for Structural Genomics, unknown function
;
# 
loop_
_struct_asym.id 
_struct_asym.pdbx_blank_PDB_chainid_flag 
_struct_asym.pdbx_modified 
_struct_asym.entity_id 
_struct_asym.details 
A N N 1 ? 
B N N 2 ? 
C N N 3 ? 
D N N 4 ? 
# 
_struct_ref.id                         1 
_struct_ref.db_name                    UNP 
_struct_ref.db_code                    Q6N3S9_RHOPA 
_struct_ref.pdbx_db_accession          Q6N3S9 
_struct_ref.entity_id                  1 
_struct_ref.pdbx_align_begin           1 
_struct_ref.pdbx_seq_one_letter_code   ? 
_struct_ref.pdbx_db_isoform            ? 
# 
_struct_ref_seq.align_id                      1 
_struct_ref_seq.ref_id                        1 
_struct_ref_seq.pdbx_PDB_id_code              2HHG 
_struct_ref_seq.pdbx_strand_id                A 
_struct_ref_seq.seq_align_beg                 2 
_struct_ref_seq.pdbx_seq_align_beg_ins_code   ? 
_struct_ref_seq.seq_align_end                 139 
_struct_ref_seq.pdbx_seq_align_end_ins_code   ? 
_struct_ref_seq.pdbx_db_accession             Q6N3S9 
_struct_ref_seq.db_align_beg                  1 
_struct_ref_seq.pdbx_db_align_beg_ins_code    ? 
_struct_ref_seq.db_align_end                  138 
_struct_ref_seq.pdbx_db_align_end_ins_code    ? 
_struct_ref_seq.pdbx_auth_seq_align_beg       1 
_struct_ref_seq.pdbx_auth_seq_align_end       138 
# 
loop_
_struct_ref_seq_dif.align_id 
_struct_ref_seq_dif.pdbx_pdb_id_code 
_struct_ref_seq_dif.mon_id 
_struct_ref_seq_dif.pdbx_pdb_strand_id 
_struct_ref_seq_dif.seq_num 
_struct_ref_seq_dif.pdbx_pdb_ins_code 
_struct_ref_seq_dif.pdbx_seq_db_name 
_struct_ref_seq_dif.pdbx_seq_db_accession_code 
_struct_ref_seq_dif.db_mon_id 
_struct_ref_seq_dif.pdbx_seq_db_seq_num 
_struct_ref_seq_dif.details 
_struct_ref_seq_dif.pdbx_auth_seq_num 
_struct_ref_seq_dif.pdbx_ordinal 
1 2HHG GLY A 1   ? UNP Q6N3S9 ?   ?   'cloning artifact' 0   1 
1 2HHG MSE A 2   ? UNP Q6N3S9 MET 1   'modified residue' 1   2 
1 2HHG MSE A 13  ? UNP Q6N3S9 MET 12  'modified residue' 12  3 
1 2HHG MSE A 67  ? UNP Q6N3S9 MET 66  'modified residue' 66  4 
1 2HHG MSE A 109 ? UNP Q6N3S9 MET 108 'modified residue' 108 5 
# 
loop_
_pdbx_struct_assembly.id 
_pdbx_struct_assembly.details 
_pdbx_struct_assembly.method_details 
_pdbx_struct_assembly.oligomeric_details 
_pdbx_struct_assembly.oligomeric_count 
1 author_defined_assembly   ?        monomeric 1 
2 software_defined_assembly PISA,PQS dimeric   2 
# 
loop_
_pdbx_struct_assembly_prop.biol_id 
_pdbx_struct_assembly_prop.type 
_pdbx_struct_assembly_prop.value 
_pdbx_struct_assembly_prop.details 
2 'ABSA (A^2)' 4010  ? 
2 MORE         -53   ? 
2 'SSA (A^2)'  11640 ? 
# 
loop_
_pdbx_struct_assembly_gen.assembly_id 
_pdbx_struct_assembly_gen.oper_expression 
_pdbx_struct_assembly_gen.asym_id_list 
1 1   A,B,C,D 
2 1,2 A,B,C,D 
# 
loop_
_pdbx_struct_oper_list.id 
_pdbx_struct_oper_list.type 
_pdbx_struct_oper_list.name 
_pdbx_struct_oper_list.symmetry_operation 
_pdbx_struct_oper_list.matrix[1][1] 
_pdbx_struct_oper_list.matrix[1][2] 
_pdbx_struct_oper_list.matrix[1][3] 
_pdbx_struct_oper_list.vector[1] 
_pdbx_struct_oper_list.matrix[2][1] 
_pdbx_struct_oper_list.matrix[2][2] 
_pdbx_struct_oper_list.matrix[2][3] 
_pdbx_struct_oper_list.vector[2] 
_pdbx_struct_oper_list.matrix[3][1] 
_pdbx_struct_oper_list.matrix[3][2] 
_pdbx_struct_oper_list.matrix[3][3] 
_pdbx_struct_oper_list.vector[3] 
1 'identity operation'         1_555 x,y,z   1.0000000000  0.0000000000 0.0000000000 0.0000000000 0.0000000000 1.0000000000  0.0000000000 0.0000000000  0.0000000000 0.0000000000 1.0000000000 0.0000000000  
2 'crystal symmetry operation' 2_555 -x,y,-z -0.9815895666 0.0008167594 0.1910006693 7.2117209467 0.0008167594 -0.9999637653 0.0084735429 20.4885445610 0.1910006693 0.0084735429 0.9815533319 -0.7827465777 
# 
_struct_biol.id        1 
_struct_biol.details   ? 
# 
loop_
_struct_conf.conf_type_id 
_struct_conf.id 
_struct_conf.pdbx_PDB_helix_id 
_struct_conf.beg_label_comp_id 
_struct_conf.beg_label_asym_id 
_struct_conf.beg_label_seq_id 
_struct_conf.pdbx_beg_PDB_ins_code 
_struct_conf.end_label_comp_id 
_struct_conf.end_label_asym_id 
_struct_conf.end_label_seq_id 
_struct_conf.pdbx_end_PDB_ins_code 
_struct_conf.beg_auth_comp_id 
_struct_conf.beg_auth_asym_id 
_struct_conf.beg_auth_seq_id 
_struct_conf.end_auth_comp_id 
_struct_conf.end_auth_asym_id 
_struct_conf.end_auth_seq_id 
_struct_conf.pdbx_PDB_helix_class 
_struct_conf.details 
_struct_conf.pdbx_PDB_helix_length 
HELX_P HELX_P1 1 GLY A 9   ? SER A 19  ? GLY A 8   SER A 18  1 ? 11 
HELX_P HELX_P2 2 THR A 25  ? SER A 35  ? THR A 24  SER A 34  1 ? 11 
HELX_P HELX_P3 3 ASP A 47  ? GLY A 55  ? ASP A 46  GLY A 54  1 ? 9  
HELX_P HELX_P4 4 THR A 64  ? GLY A 66  ? THR A 63  GLY A 65  5 ? 3  
HELX_P HELX_P5 5 MSE A 67  ? ASP A 73  ? MSE A 66  ASP A 72  1 ? 7  
HELX_P HELX_P6 6 LYS A 80  ? GLU A 85  ? LYS A 79  GLU A 84  5 ? 6  
HELX_P HELX_P7 7 GLY A 96  ? GLY A 110 ? GLY A 95  GLY A 109 1 ? 15 
HELX_P HELX_P8 8 GLY A 119 ? ALA A 127 ? GLY A 118 ALA A 126 1 ? 9  
# 
_struct_conf_type.id          HELX_P 
_struct_conf_type.criteria    ? 
_struct_conf_type.reference   ? 
# 
loop_
_struct_conn.id 
_struct_conn.conn_type_id 
_struct_conn.pdbx_leaving_atom_flag 
_struct_conn.pdbx_PDB_id 
_struct_conn.ptnr1_label_asym_id 
_struct_conn.ptnr1_label_comp_id 
_struct_conn.ptnr1_label_seq_id 
_struct_conn.ptnr1_label_atom_id 
_struct_conn.pdbx_ptnr1_label_alt_id 
_struct_conn.pdbx_ptnr1_PDB_ins_code 
_struct_conn.pdbx_ptnr1_standard_comp_id 
_struct_conn.ptnr1_symmetry 
_struct_conn.ptnr2_label_asym_id 
_struct_conn.ptnr2_label_comp_id 
_struct_conn.ptnr2_label_seq_id 
_struct_conn.ptnr2_label_atom_id 
_struct_conn.pdbx_ptnr2_label_alt_id 
_struct_conn.pdbx_ptnr2_PDB_ins_code 
_struct_conn.ptnr1_auth_asym_id 
_struct_conn.ptnr1_auth_comp_id 
_struct_conn.ptnr1_auth_seq_id 
_struct_conn.ptnr2_auth_asym_id 
_struct_conn.ptnr2_auth_comp_id 
_struct_conn.ptnr2_auth_seq_id 
_struct_conn.ptnr2_symmetry 
_struct_conn.pdbx_ptnr3_label_atom_id 
_struct_conn.pdbx_ptnr3_label_seq_id 
_struct_conn.pdbx_ptnr3_label_comp_id 
_struct_conn.pdbx_ptnr3_label_asym_id 
_struct_conn.pdbx_ptnr3_label_alt_id 
_struct_conn.pdbx_ptnr3_PDB_ins_code 
_struct_conn.details 
_struct_conn.pdbx_dist_value 
_struct_conn.pdbx_value_order 
_struct_conn.pdbx_role 
covale1 covale both ? A GLY 1   C  ? ? ? 1_555 A MSE 2   N  ? ? A GLY 0    A MSE 1    1_555 ? ? ? ? ? ? ? 1.320 ? ? 
covale2 covale both ? A MSE 2   C  ? ? ? 1_555 A PRO 3   N  ? ? A MSE 1    A PRO 2    1_555 ? ? ? ? ? ? ? 1.312 ? ? 
covale3 covale both ? A ALA 12  C  ? ? ? 1_555 A MSE 13  N  ? ? A ALA 11   A MSE 12   1_555 ? ? ? ? ? ? ? 1.327 ? ? 
covale4 covale both ? A MSE 13  C  ? ? ? 1_555 A LEU 14  N  ? ? A MSE 12   A LEU 13   1_555 ? ? ? ? ? ? ? 1.330 ? ? 
covale5 covale both ? A GLY 66  C  ? ? ? 1_555 A MSE 67  N  ? ? A GLY 65   A MSE 66   1_555 ? ? ? ? ? ? ? 1.334 ? ? 
covale6 covale both ? A MSE 67  C  ? ? ? 1_555 A LEU 68  N  ? ? A MSE 66   A LEU 67   1_555 ? ? ? ? ? ? ? 1.329 ? ? 
covale7 covale both ? A ASP 108 C  ? ? ? 1_555 A MSE 109 N  ? ? A ASP 107  A MSE 108  1_555 ? ? ? ? ? ? ? 1.329 ? ? 
covale8 covale both ? A MSE 109 C  ? ? ? 1_555 A GLY 110 N  ? ? A MSE 108  A GLY 109  1_555 ? ? ? ? ? ? ? 1.331 ? ? 
metalc1 metalc ?    ? A ASN 18  O  ? ? ? 1_555 C NA  .   NA ? ? A ASN 17   A NA  4286 1_555 ? ? ? ? ? ? ? 2.265 ? ? 
metalc2 metalc ?    ? A ILE 21  O  ? ? ? 1_555 C NA  .   NA ? ? A ILE 20   A NA  4286 1_555 ? ? ? ? ? ? ? 2.330 ? ? 
metalc3 metalc ?    ? A LYS 34  O  ? ? ? 4_546 C NA  .   NA ? ? A LYS 33   A NA  4286 1_555 ? ? ? ? ? ? ? 2.395 ? ? 
metalc4 metalc ?    ? C NA  .   NA ? ? ? 1_555 D HOH .   O  ? ? A NA  4286 A HOH 4384 4_546 ? ? ? ? ? ? ? 2.449 ? ? 
metalc5 metalc ?    ? C NA  .   NA ? ? ? 1_555 D HOH .   O  ? ? A NA  4286 A HOH 4427 1_555 ? ? ? ? ? ? ? 2.367 ? ? 
metalc6 metalc ?    ? C NA  .   NA ? ? ? 1_555 D HOH .   O  ? ? A NA  4286 A HOH 4454 1_555 ? ? ? ? ? ? ? 2.449 ? ? 
# 
loop_
_struct_conn_type.id 
_struct_conn_type.criteria 
_struct_conn_type.reference 
covale ? ? 
metalc ? ? 
# 
loop_
_pdbx_struct_conn_angle.id 
_pdbx_struct_conn_angle.ptnr1_label_atom_id 
_pdbx_struct_conn_angle.ptnr1_label_alt_id 
_pdbx_struct_conn_angle.ptnr1_label_asym_id 
_pdbx_struct_conn_angle.ptnr1_label_comp_id 
_pdbx_struct_conn_angle.ptnr1_label_seq_id 
_pdbx_struct_conn_angle.ptnr1_auth_atom_id 
_pdbx_struct_conn_angle.ptnr1_auth_asym_id 
_pdbx_struct_conn_angle.ptnr1_auth_comp_id 
_pdbx_struct_conn_angle.ptnr1_auth_seq_id 
_pdbx_struct_conn_angle.ptnr1_PDB_ins_code 
_pdbx_struct_conn_angle.ptnr1_symmetry 
_pdbx_struct_conn_angle.ptnr2_label_atom_id 
_pdbx_struct_conn_angle.ptnr2_label_alt_id 
_pdbx_struct_conn_angle.ptnr2_label_asym_id 
_pdbx_struct_conn_angle.ptnr2_label_comp_id 
_pdbx_struct_conn_angle.ptnr2_label_seq_id 
_pdbx_struct_conn_angle.ptnr2_auth_atom_id 
_pdbx_struct_conn_angle.ptnr2_auth_asym_id 
_pdbx_struct_conn_angle.ptnr2_auth_comp_id 
_pdbx_struct_conn_angle.ptnr2_auth_seq_id 
_pdbx_struct_conn_angle.ptnr2_PDB_ins_code 
_pdbx_struct_conn_angle.ptnr2_symmetry 
_pdbx_struct_conn_angle.ptnr3_label_atom_id 
_pdbx_struct_conn_angle.ptnr3_label_alt_id 
_pdbx_struct_conn_angle.ptnr3_label_asym_id 
_pdbx_struct_conn_angle.ptnr3_label_comp_id 
_pdbx_struct_conn_angle.ptnr3_label_seq_id 
_pdbx_struct_conn_angle.ptnr3_auth_atom_id 
_pdbx_struct_conn_angle.ptnr3_auth_asym_id 
_pdbx_struct_conn_angle.ptnr3_auth_comp_id 
_pdbx_struct_conn_angle.ptnr3_auth_seq_id 
_pdbx_struct_conn_angle.ptnr3_PDB_ins_code 
_pdbx_struct_conn_angle.ptnr3_symmetry 
_pdbx_struct_conn_angle.value 
_pdbx_struct_conn_angle.value_esd 
1  O ? A ASN 18 ? A ASN 17   ? 1_555 NA ? C NA . ? A NA 4286 ? 1_555 O ? A ILE 21 ? A ILE 20   ? 1_555 93.3  ? 
2  O ? A ASN 18 ? A ASN 17   ? 1_555 NA ? C NA . ? A NA 4286 ? 1_555 O ? A LYS 34 ? A LYS 33   ? 4_546 88.6  ? 
3  O ? A ILE 21 ? A ILE 20   ? 1_555 NA ? C NA . ? A NA 4286 ? 1_555 O ? A LYS 34 ? A LYS 33   ? 4_546 98.7  ? 
4  O ? A ASN 18 ? A ASN 17   ? 1_555 NA ? C NA . ? A NA 4286 ? 1_555 O ? D HOH .  ? A HOH 4384 ? 4_546 88.1  ? 
5  O ? A ILE 21 ? A ILE 20   ? 1_555 NA ? C NA . ? A NA 4286 ? 1_555 O ? D HOH .  ? A HOH 4384 ? 4_546 174.3 ? 
6  O ? A LYS 34 ? A LYS 33   ? 4_546 NA ? C NA . ? A NA 4286 ? 1_555 O ? D HOH .  ? A HOH 4384 ? 4_546 75.8  ? 
7  O ? A ASN 18 ? A ASN 17   ? 1_555 NA ? C NA . ? A NA 4286 ? 1_555 O ? D HOH .  ? A HOH 4427 ? 1_555 76.4  ? 
8  O ? A ILE 21 ? A ILE 20   ? 1_555 NA ? C NA . ? A NA 4286 ? 1_555 O ? D HOH .  ? A HOH 4427 ? 1_555 117.6 ? 
9  O ? A LYS 34 ? A LYS 33   ? 4_546 NA ? C NA . ? A NA 4286 ? 1_555 O ? D HOH .  ? A HOH 4427 ? 1_555 141.1 ? 
10 O ? D HOH .  ? A HOH 4384 ? 4_546 NA ? C NA . ? A NA 4286 ? 1_555 O ? D HOH .  ? A HOH 4427 ? 1_555 68.1  ? 
11 O ? A ASN 18 ? A ASN 17   ? 1_555 NA ? C NA . ? A NA 4286 ? 1_555 O ? D HOH .  ? A HOH 4454 ? 1_555 172.1 ? 
12 O ? A ILE 21 ? A ILE 20   ? 1_555 NA ? C NA . ? A NA 4286 ? 1_555 O ? D HOH .  ? A HOH 4454 ? 1_555 83.9  ? 
13 O ? A LYS 34 ? A LYS 33   ? 4_546 NA ? C NA . ? A NA 4286 ? 1_555 O ? D HOH .  ? A HOH 4454 ? 1_555 99.1  ? 
14 O ? D HOH .  ? A HOH 4384 ? 4_546 NA ? C NA . ? A NA 4286 ? 1_555 O ? D HOH .  ? A HOH 4454 ? 1_555 95.5  ? 
15 O ? D HOH .  ? A HOH 4427 ? 1_555 NA ? C NA . ? A NA 4286 ? 1_555 O ? D HOH .  ? A HOH 4454 ? 1_555 98.3  ? 
# 
loop_
_pdbx_modification_feature.ordinal 
_pdbx_modification_feature.label_comp_id 
_pdbx_modification_feature.label_asym_id 
_pdbx_modification_feature.label_seq_id 
_pdbx_modification_feature.label_alt_id 
_pdbx_modification_feature.modified_residue_label_comp_id 
_pdbx_modification_feature.modified_residue_label_asym_id 
_pdbx_modification_feature.modified_residue_label_seq_id 
_pdbx_modification_feature.modified_residue_label_alt_id 
_pdbx_modification_feature.auth_comp_id 
_pdbx_modification_feature.auth_asym_id 
_pdbx_modification_feature.auth_seq_id 
_pdbx_modification_feature.PDB_ins_code 
_pdbx_modification_feature.symmetry 
_pdbx_modification_feature.modified_residue_auth_comp_id 
_pdbx_modification_feature.modified_residue_auth_asym_id 
_pdbx_modification_feature.modified_residue_auth_seq_id 
_pdbx_modification_feature.modified_residue_PDB_ins_code 
_pdbx_modification_feature.modified_residue_symmetry 
_pdbx_modification_feature.comp_id_linking_atom 
_pdbx_modification_feature.modified_residue_id_linking_atom 
_pdbx_modification_feature.modified_residue_id 
_pdbx_modification_feature.ref_pcm_id 
_pdbx_modification_feature.ref_comp_id 
_pdbx_modification_feature.type 
_pdbx_modification_feature.category 
1 MSE A 2   ? . . . . MSE A 1   ? 1_555 . . . . . . . MET 1 MSE Selenomethionine 'Named protein modification' 
2 MSE A 13  ? . . . . MSE A 12  ? 1_555 . . . . . . . MET 1 MSE Selenomethionine 'Named protein modification' 
3 MSE A 67  ? . . . . MSE A 66  ? 1_555 . . . . . . . MET 1 MSE Selenomethionine 'Named protein modification' 
4 MSE A 109 ? . . . . MSE A 108 ? 1_555 . . . . . . . MET 1 MSE Selenomethionine 'Named protein modification' 
# 
_struct_mon_prot_cis.pdbx_id                1 
_struct_mon_prot_cis.label_comp_id          LYS 
_struct_mon_prot_cis.label_seq_id           112 
_struct_mon_prot_cis.label_asym_id          A 
_struct_mon_prot_cis.label_alt_id           . 
_struct_mon_prot_cis.pdbx_PDB_ins_code      ? 
_struct_mon_prot_cis.auth_comp_id           LYS 
_struct_mon_prot_cis.auth_seq_id            111 
_struct_mon_prot_cis.auth_asym_id           A 
_struct_mon_prot_cis.pdbx_label_comp_id_2   PRO 
_struct_mon_prot_cis.pdbx_label_seq_id_2    113 
_struct_mon_prot_cis.pdbx_label_asym_id_2   A 
_struct_mon_prot_cis.pdbx_PDB_ins_code_2    ? 
_struct_mon_prot_cis.pdbx_auth_comp_id_2    PRO 
_struct_mon_prot_cis.pdbx_auth_seq_id_2     112 
_struct_mon_prot_cis.pdbx_auth_asym_id_2    A 
_struct_mon_prot_cis.pdbx_PDB_model_num     1 
_struct_mon_prot_cis.pdbx_omega_angle       -11.01 
# 
_struct_sheet.id               A 
_struct_sheet.type             ? 
_struct_sheet.number_strands   5 
_struct_sheet.details          ? 
# 
loop_
_struct_sheet_order.sheet_id 
_struct_sheet_order.range_id_1 
_struct_sheet_order.range_id_2 
_struct_sheet_order.offset 
_struct_sheet_order.sense 
A 1 2 ? parallel 
A 2 3 ? parallel 
A 3 4 ? parallel 
A 4 5 ? parallel 
# 
loop_
_struct_sheet_range.sheet_id 
_struct_sheet_range.id 
_struct_sheet_range.beg_label_comp_id 
_struct_sheet_range.beg_label_asym_id 
_struct_sheet_range.beg_label_seq_id 
_struct_sheet_range.pdbx_beg_PDB_ins_code 
_struct_sheet_range.end_label_comp_id 
_struct_sheet_range.end_label_asym_id 
_struct_sheet_range.end_label_seq_id 
_struct_sheet_range.pdbx_end_PDB_ins_code 
_struct_sheet_range.beg_auth_comp_id 
_struct_sheet_range.beg_auth_asym_id 
_struct_sheet_range.beg_auth_seq_id 
_struct_sheet_range.end_auth_comp_id 
_struct_sheet_range.end_auth_asym_id 
_struct_sheet_range.end_auth_seq_id 
A 1 GLU A 22  ? LEU A 24  ? GLU A 21  LEU A 23  
A 2 VAL A 114 ? ILE A 117 ? VAL A 113 ILE A 116 
A 3 LYS A 88  ? TYR A 92  ? LYS A 87  TYR A 91  
A 4 VAL A 40  ? ASP A 44  ? VAL A 39  ASP A 43  
A 5 PHE A 61  ? SER A 62  ? PHE A 60  SER A 61  
# 
loop_
_pdbx_struct_sheet_hbond.sheet_id 
_pdbx_struct_sheet_hbond.range_id_1 
_pdbx_struct_sheet_hbond.range_id_2 
_pdbx_struct_sheet_hbond.range_1_label_atom_id 
_pdbx_struct_sheet_hbond.range_1_label_comp_id 
_pdbx_struct_sheet_hbond.range_1_label_asym_id 
_pdbx_struct_sheet_hbond.range_1_label_seq_id 
_pdbx_struct_sheet_hbond.range_1_PDB_ins_code 
_pdbx_struct_sheet_hbond.range_1_auth_atom_id 
_pdbx_struct_sheet_hbond.range_1_auth_comp_id 
_pdbx_struct_sheet_hbond.range_1_auth_asym_id 
_pdbx_struct_sheet_hbond.range_1_auth_seq_id 
_pdbx_struct_sheet_hbond.range_2_label_atom_id 
_pdbx_struct_sheet_hbond.range_2_label_comp_id 
_pdbx_struct_sheet_hbond.range_2_label_asym_id 
_pdbx_struct_sheet_hbond.range_2_label_seq_id 
_pdbx_struct_sheet_hbond.range_2_PDB_ins_code 
_pdbx_struct_sheet_hbond.range_2_auth_atom_id 
_pdbx_struct_sheet_hbond.range_2_auth_comp_id 
_pdbx_struct_sheet_hbond.range_2_auth_asym_id 
_pdbx_struct_sheet_hbond.range_2_auth_seq_id 
A 1 2 N LEU A 24  ? N LEU A 23  O HIS A 116 ? O HIS A 115 
A 2 3 O ALA A 115 ? O ALA A 114 N PHE A 91  ? N PHE A 90  
A 3 4 O VAL A 90  ? O VAL A 89  N VAL A 43  ? N VAL A 42  
A 4 5 N ILE A 42  ? N ILE A 41  O PHE A 61  ? O PHE A 60  
# 
loop_
_struct_site.id 
_struct_site.pdbx_evidence_code 
_struct_site.pdbx_auth_asym_id 
_struct_site.pdbx_auth_comp_id 
_struct_site.pdbx_auth_seq_id 
_struct_site.pdbx_auth_ins_code 
_struct_site.pdbx_num_residues 
_struct_site.details 
AC1 Software A PO4 4285 ? 7 'BINDING SITE FOR RESIDUE PO4 A 4285' 
AC2 Software A NA  4286 ? 6 'BINDING SITE FOR RESIDUE NA A 4286'  
# 
loop_
_struct_site_gen.id 
_struct_site_gen.site_id 
_struct_site_gen.pdbx_num_res 
_struct_site_gen.label_comp_id 
_struct_site_gen.label_asym_id 
_struct_site_gen.label_seq_id 
_struct_site_gen.pdbx_auth_ins_code 
_struct_site_gen.auth_comp_id 
_struct_site_gen.auth_asym_id 
_struct_site_gen.auth_seq_id 
_struct_site_gen.label_atom_id 
_struct_site_gen.label_alt_id 
_struct_site_gen.symmetry 
_struct_site_gen.details 
1  AC1 7 TYR A 78 ? TYR A 77   . ? 2_555 ? 
2  AC1 7 CYS A 93 ? CYS A 92   . ? 1_555 ? 
3  AC1 7 ALA A 94 ? ALA A 93   . ? 1_555 ? 
4  AC1 7 GLY A 95 ? GLY A 94   . ? 1_555 ? 
5  AC1 7 GLY A 96 ? GLY A 95   . ? 1_555 ? 
6  AC1 7 LEU A 97 ? LEU A 96   . ? 1_555 ? 
7  AC1 7 ARG A 98 ? ARG A 97   . ? 1_555 ? 
8  AC2 6 ASN A 18 ? ASN A 17   . ? 1_555 ? 
9  AC2 6 ILE A 21 ? ILE A 20   . ? 1_555 ? 
10 AC2 6 LYS A 34 ? LYS A 33   . ? 4_546 ? 
11 AC2 6 HOH D .  ? HOH A 4384 . ? 4_546 ? 
12 AC2 6 HOH D .  ? HOH A 4427 . ? 1_555 ? 
13 AC2 6 HOH D .  ? HOH A 4454 . ? 1_555 ? 
# 
_pdbx_entry_details.entry_id                   2HHG 
_pdbx_entry_details.compound_details           ? 
_pdbx_entry_details.source_details             ? 
_pdbx_entry_details.nonpolymer_details         ? 
_pdbx_entry_details.sequence_details           ? 
_pdbx_entry_details.has_ligand_of_interest     ? 
_pdbx_entry_details.has_protein_modification   Y 
# 
_pdbx_validate_torsion.id              1 
_pdbx_validate_torsion.PDB_model_num   1 
_pdbx_validate_torsion.auth_comp_id    CYS 
_pdbx_validate_torsion.auth_asym_id    A 
_pdbx_validate_torsion.auth_seq_id     92 
_pdbx_validate_torsion.PDB_ins_code    ? 
_pdbx_validate_torsion.label_alt_id    ? 
_pdbx_validate_torsion.phi             -131.79 
_pdbx_validate_torsion.psi             -158.97 
# 
_pdbx_SG_project.id                    1 
_pdbx_SG_project.project_name          'PSI, Protein Structure Initiative' 
_pdbx_SG_project.full_name_of_center   'Midwest Center for Structural Genomics' 
_pdbx_SG_project.initial_of_center     MCSG 
# 
loop_
_pdbx_struct_mod_residue.id 
_pdbx_struct_mod_residue.label_asym_id 
_pdbx_struct_mod_residue.label_comp_id 
_pdbx_struct_mod_residue.label_seq_id 
_pdbx_struct_mod_residue.auth_asym_id 
_pdbx_struct_mod_residue.auth_comp_id 
_pdbx_struct_mod_residue.auth_seq_id 
_pdbx_struct_mod_residue.PDB_ins_code 
_pdbx_struct_mod_residue.parent_comp_id 
_pdbx_struct_mod_residue.details 
1 A MSE 2   A MSE 1   ? MET SELENOMETHIONINE 
2 A MSE 13  A MSE 12  ? MET SELENOMETHIONINE 
3 A MSE 67  A MSE 66  ? MET SELENOMETHIONINE 
4 A MSE 109 A MSE 108 ? MET SELENOMETHIONINE 
# 
loop_
_pdbx_struct_special_symmetry.id 
_pdbx_struct_special_symmetry.PDB_model_num 
_pdbx_struct_special_symmetry.auth_asym_id 
_pdbx_struct_special_symmetry.auth_comp_id 
_pdbx_struct_special_symmetry.auth_seq_id 
_pdbx_struct_special_symmetry.PDB_ins_code 
_pdbx_struct_special_symmetry.label_asym_id 
_pdbx_struct_special_symmetry.label_comp_id 
_pdbx_struct_special_symmetry.label_seq_id 
1 1 A HOH 4287 ? D HOH . 
2 1 A HOH 4311 ? D HOH . 
3 1 A HOH 4319 ? D HOH . 
# 
_pdbx_database_remark.id     300 
_pdbx_database_remark.text   
;BIOMOLECULE: 1
THIS ENTRY CONTAINS THE CRYSTALLOGRAPHIC ASYMMETRIC UNIT
WHICH CONSISTS OF 1 CHAIN. THE BIOLOGICAL UNIT IS UNKNOWN.
;
# 
loop_
_pdbx_unobs_or_zero_occ_residues.id 
_pdbx_unobs_or_zero_occ_residues.PDB_model_num 
_pdbx_unobs_or_zero_occ_residues.polymer_flag 
_pdbx_unobs_or_zero_occ_residues.occupancy_flag 
_pdbx_unobs_or_zero_occ_residues.auth_asym_id 
_pdbx_unobs_or_zero_occ_residues.auth_comp_id 
_pdbx_unobs_or_zero_occ_residues.auth_seq_id 
_pdbx_unobs_or_zero_occ_residues.PDB_ins_code 
_pdbx_unobs_or_zero_occ_residues.label_asym_id 
_pdbx_unobs_or_zero_occ_residues.label_comp_id 
_pdbx_unobs_or_zero_occ_residues.label_seq_id 
1 1 Y 1 A ALA 132 ? A ALA 133 
2 1 Y 1 A TRP 133 ? A TRP 134 
3 1 Y 1 A ALA 134 ? A ALA 135 
4 1 Y 1 A PRO 135 ? A PRO 136 
5 1 Y 1 A LYS 136 ? A LYS 137 
6 1 Y 1 A LYS 137 ? A LYS 138 
7 1 Y 1 A LYS 138 ? A LYS 139 
# 
loop_
_chem_comp_atom.comp_id 
_chem_comp_atom.atom_id 
_chem_comp_atom.type_symbol 
_chem_comp_atom.pdbx_aromatic_flag 
_chem_comp_atom.pdbx_stereo_config 
_chem_comp_atom.pdbx_ordinal 
ALA N    N  N N 1   
ALA CA   C  N S 2   
ALA C    C  N N 3   
ALA O    O  N N 4   
ALA CB   C  N N 5   
ALA OXT  O  N N 6   
ALA H    H  N N 7   
ALA H2   H  N N 8   
ALA HA   H  N N 9   
ALA HB1  H  N N 10  
ALA HB2  H  N N 11  
ALA HB3  H  N N 12  
ALA HXT  H  N N 13  
ARG N    N  N N 14  
ARG CA   C  N S 15  
ARG C    C  N N 16  
ARG O    O  N N 17  
ARG CB   C  N N 18  
ARG CG   C  N N 19  
ARG CD   C  N N 20  
ARG NE   N  N N 21  
ARG CZ   C  N N 22  
ARG NH1  N  N N 23  
ARG NH2  N  N N 24  
ARG OXT  O  N N 25  
ARG H    H  N N 26  
ARG H2   H  N N 27  
ARG HA   H  N N 28  
ARG HB2  H  N N 29  
ARG HB3  H  N N 30  
ARG HG2  H  N N 31  
ARG HG3  H  N N 32  
ARG HD2  H  N N 33  
ARG HD3  H  N N 34  
ARG HE   H  N N 35  
ARG HH11 H  N N 36  
ARG HH12 H  N N 37  
ARG HH21 H  N N 38  
ARG HH22 H  N N 39  
ARG HXT  H  N N 40  
ASN N    N  N N 41  
ASN CA   C  N S 42  
ASN C    C  N N 43  
ASN O    O  N N 44  
ASN CB   C  N N 45  
ASN CG   C  N N 46  
ASN OD1  O  N N 47  
ASN ND2  N  N N 48  
ASN OXT  O  N N 49  
ASN H    H  N N 50  
ASN H2   H  N N 51  
ASN HA   H  N N 52  
ASN HB2  H  N N 53  
ASN HB3  H  N N 54  
ASN HD21 H  N N 55  
ASN HD22 H  N N 56  
ASN HXT  H  N N 57  
ASP N    N  N N 58  
ASP CA   C  N S 59  
ASP C    C  N N 60  
ASP O    O  N N 61  
ASP CB   C  N N 62  
ASP CG   C  N N 63  
ASP OD1  O  N N 64  
ASP OD2  O  N N 65  
ASP OXT  O  N N 66  
ASP H    H  N N 67  
ASP H2   H  N N 68  
ASP HA   H  N N 69  
ASP HB2  H  N N 70  
ASP HB3  H  N N 71  
ASP HD2  H  N N 72  
ASP HXT  H  N N 73  
CYS N    N  N N 74  
CYS CA   C  N R 75  
CYS C    C  N N 76  
CYS O    O  N N 77  
CYS CB   C  N N 78  
CYS SG   S  N N 79  
CYS OXT  O  N N 80  
CYS H    H  N N 81  
CYS H2   H  N N 82  
CYS HA   H  N N 83  
CYS HB2  H  N N 84  
CYS HB3  H  N N 85  
CYS HG   H  N N 86  
CYS HXT  H  N N 87  
GLN N    N  N N 88  
GLN CA   C  N S 89  
GLN C    C  N N 90  
GLN O    O  N N 91  
GLN CB   C  N N 92  
GLN CG   C  N N 93  
GLN CD   C  N N 94  
GLN OE1  O  N N 95  
GLN NE2  N  N N 96  
GLN OXT  O  N N 97  
GLN H    H  N N 98  
GLN H2   H  N N 99  
GLN HA   H  N N 100 
GLN HB2  H  N N 101 
GLN HB3  H  N N 102 
GLN HG2  H  N N 103 
GLN HG3  H  N N 104 
GLN HE21 H  N N 105 
GLN HE22 H  N N 106 
GLN HXT  H  N N 107 
GLU N    N  N N 108 
GLU CA   C  N S 109 
GLU C    C  N N 110 
GLU O    O  N N 111 
GLU CB   C  N N 112 
GLU CG   C  N N 113 
GLU CD   C  N N 114 
GLU OE1  O  N N 115 
GLU OE2  O  N N 116 
GLU OXT  O  N N 117 
GLU H    H  N N 118 
GLU H2   H  N N 119 
GLU HA   H  N N 120 
GLU HB2  H  N N 121 
GLU HB3  H  N N 122 
GLU HG2  H  N N 123 
GLU HG3  H  N N 124 
GLU HE2  H  N N 125 
GLU HXT  H  N N 126 
GLY N    N  N N 127 
GLY CA   C  N N 128 
GLY C    C  N N 129 
GLY O    O  N N 130 
GLY OXT  O  N N 131 
GLY H    H  N N 132 
GLY H2   H  N N 133 
GLY HA2  H  N N 134 
GLY HA3  H  N N 135 
GLY HXT  H  N N 136 
HIS N    N  N N 137 
HIS CA   C  N S 138 
HIS C    C  N N 139 
HIS O    O  N N 140 
HIS CB   C  N N 141 
HIS CG   C  Y N 142 
HIS ND1  N  Y N 143 
HIS CD2  C  Y N 144 
HIS CE1  C  Y N 145 
HIS NE2  N  Y N 146 
HIS OXT  O  N N 147 
HIS H    H  N N 148 
HIS H2   H  N N 149 
HIS HA   H  N N 150 
HIS HB2  H  N N 151 
HIS HB3  H  N N 152 
HIS HD1  H  N N 153 
HIS HD2  H  N N 154 
HIS HE1  H  N N 155 
HIS HE2  H  N N 156 
HIS HXT  H  N N 157 
HOH O    O  N N 158 
HOH H1   H  N N 159 
HOH H2   H  N N 160 
ILE N    N  N N 161 
ILE CA   C  N S 162 
ILE C    C  N N 163 
ILE O    O  N N 164 
ILE CB   C  N S 165 
ILE CG1  C  N N 166 
ILE CG2  C  N N 167 
ILE CD1  C  N N 168 
ILE OXT  O  N N 169 
ILE H    H  N N 170 
ILE H2   H  N N 171 
ILE HA   H  N N 172 
ILE HB   H  N N 173 
ILE HG12 H  N N 174 
ILE HG13 H  N N 175 
ILE HG21 H  N N 176 
ILE HG22 H  N N 177 
ILE HG23 H  N N 178 
ILE HD11 H  N N 179 
ILE HD12 H  N N 180 
ILE HD13 H  N N 181 
ILE HXT  H  N N 182 
LEU N    N  N N 183 
LEU CA   C  N S 184 
LEU C    C  N N 185 
LEU O    O  N N 186 
LEU CB   C  N N 187 
LEU CG   C  N N 188 
LEU CD1  C  N N 189 
LEU CD2  C  N N 190 
LEU OXT  O  N N 191 
LEU H    H  N N 192 
LEU H2   H  N N 193 
LEU HA   H  N N 194 
LEU HB2  H  N N 195 
LEU HB3  H  N N 196 
LEU HG   H  N N 197 
LEU HD11 H  N N 198 
LEU HD12 H  N N 199 
LEU HD13 H  N N 200 
LEU HD21 H  N N 201 
LEU HD22 H  N N 202 
LEU HD23 H  N N 203 
LEU HXT  H  N N 204 
LYS N    N  N N 205 
LYS CA   C  N S 206 
LYS C    C  N N 207 
LYS O    O  N N 208 
LYS CB   C  N N 209 
LYS CG   C  N N 210 
LYS CD   C  N N 211 
LYS CE   C  N N 212 
LYS NZ   N  N N 213 
LYS OXT  O  N N 214 
LYS H    H  N N 215 
LYS H2   H  N N 216 
LYS HA   H  N N 217 
LYS HB2  H  N N 218 
LYS HB3  H  N N 219 
LYS HG2  H  N N 220 
LYS HG3  H  N N 221 
LYS HD2  H  N N 222 
LYS HD3  H  N N 223 
LYS HE2  H  N N 224 
LYS HE3  H  N N 225 
LYS HZ1  H  N N 226 
LYS HZ2  H  N N 227 
LYS HZ3  H  N N 228 
LYS HXT  H  N N 229 
MET N    N  N N 230 
MET CA   C  N S 231 
MET C    C  N N 232 
MET O    O  N N 233 
MET CB   C  N N 234 
MET CG   C  N N 235 
MET SD   S  N N 236 
MET CE   C  N N 237 
MET OXT  O  N N 238 
MET H    H  N N 239 
MET H2   H  N N 240 
MET HA   H  N N 241 
MET HB2  H  N N 242 
MET HB3  H  N N 243 
MET HG2  H  N N 244 
MET HG3  H  N N 245 
MET HE1  H  N N 246 
MET HE2  H  N N 247 
MET HE3  H  N N 248 
MET HXT  H  N N 249 
MSE N    N  N N 250 
MSE CA   C  N S 251 
MSE C    C  N N 252 
MSE O    O  N N 253 
MSE OXT  O  N N 254 
MSE CB   C  N N 255 
MSE CG   C  N N 256 
MSE SE   SE N N 257 
MSE CE   C  N N 258 
MSE H    H  N N 259 
MSE H2   H  N N 260 
MSE HA   H  N N 261 
MSE HXT  H  N N 262 
MSE HB2  H  N N 263 
MSE HB3  H  N N 264 
MSE HG2  H  N N 265 
MSE HG3  H  N N 266 
MSE HE1  H  N N 267 
MSE HE2  H  N N 268 
MSE HE3  H  N N 269 
NA  NA   NA N N 270 
PHE N    N  N N 271 
PHE CA   C  N S 272 
PHE C    C  N N 273 
PHE O    O  N N 274 
PHE CB   C  N N 275 
PHE CG   C  Y N 276 
PHE CD1  C  Y N 277 
PHE CD2  C  Y N 278 
PHE CE1  C  Y N 279 
PHE CE2  C  Y N 280 
PHE CZ   C  Y N 281 
PHE OXT  O  N N 282 
PHE H    H  N N 283 
PHE H2   H  N N 284 
PHE HA   H  N N 285 
PHE HB2  H  N N 286 
PHE HB3  H  N N 287 
PHE HD1  H  N N 288 
PHE HD2  H  N N 289 
PHE HE1  H  N N 290 
PHE HE2  H  N N 291 
PHE HZ   H  N N 292 
PHE HXT  H  N N 293 
PO4 P    P  N N 294 
PO4 O1   O  N N 295 
PO4 O2   O  N N 296 
PO4 O3   O  N N 297 
PO4 O4   O  N N 298 
PRO N    N  N N 299 
PRO CA   C  N S 300 
PRO C    C  N N 301 
PRO O    O  N N 302 
PRO CB   C  N N 303 
PRO CG   C  N N 304 
PRO CD   C  N N 305 
PRO OXT  O  N N 306 
PRO H    H  N N 307 
PRO HA   H  N N 308 
PRO HB2  H  N N 309 
PRO HB3  H  N N 310 
PRO HG2  H  N N 311 
PRO HG3  H  N N 312 
PRO HD2  H  N N 313 
PRO HD3  H  N N 314 
PRO HXT  H  N N 315 
SER N    N  N N 316 
SER CA   C  N S 317 
SER C    C  N N 318 
SER O    O  N N 319 
SER CB   C  N N 320 
SER OG   O  N N 321 
SER OXT  O  N N 322 
SER H    H  N N 323 
SER H2   H  N N 324 
SER HA   H  N N 325 
SER HB2  H  N N 326 
SER HB3  H  N N 327 
SER HG   H  N N 328 
SER HXT  H  N N 329 
THR N    N  N N 330 
THR CA   C  N S 331 
THR C    C  N N 332 
THR O    O  N N 333 
THR CB   C  N R 334 
THR OG1  O  N N 335 
THR CG2  C  N N 336 
THR OXT  O  N N 337 
THR H    H  N N 338 
THR H2   H  N N 339 
THR HA   H  N N 340 
THR HB   H  N N 341 
THR HG1  H  N N 342 
THR HG21 H  N N 343 
THR HG22 H  N N 344 
THR HG23 H  N N 345 
THR HXT  H  N N 346 
TRP N    N  N N 347 
TRP CA   C  N S 348 
TRP C    C  N N 349 
TRP O    O  N N 350 
TRP CB   C  N N 351 
TRP CG   C  Y N 352 
TRP CD1  C  Y N 353 
TRP CD2  C  Y N 354 
TRP NE1  N  Y N 355 
TRP CE2  C  Y N 356 
TRP CE3  C  Y N 357 
TRP CZ2  C  Y N 358 
TRP CZ3  C  Y N 359 
TRP CH2  C  Y N 360 
TRP OXT  O  N N 361 
TRP H    H  N N 362 
TRP H2   H  N N 363 
TRP HA   H  N N 364 
TRP HB2  H  N N 365 
TRP HB3  H  N N 366 
TRP HD1  H  N N 367 
TRP HE1  H  N N 368 
TRP HE3  H  N N 369 
TRP HZ2  H  N N 370 
TRP HZ3  H  N N 371 
TRP HH2  H  N N 372 
TRP HXT  H  N N 373 
TYR N    N  N N 374 
TYR CA   C  N S 375 
TYR C    C  N N 376 
TYR O    O  N N 377 
TYR CB   C  N N 378 
TYR CG   C  Y N 379 
TYR CD1  C  Y N 380 
TYR CD2  C  Y N 381 
TYR CE1  C  Y N 382 
TYR CE2  C  Y N 383 
TYR CZ   C  Y N 384 
TYR OH   O  N N 385 
TYR OXT  O  N N 386 
TYR H    H  N N 387 
TYR H2   H  N N 388 
TYR HA   H  N N 389 
TYR HB2  H  N N 390 
TYR HB3  H  N N 391 
TYR HD1  H  N N 392 
TYR HD2  H  N N 393 
TYR HE1  H  N N 394 
TYR HE2  H  N N 395 
TYR HH   H  N N 396 
TYR HXT  H  N N 397 
VAL N    N  N N 398 
VAL CA   C  N S 399 
VAL C    C  N N 400 
VAL O    O  N N 401 
VAL CB   C  N N 402 
VAL CG1  C  N N 403 
VAL CG2  C  N N 404 
VAL OXT  O  N N 405 
VAL H    H  N N 406 
VAL H2   H  N N 407 
VAL HA   H  N N 408 
VAL HB   H  N N 409 
VAL HG11 H  N N 410 
VAL HG12 H  N N 411 
VAL HG13 H  N N 412 
VAL HG21 H  N N 413 
VAL HG22 H  N N 414 
VAL HG23 H  N N 415 
VAL HXT  H  N N 416 
# 
loop_
_chem_comp_bond.comp_id 
_chem_comp_bond.atom_id_1 
_chem_comp_bond.atom_id_2 
_chem_comp_bond.value_order 
_chem_comp_bond.pdbx_aromatic_flag 
_chem_comp_bond.pdbx_stereo_config 
_chem_comp_bond.pdbx_ordinal 
ALA N   CA   sing N N 1   
ALA N   H    sing N N 2   
ALA N   H2   sing N N 3   
ALA CA  C    sing N N 4   
ALA CA  CB   sing N N 5   
ALA CA  HA   sing N N 6   
ALA C   O    doub N N 7   
ALA C   OXT  sing N N 8   
ALA CB  HB1  sing N N 9   
ALA CB  HB2  sing N N 10  
ALA CB  HB3  sing N N 11  
ALA OXT HXT  sing N N 12  
ARG N   CA   sing N N 13  
ARG N   H    sing N N 14  
ARG N   H2   sing N N 15  
ARG CA  C    sing N N 16  
ARG CA  CB   sing N N 17  
ARG CA  HA   sing N N 18  
ARG C   O    doub N N 19  
ARG C   OXT  sing N N 20  
ARG CB  CG   sing N N 21  
ARG CB  HB2  sing N N 22  
ARG CB  HB3  sing N N 23  
ARG CG  CD   sing N N 24  
ARG CG  HG2  sing N N 25  
ARG CG  HG3  sing N N 26  
ARG CD  NE   sing N N 27  
ARG CD  HD2  sing N N 28  
ARG CD  HD3  sing N N 29  
ARG NE  CZ   sing N N 30  
ARG NE  HE   sing N N 31  
ARG CZ  NH1  sing N N 32  
ARG CZ  NH2  doub N N 33  
ARG NH1 HH11 sing N N 34  
ARG NH1 HH12 sing N N 35  
ARG NH2 HH21 sing N N 36  
ARG NH2 HH22 sing N N 37  
ARG OXT HXT  sing N N 38  
ASN N   CA   sing N N 39  
ASN N   H    sing N N 40  
ASN N   H2   sing N N 41  
ASN CA  C    sing N N 42  
ASN CA  CB   sing N N 43  
ASN CA  HA   sing N N 44  
ASN C   O    doub N N 45  
ASN C   OXT  sing N N 46  
ASN CB  CG   sing N N 47  
ASN CB  HB2  sing N N 48  
ASN CB  HB3  sing N N 49  
ASN CG  OD1  doub N N 50  
ASN CG  ND2  sing N N 51  
ASN ND2 HD21 sing N N 52  
ASN ND2 HD22 sing N N 53  
ASN OXT HXT  sing N N 54  
ASP N   CA   sing N N 55  
ASP N   H    sing N N 56  
ASP N   H2   sing N N 57  
ASP CA  C    sing N N 58  
ASP CA  CB   sing N N 59  
ASP CA  HA   sing N N 60  
ASP C   O    doub N N 61  
ASP C   OXT  sing N N 62  
ASP CB  CG   sing N N 63  
ASP CB  HB2  sing N N 64  
ASP CB  HB3  sing N N 65  
ASP CG  OD1  doub N N 66  
ASP CG  OD2  sing N N 67  
ASP OD2 HD2  sing N N 68  
ASP OXT HXT  sing N N 69  
CYS N   CA   sing N N 70  
CYS N   H    sing N N 71  
CYS N   H2   sing N N 72  
CYS CA  C    sing N N 73  
CYS CA  CB   sing N N 74  
CYS CA  HA   sing N N 75  
CYS C   O    doub N N 76  
CYS C   OXT  sing N N 77  
CYS CB  SG   sing N N 78  
CYS CB  HB2  sing N N 79  
CYS CB  HB3  sing N N 80  
CYS SG  HG   sing N N 81  
CYS OXT HXT  sing N N 82  
GLN N   CA   sing N N 83  
GLN N   H    sing N N 84  
GLN N   H2   sing N N 85  
GLN CA  C    sing N N 86  
GLN CA  CB   sing N N 87  
GLN CA  HA   sing N N 88  
GLN C   O    doub N N 89  
GLN C   OXT  sing N N 90  
GLN CB  CG   sing N N 91  
GLN CB  HB2  sing N N 92  
GLN CB  HB3  sing N N 93  
GLN CG  CD   sing N N 94  
GLN CG  HG2  sing N N 95  
GLN CG  HG3  sing N N 96  
GLN CD  OE1  doub N N 97  
GLN CD  NE2  sing N N 98  
GLN NE2 HE21 sing N N 99  
GLN NE2 HE22 sing N N 100 
GLN OXT HXT  sing N N 101 
GLU N   CA   sing N N 102 
GLU N   H    sing N N 103 
GLU N   H2   sing N N 104 
GLU CA  C    sing N N 105 
GLU CA  CB   sing N N 106 
GLU CA  HA   sing N N 107 
GLU C   O    doub N N 108 
GLU C   OXT  sing N N 109 
GLU CB  CG   sing N N 110 
GLU CB  HB2  sing N N 111 
GLU CB  HB3  sing N N 112 
GLU CG  CD   sing N N 113 
GLU CG  HG2  sing N N 114 
GLU CG  HG3  sing N N 115 
GLU CD  OE1  doub N N 116 
GLU CD  OE2  sing N N 117 
GLU OE2 HE2  sing N N 118 
GLU OXT HXT  sing N N 119 
GLY N   CA   sing N N 120 
GLY N   H    sing N N 121 
GLY N   H2   sing N N 122 
GLY CA  C    sing N N 123 
GLY CA  HA2  sing N N 124 
GLY CA  HA3  sing N N 125 
GLY C   O    doub N N 126 
GLY C   OXT  sing N N 127 
GLY OXT HXT  sing N N 128 
HIS N   CA   sing N N 129 
HIS N   H    sing N N 130 
HIS N   H2   sing N N 131 
HIS CA  C    sing N N 132 
HIS CA  CB   sing N N 133 
HIS CA  HA   sing N N 134 
HIS C   O    doub N N 135 
HIS C   OXT  sing N N 136 
HIS CB  CG   sing N N 137 
HIS CB  HB2  sing N N 138 
HIS CB  HB3  sing N N 139 
HIS CG  ND1  sing Y N 140 
HIS CG  CD2  doub Y N 141 
HIS ND1 CE1  doub Y N 142 
HIS ND1 HD1  sing N N 143 
HIS CD2 NE2  sing Y N 144 
HIS CD2 HD2  sing N N 145 
HIS CE1 NE2  sing Y N 146 
HIS CE1 HE1  sing N N 147 
HIS NE2 HE2  sing N N 148 
HIS OXT HXT  sing N N 149 
HOH O   H1   sing N N 150 
HOH O   H2   sing N N 151 
ILE N   CA   sing N N 152 
ILE N   H    sing N N 153 
ILE N   H2   sing N N 154 
ILE CA  C    sing N N 155 
ILE CA  CB   sing N N 156 
ILE CA  HA   sing N N 157 
ILE C   O    doub N N 158 
ILE C   OXT  sing N N 159 
ILE CB  CG1  sing N N 160 
ILE CB  CG2  sing N N 161 
ILE CB  HB   sing N N 162 
ILE CG1 CD1  sing N N 163 
ILE CG1 HG12 sing N N 164 
ILE CG1 HG13 sing N N 165 
ILE CG2 HG21 sing N N 166 
ILE CG2 HG22 sing N N 167 
ILE CG2 HG23 sing N N 168 
ILE CD1 HD11 sing N N 169 
ILE CD1 HD12 sing N N 170 
ILE CD1 HD13 sing N N 171 
ILE OXT HXT  sing N N 172 
LEU N   CA   sing N N 173 
LEU N   H    sing N N 174 
LEU N   H2   sing N N 175 
LEU CA  C    sing N N 176 
LEU CA  CB   sing N N 177 
LEU CA  HA   sing N N 178 
LEU C   O    doub N N 179 
LEU C   OXT  sing N N 180 
LEU CB  CG   sing N N 181 
LEU CB  HB2  sing N N 182 
LEU CB  HB3  sing N N 183 
LEU CG  CD1  sing N N 184 
LEU CG  CD2  sing N N 185 
LEU CG  HG   sing N N 186 
LEU CD1 HD11 sing N N 187 
LEU CD1 HD12 sing N N 188 
LEU CD1 HD13 sing N N 189 
LEU CD2 HD21 sing N N 190 
LEU CD2 HD22 sing N N 191 
LEU CD2 HD23 sing N N 192 
LEU OXT HXT  sing N N 193 
LYS N   CA   sing N N 194 
LYS N   H    sing N N 195 
LYS N   H2   sing N N 196 
LYS CA  C    sing N N 197 
LYS CA  CB   sing N N 198 
LYS CA  HA   sing N N 199 
LYS C   O    doub N N 200 
LYS C   OXT  sing N N 201 
LYS CB  CG   sing N N 202 
LYS CB  HB2  sing N N 203 
LYS CB  HB3  sing N N 204 
LYS CG  CD   sing N N 205 
LYS CG  HG2  sing N N 206 
LYS CG  HG3  sing N N 207 
LYS CD  CE   sing N N 208 
LYS CD  HD2  sing N N 209 
LYS CD  HD3  sing N N 210 
LYS CE  NZ   sing N N 211 
LYS CE  HE2  sing N N 212 
LYS CE  HE3  sing N N 213 
LYS NZ  HZ1  sing N N 214 
LYS NZ  HZ2  sing N N 215 
LYS NZ  HZ3  sing N N 216 
LYS OXT HXT  sing N N 217 
MET N   CA   sing N N 218 
MET N   H    sing N N 219 
MET N   H2   sing N N 220 
MET CA  C    sing N N 221 
MET CA  CB   sing N N 222 
MET CA  HA   sing N N 223 
MET C   O    doub N N 224 
MET C   OXT  sing N N 225 
MET CB  CG   sing N N 226 
MET CB  HB2  sing N N 227 
MET CB  HB3  sing N N 228 
MET CG  SD   sing N N 229 
MET CG  HG2  sing N N 230 
MET CG  HG3  sing N N 231 
MET SD  CE   sing N N 232 
MET CE  HE1  sing N N 233 
MET CE  HE2  sing N N 234 
MET CE  HE3  sing N N 235 
MET OXT HXT  sing N N 236 
MSE N   CA   sing N N 237 
MSE N   H    sing N N 238 
MSE N   H2   sing N N 239 
MSE CA  C    sing N N 240 
MSE CA  CB   sing N N 241 
MSE CA  HA   sing N N 242 
MSE C   O    doub N N 243 
MSE C   OXT  sing N N 244 
MSE OXT HXT  sing N N 245 
MSE CB  CG   sing N N 246 
MSE CB  HB2  sing N N 247 
MSE CB  HB3  sing N N 248 
MSE CG  SE   sing N N 249 
MSE CG  HG2  sing N N 250 
MSE CG  HG3  sing N N 251 
MSE SE  CE   sing N N 252 
MSE CE  HE1  sing N N 253 
MSE CE  HE2  sing N N 254 
MSE CE  HE3  sing N N 255 
PHE N   CA   sing N N 256 
PHE N   H    sing N N 257 
PHE N   H2   sing N N 258 
PHE CA  C    sing N N 259 
PHE CA  CB   sing N N 260 
PHE CA  HA   sing N N 261 
PHE C   O    doub N N 262 
PHE C   OXT  sing N N 263 
PHE CB  CG   sing N N 264 
PHE CB  HB2  sing N N 265 
PHE CB  HB3  sing N N 266 
PHE CG  CD1  doub Y N 267 
PHE CG  CD2  sing Y N 268 
PHE CD1 CE1  sing Y N 269 
PHE CD1 HD1  sing N N 270 
PHE CD2 CE2  doub Y N 271 
PHE CD2 HD2  sing N N 272 
PHE CE1 CZ   doub Y N 273 
PHE CE1 HE1  sing N N 274 
PHE CE2 CZ   sing Y N 275 
PHE CE2 HE2  sing N N 276 
PHE CZ  HZ   sing N N 277 
PHE OXT HXT  sing N N 278 
PO4 P   O1   doub N N 279 
PO4 P   O2   sing N N 280 
PO4 P   O3   sing N N 281 
PO4 P   O4   sing N N 282 
PRO N   CA   sing N N 283 
PRO N   CD   sing N N 284 
PRO N   H    sing N N 285 
PRO CA  C    sing N N 286 
PRO CA  CB   sing N N 287 
PRO CA  HA   sing N N 288 
PRO C   O    doub N N 289 
PRO C   OXT  sing N N 290 
PRO CB  CG   sing N N 291 
PRO CB  HB2  sing N N 292 
PRO CB  HB3  sing N N 293 
PRO CG  CD   sing N N 294 
PRO CG  HG2  sing N N 295 
PRO CG  HG3  sing N N 296 
PRO CD  HD2  sing N N 297 
PRO CD  HD3  sing N N 298 
PRO OXT HXT  sing N N 299 
SER N   CA   sing N N 300 
SER N   H    sing N N 301 
SER N   H2   sing N N 302 
SER CA  C    sing N N 303 
SER CA  CB   sing N N 304 
SER CA  HA   sing N N 305 
SER C   O    doub N N 306 
SER C   OXT  sing N N 307 
SER CB  OG   sing N N 308 
SER CB  HB2  sing N N 309 
SER CB  HB3  sing N N 310 
SER OG  HG   sing N N 311 
SER OXT HXT  sing N N 312 
THR N   CA   sing N N 313 
THR N   H    sing N N 314 
THR N   H2   sing N N 315 
THR CA  C    sing N N 316 
THR CA  CB   sing N N 317 
THR CA  HA   sing N N 318 
THR C   O    doub N N 319 
THR C   OXT  sing N N 320 
THR CB  OG1  sing N N 321 
THR CB  CG2  sing N N 322 
THR CB  HB   sing N N 323 
THR OG1 HG1  sing N N 324 
THR CG2 HG21 sing N N 325 
THR CG2 HG22 sing N N 326 
THR CG2 HG23 sing N N 327 
THR OXT HXT  sing N N 328 
TRP N   CA   sing N N 329 
TRP N   H    sing N N 330 
TRP N   H2   sing N N 331 
TRP CA  C    sing N N 332 
TRP CA  CB   sing N N 333 
TRP CA  HA   sing N N 334 
TRP C   O    doub N N 335 
TRP C   OXT  sing N N 336 
TRP CB  CG   sing N N 337 
TRP CB  HB2  sing N N 338 
TRP CB  HB3  sing N N 339 
TRP CG  CD1  doub Y N 340 
TRP CG  CD2  sing Y N 341 
TRP CD1 NE1  sing Y N 342 
TRP CD1 HD1  sing N N 343 
TRP CD2 CE2  doub Y N 344 
TRP CD2 CE3  sing Y N 345 
TRP NE1 CE2  sing Y N 346 
TRP NE1 HE1  sing N N 347 
TRP CE2 CZ2  sing Y N 348 
TRP CE3 CZ3  doub Y N 349 
TRP CE3 HE3  sing N N 350 
TRP CZ2 CH2  doub Y N 351 
TRP CZ2 HZ2  sing N N 352 
TRP CZ3 CH2  sing Y N 353 
TRP CZ3 HZ3  sing N N 354 
TRP CH2 HH2  sing N N 355 
TRP OXT HXT  sing N N 356 
TYR N   CA   sing N N 357 
TYR N   H    sing N N 358 
TYR N   H2   sing N N 359 
TYR CA  C    sing N N 360 
TYR CA  CB   sing N N 361 
TYR CA  HA   sing N N 362 
TYR C   O    doub N N 363 
TYR C   OXT  sing N N 364 
TYR CB  CG   sing N N 365 
TYR CB  HB2  sing N N 366 
TYR CB  HB3  sing N N 367 
TYR CG  CD1  doub Y N 368 
TYR CG  CD2  sing Y N 369 
TYR CD1 CE1  sing Y N 370 
TYR CD1 HD1  sing N N 371 
TYR CD2 CE2  doub Y N 372 
TYR CD2 HD2  sing N N 373 
TYR CE1 CZ   doub Y N 374 
TYR CE1 HE1  sing N N 375 
TYR CE2 CZ   sing Y N 376 
TYR CE2 HE2  sing N N 377 
TYR CZ  OH   sing N N 378 
TYR OH  HH   sing N N 379 
TYR OXT HXT  sing N N 380 
VAL N   CA   sing N N 381 
VAL N   H    sing N N 382 
VAL N   H2   sing N N 383 
VAL CA  C    sing N N 384 
VAL CA  CB   sing N N 385 
VAL CA  HA   sing N N 386 
VAL C   O    doub N N 387 
VAL C   OXT  sing N N 388 
VAL CB  CG1  sing N N 389 
VAL CB  CG2  sing N N 390 
VAL CB  HB   sing N N 391 
VAL CG1 HG11 sing N N 392 
VAL CG1 HG12 sing N N 393 
VAL CG1 HG13 sing N N 394 
VAL CG2 HG21 sing N N 395 
VAL CG2 HG22 sing N N 396 
VAL CG2 HG23 sing N N 397 
VAL OXT HXT  sing N N 398 
# 
_atom_sites.entry_id                    2HHG 
_atom_sites.fract_transf_matrix[1][1]   0.00688895 
_atom_sites.fract_transf_matrix[1][2]   -0.01406344 
_atom_sites.fract_transf_matrix[1][3]   -0.00060388 
_atom_sites.fract_transf_matrix[2][1]   0.00225727 
_atom_sites.fract_transf_matrix[2][2]   0.00010014 
_atom_sites.fract_transf_matrix[2][3]   0.02341825 
_atom_sites.fract_transf_matrix[3][1]   -0.01831171 
_atom_sites.fract_transf_matrix[3][2]   -0.01621086 
_atom_sites.fract_transf_matrix[3][3]   0.00183438 
_atom_sites.fract_transf_vector[1]      0.118993 
_atom_sites.fract_transf_vector[2]      0.487452 
_atom_sites.fract_transf_vector[3]      0.232816 
# 
loop_
_atom_type.symbol 
C  
N  
NA 
O  
P  
S  
SE 
# 
loop_
_atom_site.group_PDB 
_atom_site.id 
_atom_site.type_symbol 
_atom_site.label_atom_id 
_atom_site.label_alt_id 
_atom_site.label_comp_id 
_atom_site.label_asym_id 
_atom_site.label_entity_id 
_atom_site.label_seq_id 
_atom_site.pdbx_PDB_ins_code 
_atom_site.Cartn_x 
_atom_site.Cartn_y 
_atom_site.Cartn_z 
_atom_site.occupancy 
_atom_site.B_iso_or_equiv 
_atom_site.pdbx_formal_charge 
_atom_site.auth_seq_id 
_atom_site.auth_comp_id 
_atom_site.auth_asym_id 
_atom_site.auth_atom_id 
_atom_site.pdbx_PDB_model_num 
ATOM   1    N  N   . GLY A 1 1   ? -11.002 35.788  -2.968  1.00 17.18 ? 0    GLY A N   1 
ATOM   2    C  CA  . GLY A 1 1   ? -10.281 35.642  -4.206  1.00 16.20 ? 0    GLY A CA  1 
ATOM   3    C  C   . GLY A 1 1   ? -10.735 34.355  -4.919  1.00 15.55 ? 0    GLY A C   1 
ATOM   4    O  O   . GLY A 1 1   ? -11.497 33.622  -4.388  1.00 15.17 ? 0    GLY A O   1 
HETATM 5    N  N   . MSE A 1 2   ? -10.301 34.158  -6.149  1.00 20.00 ? 1    MSE A N   1 
HETATM 6    C  CA  . MSE A 1 2   ? -10.729 32.984  -6.912  1.00 20.00 ? 1    MSE A CA  1 
HETATM 7    C  C   . MSE A 1 2   ? -10.030 31.773  -6.355  1.00 20.00 ? 1    MSE A C   1 
HETATM 8    O  O   . MSE A 1 2   ? -8.858  31.817  -6.104  1.00 14.81 ? 1    MSE A O   1 
HETATM 9    C  CB  . MSE A 1 2   ? -10.320 33.101  -8.392  1.00 20.00 ? 1    MSE A CB  1 
HETATM 10   C  CG  . MSE A 1 2   ? -11.003 34.282  -9.174  1.00 20.00 ? 1    MSE A CG  1 
HETATM 11   SE SE  . MSE A 1 2   ? -12.858 33.777  -9.453  1.00 20.00 ? 1    MSE A SE  1 
HETATM 12   C  CE  . MSE A 1 2   ? -12.604 32.253  -10.679 1.00 20.00 ? 1    MSE A CE  1 
ATOM   13   N  N   . PRO A 1 3   ? -10.722 30.667  -6.220  1.00 13.32 ? 2    PRO A N   1 
ATOM   14   C  CA  . PRO A 1 3   ? -10.132 29.489  -5.600  1.00 13.32 ? 2    PRO A CA  1 
ATOM   15   C  C   . PRO A 1 3   ? -9.203  28.800  -6.603  1.00 12.80 ? 2    PRO A C   1 
ATOM   16   O  O   . PRO A 1 3   ? -9.201  29.080  -7.774  1.00 13.23 ? 2    PRO A O   1 
ATOM   17   C  CB  . PRO A 1 3   ? -11.320 28.663  -5.275  1.00 13.61 ? 2    PRO A CB  1 
ATOM   18   C  CG  . PRO A 1 3   ? -12.321 28.979  -6.324  1.00 13.13 ? 2    PRO A CG  1 
ATOM   19   C  CD  . PRO A 1 3   ? -12.130 30.465  -6.559  1.00 13.23 ? 2    PRO A CD  1 
ATOM   20   N  N   . GLN A 1 4   ? -8.409  27.899  -6.066  1.00 12.03 ? 3    GLN A N   1 
ATOM   21   C  CA  . GLN A 1 4   ? -7.608  27.026  -6.896  1.00 11.20 ? 3    GLN A CA  1 
ATOM   22   C  C   . GLN A 1 4   ? -8.530  26.146  -7.710  1.00 11.33 ? 3    GLN A C   1 
ATOM   23   O  O   . GLN A 1 4   ? -9.590  25.736  -7.226  1.00 12.34 ? 3    GLN A O   1 
ATOM   24   C  CB  . GLN A 1 4   ? -6.730  26.149  -6.011  1.00 10.58 ? 3    GLN A CB  1 
ATOM   25   C  CG  . GLN A 1 4   ? -5.674  26.923  -5.247  1.00 9.35  ? 3    GLN A CG  1 
ATOM   26   C  CD  . GLN A 1 4   ? -4.497  27.317  -6.126  1.00 8.87  ? 3    GLN A CD  1 
ATOM   27   O  OE1 . GLN A 1 4   ? -4.226  26.694  -7.160  1.00 9.31  ? 3    GLN A OE1 1 
ATOM   28   N  NE2 . GLN A 1 4   ? -3.782  28.345  -5.706  1.00 10.09 ? 3    GLN A NE2 1 
ATOM   29   N  N   . THR A 1 5   ? -8.127  25.854  -8.941  1.00 11.52 ? 4    THR A N   1 
ATOM   30   C  CA  A THR A 1 5   ? -8.928  24.998  -9.796  0.50 12.25 ? 4    THR A CA  1 
ATOM   31   C  CA  B THR A 1 5   ? -8.910  25.001  -9.832  0.50 11.99 ? 4    THR A CA  1 
ATOM   32   C  C   . THR A 1 5   ? -8.215  23.671  -10.040 1.00 12.05 ? 4    THR A C   1 
ATOM   33   O  O   . THR A 1 5   ? -7.196  23.591  -10.729 1.00 12.29 ? 4    THR A O   1 
ATOM   34   C  CB  A THR A 1 5   ? -9.385  25.735  -11.087 0.50 12.62 ? 4    THR A CB  1 
ATOM   35   C  CB  B THR A 1 5   ? -9.129  25.648  -11.206 0.50 12.06 ? 4    THR A CB  1 
ATOM   36   O  OG1 A THR A 1 5   ? -9.828  24.797  -12.077 0.50 13.06 ? 4    THR A OG1 1 
ATOM   37   O  OG1 B THR A 1 5   ? -7.863  25.908  -11.815 0.50 13.18 ? 4    THR A OG1 1 
ATOM   38   C  CG2 A THR A 1 5   ? -8.274  26.595  -11.641 0.50 13.89 ? 4    THR A CG2 1 
ATOM   39   C  CG2 B THR A 1 5   ? -9.900  26.940  -11.067 0.50 12.18 ? 4    THR A CG2 1 
ATOM   40   N  N   . ILE A 1 6   ? -8.759  22.632  -9.429  1.00 11.63 ? 5    ILE A N   1 
ATOM   41   C  CA  . ILE A 1 6   ? -8.185  21.320  -9.548  1.00 11.92 ? 5    ILE A CA  1 
ATOM   42   C  C   . ILE A 1 6   ? -8.848  20.651  -10.741 1.00 11.71 ? 5    ILE A C   1 
ATOM   43   O  O   . ILE A 1 6   ? -10.079 20.527  -10.814 1.00 12.56 ? 5    ILE A O   1 
ATOM   44   C  CB  . ILE A 1 6   ? -8.327  20.513  -8.233  1.00 12.06 ? 5    ILE A CB  1 
ATOM   45   C  CG1 . ILE A 1 6   ? -7.595  21.236  -7.082  1.00 12.03 ? 5    ILE A CG1 1 
ATOM   46   C  CG2 . ILE A 1 6   ? -7.850  19.074  -8.415  1.00 12.64 ? 5    ILE A CG2 1 
ATOM   47   C  CD1 . ILE A 1 6   ? -6.135  21.619  -7.365  1.00 11.88 ? 5    ILE A CD1 1 
ATOM   48   N  N   . THR A 1 7   ? -8.013  20.260  -11.694 1.00 11.26 ? 6    THR A N   1 
ATOM   49   C  CA  . THR A 1 7   ? -8.474  19.657  -12.935 1.00 11.66 ? 6    THR A CA  1 
ATOM   50   C  C   . THR A 1 7   ? -8.154  18.164  -13.033 1.00 11.89 ? 6    THR A C   1 
ATOM   51   O  O   . THR A 1 7   ? -8.687  17.473  -13.900 1.00 12.78 ? 6    THR A O   1 
ATOM   52   C  CB  . THR A 1 7   ? -7.908  20.422  -14.131 1.00 11.52 ? 6    THR A CB  1 
ATOM   53   O  OG1 . THR A 1 7   ? -6.516  20.681  -13.909 1.00 12.09 ? 6    THR A OG1 1 
ATOM   54   C  CG2 . THR A 1 7   ? -8.646  21.754  -14.283 1.00 12.53 ? 6    THR A CG2 1 
ATOM   55   N  N   . ARG A 1 8   ? -7.295  17.674  -12.140 1.00 11.51 ? 7    ARG A N   1 
ATOM   56   C  CA  . ARG A 1 8   ? -7.004  16.246  -12.017 1.00 11.73 ? 7    ARG A CA  1 
ATOM   57   C  C   . ARG A 1 8   ? -7.007  15.916  -10.536 1.00 11.53 ? 7    ARG A C   1 
ATOM   58   O  O   . ARG A 1 8   ? -6.122  16.341  -9.786  1.00 11.65 ? 7    ARG A O   1 
ATOM   59   C  CB  . ARG A 1 8   ? -5.657  15.900  -12.651 1.00 12.18 ? 7    ARG A CB  1 
ATOM   60   C  CG  . ARG A 1 8   ? -5.202  14.461  -12.432 1.00 13.69 ? 7    ARG A CG  1 
ATOM   61   C  CD  . ARG A 1 8   ? -3.898  14.195  -13.165 1.00 15.41 ? 7    ARG A CD  1 
ATOM   62   N  NE  . ARG A 1 8   ? -3.288  12.925  -12.771 1.00 16.07 ? 7    ARG A NE  1 
ATOM   63   C  CZ  . ARG A 1 8   ? -3.640  11.736  -13.253 1.00 16.23 ? 7    ARG A CZ  1 
ATOM   64   N  NH1 . ARG A 1 8   ? -4.615  11.630  -14.149 1.00 16.42 ? 7    ARG A NH1 1 
ATOM   65   N  NH2 . ARG A 1 8   ? -3.015  10.643  -12.830 1.00 17.69 ? 7    ARG A NH2 1 
ATOM   66   N  N   . GLY A 1 9   ? -8.029  15.187  -10.112 1.00 10.92 ? 8    GLY A N   1 
ATOM   67   C  CA  . GLY A 1 9   ? -8.212  14.887  -8.705  1.00 11.28 ? 8    GLY A CA  1 
ATOM   68   C  C   . GLY A 1 9   ? -8.018  13.421  -8.388  1.00 10.65 ? 8    GLY A C   1 
ATOM   69   O  O   . GLY A 1 9   ? -7.601  12.625  -9.243  1.00 11.18 ? 8    GLY A O   1 
ATOM   70   N  N   . ILE A 1 10  ? -8.332  13.056  -7.151  1.00 10.45 ? 9    ILE A N   1 
ATOM   71   C  CA  . ILE A 1 10  ? -8.134  11.679  -6.716  1.00 10.13 ? 9    ILE A CA  1 
ATOM   72   C  C   . ILE A 1 10  ? -9.016  10.688  -7.470  1.00 10.09 ? 9    ILE A C   1 
ATOM   73   O  O   . ILE A 1 10  ? -8.615  9.540   -7.662  1.00 9.74  ? 9    ILE A O   1 
ATOM   74   C  CB  . ILE A 1 10  ? -8.265  11.493  -5.181  1.00 10.06 ? 9    ILE A CB  1 
ATOM   75   C  CG1 . ILE A 1 10  ? -9.698  11.763  -4.708  1.00 11.06 ? 9    ILE A CG1 1 
ATOM   76   C  CG2 . ILE A 1 10  ? -7.229  12.349  -4.437  1.00 11.08 ? 9    ILE A CG2 1 
ATOM   77   C  CD1 . ILE A 1 10  ? -9.984  11.287  -3.284  1.00 12.78 ? 9    ILE A CD1 1 
ATOM   78   N  N   . LYS A 1 11  ? -10.190 11.123  -7.924  1.00 10.25 ? 10   LYS A N   1 
ATOM   79   C  CA  . LYS A 1 11  ? -11.057 10.227  -8.685  1.00 11.47 ? 10   LYS A CA  1 
ATOM   80   C  C   . LYS A 1 11  ? -10.340 9.692   -9.930  1.00 11.51 ? 10   LYS A C   1 
ATOM   81   O  O   . LYS A 1 11  ? -10.316 8.482   -10.161 1.00 11.74 ? 10   LYS A O   1 
ATOM   82   C  CB  . LYS A 1 11  ? -12.367 10.920  -9.052  1.00 11.96 ? 10   LYS A CB  1 
ATOM   83   C  CG  . LYS A 1 11  ? -13.369 10.006  -9.735  1.00 14.86 ? 10   LYS A CG  1 
ATOM   84   C  CD  . LYS A 1 11  ? -14.682 10.723  -10.005 1.00 18.39 ? 10   LYS A CD  1 
ATOM   85   C  CE  . LYS A 1 11  ? -15.761 9.752   -10.449 1.00 19.52 ? 10   LYS A CE  1 
ATOM   86   N  NZ  . LYS A 1 11  ? -15.344 8.998   -11.657 1.00 22.02 ? 10   LYS A NZ  1 
ATOM   87   N  N   . ALA A 1 12  ? -9.737  10.591  -10.707 1.00 11.50 ? 11   ALA A N   1 
ATOM   88   C  CA  . ALA A 1 12  ? -8.983  10.201  -11.898 1.00 11.53 ? 11   ALA A CA  1 
ATOM   89   C  C   . ALA A 1 12  ? -7.789  9.322   -11.546 1.00 11.31 ? 11   ALA A C   1 
ATOM   90   O  O   . ALA A 1 12  ? -7.545  8.306   -12.194 1.00 11.36 ? 11   ALA A O   1 
ATOM   91   C  CB  . ALA A 1 12  ? -8.523  11.427  -12.670 1.00 12.15 ? 11   ALA A CB  1 
HETATM 92   N  N   . MSE A 1 13  ? -7.051  9.717   -10.515 1.00 10.68 ? 12   MSE A N   1 
HETATM 93   C  CA  . MSE A 1 13  ? -5.864  8.969   -10.102 1.00 10.30 ? 12   MSE A CA  1 
HETATM 94   C  C   . MSE A 1 13  ? -6.199  7.566   -9.626  1.00 10.19 ? 12   MSE A C   1 
HETATM 95   O  O   . MSE A 1 13  ? -5.487  6.612   -9.949  1.00 10.35 ? 12   MSE A O   1 
HETATM 96   C  CB  . MSE A 1 13  ? -5.109  9.701   -9.003  1.00 10.75 ? 12   MSE A CB  1 
HETATM 97   C  CG  . MSE A 1 13  ? -4.578  11.051  -9.413  1.00 12.26 ? 12   MSE A CG  1 
HETATM 98   SE SE  . MSE A 1 13  ? -3.881  11.917  -7.847  1.00 21.50 ? 12   MSE A SE  1 
HETATM 99   C  CE  . MSE A 1 13  ? -3.931  13.727  -8.512  1.00 20.25 ? 12   MSE A CE  1 
ATOM   100  N  N   . LEU A 1 14  ? -7.275  7.452   -8.853  1.00 9.82  ? 13   LEU A N   1 
ATOM   101  C  CA  . LEU A 1 14  ? -7.701  6.173   -8.302  1.00 10.36 ? 13   LEU A CA  1 
ATOM   102  C  C   . LEU A 1 14  ? -8.242  5.237   -9.377  1.00 11.59 ? 13   LEU A C   1 
ATOM   103  O  O   . LEU A 1 14  ? -7.980  4.030   -9.336  1.00 11.68 ? 13   LEU A O   1 
ATOM   104  C  CB  . LEU A 1 14  ? -8.717  6.380   -7.179  1.00 10.41 ? 13   LEU A CB  1 
ATOM   105  C  CG  . LEU A 1 14  ? -8.131  6.935   -5.877  1.00 9.94  ? 13   LEU A CG  1 
ATOM   106  C  CD1 . LEU A 1 14  ? -9.231  7.448   -4.969  1.00 10.80 ? 13   LEU A CD1 1 
ATOM   107  C  CD2 . LEU A 1 14  ? -7.271  5.894   -5.157  1.00 10.46 ? 13   LEU A CD2 1 
ATOM   108  N  N   . ASP A 1 15  ? -8.977  5.790   -10.342 1.00 12.45 ? 14   ASP A N   1 
ATOM   109  C  CA  A ASP A 1 15  ? -9.479  5.006   -11.466 0.50 13.15 ? 14   ASP A CA  1 
ATOM   110  C  CA  B ASP A 1 15  ? -9.481  5.002   -11.460 0.50 13.17 ? 14   ASP A CA  1 
ATOM   111  C  C   . ASP A 1 15  ? -8.316  4.385   -12.231 1.00 13.13 ? 14   ASP A C   1 
ATOM   112  O  O   . ASP A 1 15  ? -8.319  3.179   -12.515 1.00 13.78 ? 14   ASP A O   1 
ATOM   113  C  CB  A ASP A 1 15  ? -10.321 5.870   -12.409 0.50 13.68 ? 14   ASP A CB  1 
ATOM   114  C  CB  B ASP A 1 15  ? -10.358 5.862   -12.381 0.50 13.71 ? 14   ASP A CB  1 
ATOM   115  C  CG  A ASP A 1 15  ? -10.711 5.132   -13.679 0.50 14.78 ? 14   ASP A CG  1 
ATOM   116  C  CG  B ASP A 1 15  ? -11.742 6.131   -11.799 0.50 14.89 ? 14   ASP A CG  1 
ATOM   117  O  OD1 A ASP A 1 15  ? -11.332 4.054   -13.576 0.50 15.96 ? 14   ASP A OD1 1 
ATOM   118  O  OD1 B ASP A 1 15  ? -12.135 5.459   -10.820 0.50 16.14 ? 14   ASP A OD1 1 
ATOM   119  O  OD2 A ASP A 1 15  ? -10.384 5.623   -14.779 0.50 16.77 ? 14   ASP A OD2 1 
ATOM   120  O  OD2 B ASP A 1 15  ? -12.446 7.019   -12.329 0.50 16.82 ? 14   ASP A OD2 1 
ATOM   121  N  N   . GLU A 1 16  ? -7.321  5.209   -12.554 1.00 12.91 ? 15   GLU A N   1 
ATOM   122  C  CA  . GLU A 1 16  ? -6.127  4.756   -13.266 1.00 12.85 ? 15   GLU A CA  1 
ATOM   123  C  C   . GLU A 1 16  ? -5.387  3.669   -12.492 1.00 12.16 ? 15   GLU A C   1 
ATOM   124  O  O   . GLU A 1 16  ? -4.933  2.682   -13.077 1.00 12.49 ? 15   GLU A O   1 
ATOM   125  C  CB  . GLU A 1 16  ? -5.171  5.923   -13.518 1.00 13.46 ? 15   GLU A CB  1 
ATOM   126  C  CG  . GLU A 1 16  ? -5.618  6.907   -14.588 1.00 15.78 ? 15   GLU A CG  1 
ATOM   127  C  CD  . GLU A 1 16  ? -4.732  8.144   -14.661 1.00 17.93 ? 15   GLU A CD  1 
ATOM   128  O  OE1 . GLU A 1 16  ? -3.611  8.129   -14.110 1.00 19.12 ? 15   GLU A OE1 1 
ATOM   129  O  OE2 . GLU A 1 16  ? -5.163  9.142   -15.271 1.00 20.80 ? 15   GLU A OE2 1 
ATOM   130  N  N   . ALA A 1 17  ? -5.263  3.860   -11.181 1.00 11.24 ? 16   ALA A N   1 
ATOM   131  C  CA  . ALA A 1 17  ? -4.579  2.895   -10.334 1.00 11.05 ? 16   ALA A CA  1 
ATOM   132  C  C   . ALA A 1 17  ? -5.364  1.592   -10.229 1.00 11.43 ? 16   ALA A C   1 
ATOM   133  O  O   . ALA A 1 17  ? -4.826  0.515   -10.514 1.00 10.77 ? 16   ALA A O   1 
ATOM   134  C  CB  . ALA A 1 17  ? -4.328  3.487   -8.957  1.00 10.70 ? 16   ALA A CB  1 
ATOM   135  N  N   . ASN A 1 18  ? -6.632  1.696   -9.835  1.00 12.36 ? 17   ASN A N   1 
ATOM   136  C  CA  . ASN A 1 18  ? -7.477  0.519   -9.639  1.00 13.50 ? 17   ASN A CA  1 
ATOM   137  C  C   . ASN A 1 18  ? -7.524  -0.414  -10.838 1.00 13.66 ? 17   ASN A C   1 
ATOM   138  O  O   . ASN A 1 18  ? -7.467  -1.638  -10.674 1.00 14.14 ? 17   ASN A O   1 
ATOM   139  C  CB  . ASN A 1 18  ? -8.894  0.925   -9.243  1.00 14.05 ? 17   ASN A CB  1 
ATOM   140  C  CG  . ASN A 1 18  ? -8.988  1.384   -7.810  1.00 16.49 ? 17   ASN A CG  1 
ATOM   141  O  OD1 . ASN A 1 18  ? -8.281  0.883   -6.935  1.00 20.85 ? 17   ASN A OD1 1 
ATOM   142  N  ND2 . ASN A 1 18  ? -9.876  2.335   -7.553  1.00 17.24 ? 17   ASN A ND2 1 
ATOM   143  N  N   . SER A 1 19  ? -7.610  0.149   -12.037 1.00 13.71 ? 18   SER A N   1 
ATOM   144  C  CA  . SER A 1 19  ? -7.750  -0.657  -13.247 1.00 13.79 ? 18   SER A CA  1 
ATOM   145  C  C   . SER A 1 19  ? -6.438  -1.291  -13.715 1.00 13.01 ? 18   SER A C   1 
ATOM   146  O  O   . SER A 1 19  ? -6.433  -2.105  -14.641 1.00 13.01 ? 18   SER A O   1 
ATOM   147  C  CB  . SER A 1 19  ? -8.372  0.173   -14.369 1.00 15.03 ? 18   SER A CB  1 
ATOM   148  O  OG  . SER A 1 19  ? -7.492  1.199   -14.769 1.00 16.75 ? 18   SER A OG  1 
ATOM   149  N  N   . SER A 1 20  ? -5.337  -0.919  -13.066 1.00 11.68 ? 19   SER A N   1 
ATOM   150  C  CA  . SER A 1 20  ? -4.002  -1.391  -13.425 1.00 11.34 ? 19   SER A CA  1 
ATOM   151  C  C   . SER A 1 20  ? -3.412  -2.354  -12.395 1.00 10.01 ? 19   SER A C   1 
ATOM   152  O  O   . SER A 1 20  ? -2.404  -3.001  -12.672 1.00 9.65  ? 19   SER A O   1 
ATOM   153  C  CB  . SER A 1 20  ? -3.052  -0.196  -13.581 1.00 12.23 ? 19   SER A CB  1 
ATOM   154  O  OG  . SER A 1 20  ? -3.377  0.592   -14.714 1.00 16.07 ? 19   SER A OG  1 
ATOM   155  N  N   . ILE A 1 21  ? -4.015  -2.426  -11.208 1.00 9.18  ? 20   ILE A N   1 
ATOM   156  C  CA  . ILE A 1 21  ? -3.437  -3.192  -10.106 1.00 8.71  ? 20   ILE A CA  1 
ATOM   157  C  C   . ILE A 1 21  ? -4.362  -4.276  -9.565  1.00 9.01  ? 20   ILE A C   1 
ATOM   158  O  O   . ILE A 1 21  ? -5.572  -4.239  -9.775  1.00 9.11  ? 20   ILE A O   1 
ATOM   159  C  CB  . ILE A 1 21  ? -3.012  -2.266  -8.931  1.00 8.55  ? 20   ILE A CB  1 
ATOM   160  C  CG1 . ILE A 1 21  ? -4.254  -1.692  -8.229  1.00 9.83  ? 20   ILE A CG1 1 
ATOM   161  C  CG2 . ILE A 1 21  ? -2.052  -1.177  -9.414  1.00 8.97  ? 20   ILE A CG2 1 
ATOM   162  C  CD1 . ILE A 1 21  ? -3.945  -0.763  -7.063  1.00 9.93  ? 20   ILE A CD1 1 
ATOM   163  N  N   . GLU A 1 22  ? -3.767  -5.228  -8.856  1.00 8.83  ? 21   GLU A N   1 
ATOM   164  C  CA  . GLU A 1 22  ? -4.518  -6.219  -8.104  1.00 9.25  ? 21   GLU A CA  1 
ATOM   165  C  C   . GLU A 1 22  ? -5.075  -5.611  -6.826  1.00 8.98  ? 21   GLU A C   1 
ATOM   166  O  O   . GLU A 1 22  ? -4.313  -5.153  -5.958  1.00 8.71  ? 21   GLU A O   1 
ATOM   167  C  CB  . GLU A 1 22  ? -3.627  -7.411  -7.755  1.00 9.37  ? 21   GLU A CB  1 
ATOM   168  C  CG  . GLU A 1 22  ? -4.328  -8.425  -6.847  1.00 8.92  ? 21   GLU A CG  1 
ATOM   169  C  CD  . GLU A 1 22  ? -3.468  -9.608  -6.436  1.00 9.67  ? 21   GLU A CD  1 
ATOM   170  O  OE1 . GLU A 1 22  ? -2.326  -9.739  -6.916  1.00 11.02 ? 21   GLU A OE1 1 
ATOM   171  O  OE2 . GLU A 1 22  ? -3.958  -10.419 -5.626  1.00 11.24 ? 21   GLU A OE2 1 
ATOM   172  N  N   . THR A 1 23  ? -6.399  -5.621  -6.703  1.00 9.43  ? 22   THR A N   1 
ATOM   173  C  CA  . THR A 1 23  ? -7.040  -5.329  -5.433  1.00 10.79 ? 22   THR A CA  1 
ATOM   174  C  C   . THR A 1 23  ? -7.352  -6.658  -4.774  1.00 10.45 ? 22   THR A C   1 
ATOM   175  O  O   . THR A 1 23  ? -8.200  -7.439  -5.236  1.00 10.49 ? 22   THR A O   1 
ATOM   176  C  CB  . THR A 1 23  ? -8.305  -4.466  -5.578  1.00 11.30 ? 22   THR A CB  1 
ATOM   177  O  OG1 . THR A 1 23  ? -7.941  -3.193  -6.120  1.00 14.04 ? 22   THR A OG1 1 
ATOM   178  C  CG2 . THR A 1 23  ? -8.956  -4.235  -4.218  1.00 13.37 ? 22   THR A CG2 1 
ATOM   179  N  N   . LEU A 1 24  ? -6.624  -6.918  -3.705  1.00 10.61 ? 23   LEU A N   1 
ATOM   180  C  CA  . LEU A 1 24  ? -6.764  -8.134  -2.950  1.00 11.26 ? 23   LEU A CA  1 
ATOM   181  C  C   . LEU A 1 24  ? -7.894  -7.920  -1.949  1.00 10.98 ? 23   LEU A C   1 
ATOM   182  O  O   . LEU A 1 24  ? -7.868  -6.946  -1.196  1.00 11.28 ? 23   LEU A O   1 
ATOM   183  C  CB  . LEU A 1 24  ? -5.427  -8.378  -2.253  1.00 11.87 ? 23   LEU A CB  1 
ATOM   184  C  CG  . LEU A 1 24  ? -5.122  -9.631  -1.456  1.00 12.69 ? 23   LEU A CG  1 
ATOM   185  C  CD1 . LEU A 1 24  ? -5.242  -10.883 -2.308  1.00 11.46 ? 23   LEU A CD1 1 
ATOM   186  C  CD2 . LEU A 1 24  ? -3.716  -9.494  -0.892  1.00 13.68 ? 23   LEU A CD2 1 
ATOM   187  N  N   . THR A 1 25  ? -8.897  -8.801  -1.941  1.00 11.22 ? 24   THR A N   1 
ATOM   188  C  CA  . THR A 1 25  ? -9.990  -8.654  -0.971  1.00 11.39 ? 24   THR A CA  1 
ATOM   189  C  C   . THR A 1 25  ? -9.446  -8.754  0.449   1.00 10.95 ? 24   THR A C   1 
ATOM   190  O  O   . THR A 1 25  ? -8.408  -9.378  0.688   1.00 10.05 ? 24   THR A O   1 
ATOM   191  C  CB  . THR A 1 25  ? -11.118 -9.698  -1.136  1.00 11.90 ? 24   THR A CB  1 
ATOM   192  O  OG1 . THR A 1 25  ? -10.632 -10.996 -0.788  1.00 12.08 ? 24   THR A OG1 1 
ATOM   193  C  CG2 . THR A 1 25  ? -11.672 -9.705  -2.554  1.00 13.12 ? 24   THR A CG2 1 
ATOM   194  N  N   . THR A 1 26  ? -10.145 -8.131  1.387   1.00 10.89 ? 25   THR A N   1 
ATOM   195  C  CA  . THR A 1 26  ? -9.724  -8.171  2.774   1.00 11.57 ? 25   THR A CA  1 
ATOM   196  C  C   . THR A 1 26  ? -9.597  -9.618  3.252   1.00 10.92 ? 25   THR A C   1 
ATOM   197  O  O   . THR A 1 26  ? -8.605  -9.976  3.892   1.00 10.67 ? 25   THR A O   1 
ATOM   198  C  CB  . THR A 1 26  ? -10.692 -7.383  3.660   1.00 11.80 ? 25   THR A CB  1 
ATOM   199  O  OG1 . THR A 1 26  ? -11.057 -6.167  2.993   1.00 13.36 ? 25   THR A OG1 1 
ATOM   200  C  CG2 . THR A 1 26  ? -10.045 -7.059  4.985   1.00 13.18 ? 25   THR A CG2 1 
ATOM   201  N  N   . ALA A 1 27  ? -10.572 -10.457 2.897   1.00 11.00 ? 26   ALA A N   1 
ATOM   202  C  CA  . ALA A 1 27  ? -10.575 -11.852 3.324   1.00 10.98 ? 26   ALA A CA  1 
ATOM   203  C  C   . ALA A 1 27  ? -9.394  -12.622 2.735   1.00 10.52 ? 26   ALA A C   1 
ATOM   204  O  O   . ALA A 1 27  ? -8.757  -13.415 3.426   1.00 10.45 ? 26   ALA A O   1 
ATOM   205  C  CB  . ALA A 1 27  ? -11.890 -12.525 2.964   1.00 11.58 ? 26   ALA A CB  1 
ATOM   206  N  N   . ASP A 1 28  ? -9.091  -12.381 1.462   1.00 10.01 ? 27   ASP A N   1 
ATOM   207  C  CA  . ASP A 1 28  ? -7.950  -13.035 0.834   1.00 9.94  ? 27   ASP A CA  1 
ATOM   208  C  C   . ASP A 1 28  ? -6.621  -12.592 1.453   1.00 8.91  ? 27   ASP A C   1 
ATOM   209  O  O   . ASP A 1 28  ? -5.717  -13.401 1.639   1.00 8.96  ? 27   ASP A O   1 
ATOM   210  C  CB  . ASP A 1 28  ? -7.930  -12.785 -0.674  1.00 10.26 ? 27   ASP A CB  1 
ATOM   211  C  CG  . ASP A 1 28  ? -9.012  -13.544 -1.411  1.00 12.28 ? 27   ASP A CG  1 
ATOM   212  O  OD1 . ASP A 1 28  ? -9.667  -14.420 -0.805  1.00 15.40 ? 27   ASP A OD1 1 
ATOM   213  O  OD2 . ASP A 1 28  ? -9.207  -13.259 -2.611  1.00 13.25 ? 27   ASP A OD2 1 
ATOM   214  N  N   . ALA A 1 29  ? -6.513  -11.303 1.768   1.00 8.40  ? 28   ALA A N   1 
ATOM   215  C  CA  . ALA A 1 29  ? -5.311  -10.779 2.413   1.00 7.94  ? 28   ALA A CA  1 
ATOM   216  C  C   . ALA A 1 29  ? -5.109  -11.378 3.811   1.00 8.01  ? 28   ALA A C   1 
ATOM   217  O  O   . ALA A 1 29  ? -3.992  -11.729 4.192   1.00 7.70  ? 28   ALA A O   1 
ATOM   218  C  CB  . ALA A 1 29  ? -5.364  -9.263  2.473   1.00 8.23  ? 28   ALA A CB  1 
ATOM   219  N  N   . ILE A 1 30  ? -6.199  -11.498 4.563   1.00 8.56  ? 29   ILE A N   1 
ATOM   220  C  CA  . ILE A 1 30  ? -6.148  -12.117 5.881   1.00 8.83  ? 29   ILE A CA  1 
ATOM   221  C  C   . ILE A 1 30  ? -5.716  -13.587 5.765   1.00 8.63  ? 29   ILE A C   1 
ATOM   222  O  O   . ILE A 1 30  ? -4.842  -14.047 6.514   1.00 8.44  ? 29   ILE A O   1 
ATOM   223  C  CB  . ILE A 1 30  ? -7.490  -11.949 6.635   1.00 8.68  ? 29   ILE A CB  1 
ATOM   224  C  CG1 . ILE A 1 30  ? -7.677  -10.472 7.013   1.00 9.21  ? 29   ILE A CG1 1 
ATOM   225  C  CG2 . ILE A 1 30  ? -7.544  -12.848 7.875   1.00 9.03  ? 29   ILE A CG2 1 
ATOM   226  C  CD1 . ILE A 1 30  ? -9.050  -10.127 7.552   1.00 10.52 ? 29   ILE A CD1 1 
ATOM   227  N  N   . ALA A 1 31  ? -6.298  -14.311 4.810   1.00 8.95  ? 30   ALA A N   1 
ATOM   228  C  CA  . ALA A 1 31  ? -5.932  -15.713 4.598   1.00 9.46  ? 30   ALA A CA  1 
ATOM   229  C  C   . ALA A 1 31  ? -4.466  -15.845 4.201   1.00 9.31  ? 30   ALA A C   1 
ATOM   230  O  O   . ALA A 1 31  ? -3.769  -16.737 4.677   1.00 9.46  ? 30   ALA A O   1 
ATOM   231  C  CB  . ALA A 1 31  ? -6.828  -16.369 3.557   1.00 10.35 ? 30   ALA A CB  1 
ATOM   232  N  N   . LEU A 1 32  ? -3.997  -14.937 3.343   1.00 9.44  ? 31   LEU A N   1 
ATOM   233  C  CA  . LEU A 1 32  ? -2.595  -14.903 2.934   1.00 9.59  ? 31   LEU A CA  1 
ATOM   234  C  C   . LEU A 1 32  ? -1.675  -14.727 4.145   1.00 9.03  ? 31   LEU A C   1 
ATOM   235  O  O   . LEU A 1 32  ? -0.663  -15.410 4.283   1.00 9.27  ? 31   LEU A O   1 
ATOM   236  C  CB  . LEU A 1 32  ? -2.363  -13.777 1.918   1.00 10.43 ? 31   LEU A CB  1 
ATOM   237  C  CG  . LEU A 1 32  ? -0.944  -13.604 1.366   1.00 11.35 ? 31   LEU A CG  1 
ATOM   238  C  CD1 . LEU A 1 32  ? -0.503  -14.852 0.608   1.00 13.29 ? 31   LEU A CD1 1 
ATOM   239  C  CD2 . LEU A 1 32  ? -0.866  -12.376 0.468   1.00 12.80 ? 31   LEU A CD2 1 
ATOM   240  N  N   . HIS A 1 33  ? -2.026  -13.786 5.012   1.00 8.43  ? 32   HIS A N   1 
ATOM   241  C  CA  . HIS A 1 33  ? -1.251  -13.531 6.216   1.00 8.68  ? 32   HIS A CA  1 
ATOM   242  C  C   . HIS A 1 33  ? -1.202  -14.762 7.125   1.00 8.58  ? 32   HIS A C   1 
ATOM   243  O  O   . HIS A 1 33  ? -0.142  -15.128 7.621   1.00 8.66  ? 32   HIS A O   1 
ATOM   244  C  CB  . HIS A 1 33  ? -1.838  -12.338 6.957   1.00 8.59  ? 32   HIS A CB  1 
ATOM   245  C  CG  . HIS A 1 33  ? -1.026  -11.897 8.130   1.00 8.41  ? 32   HIS A CG  1 
ATOM   246  N  ND1 . HIS A 1 33  ? -1.182  -12.442 9.386   1.00 9.68  ? 32   HIS A ND1 1 
ATOM   247  C  CD2 . HIS A 1 33  ? -0.061  -10.957 8.239   1.00 10.28 ? 32   HIS A CD2 1 
ATOM   248  C  CE1 . HIS A 1 33  ? -0.341  -11.856 10.220  1.00 10.19 ? 32   HIS A CE1 1 
ATOM   249  N  NE2 . HIS A 1 33  ? 0.347   -10.947 9.551   1.00 10.02 ? 32   HIS A NE2 1 
ATOM   250  N  N   . LYS A 1 34  ? -2.351  -15.396 7.335   1.00 8.53  ? 33   LYS A N   1 
ATOM   251  C  CA  . LYS A 1 34  ? -2.423  -16.585 8.182   1.00 9.71  ? 33   LYS A CA  1 
ATOM   252  C  C   . LYS A 1 34  ? -1.624  -17.768 7.636   1.00 10.30 ? 33   LYS A C   1 
ATOM   253  O  O   . LYS A 1 34  ? -1.157  -18.613 8.404   1.00 10.15 ? 33   LYS A O   1 
ATOM   254  C  CB  . LYS A 1 34  ? -3.874  -16.987 8.435   1.00 9.80  ? 33   LYS A CB  1 
ATOM   255  C  CG  . LYS A 1 34  ? -4.617  -15.988 9.300   1.00 10.17 ? 33   LYS A CG  1 
ATOM   256  C  CD  . LYS A 1 34  ? -6.082  -16.345 9.398   1.00 10.81 ? 33   LYS A CD  1 
ATOM   257  C  CE  . LYS A 1 34  ? -6.830  -15.380 10.293  1.00 11.69 ? 33   LYS A CE  1 
ATOM   258  N  NZ  . LYS A 1 34  ? -8.286  -15.683 10.310  1.00 12.48 ? 33   LYS A NZ  1 
ATOM   259  N  N   . SER A 1 35  ? -1.449  -17.815 6.317   1.00 10.90 ? 34   SER A N   1 
ATOM   260  C  CA  . SER A 1 35  ? -0.697  -18.893 5.680   1.00 12.33 ? 34   SER A CA  1 
ATOM   261  C  C   . SER A 1 35  ? 0.810   -18.754 5.922   1.00 13.44 ? 34   SER A C   1 
ATOM   262  O  O   . SER A 1 35  ? 1.574   -19.682 5.635   1.00 14.51 ? 34   SER A O   1 
ATOM   263  C  CB  . SER A 1 35  ? -0.997  -18.952 4.174   1.00 12.75 ? 34   SER A CB  1 
ATOM   264  O  OG  . SER A 1 35  ? -0.332  -17.916 3.474   1.00 13.33 ? 34   SER A OG  1 
ATOM   265  N  N   . GLY A 1 36  ? 1.223   -17.596 6.434   1.00 14.46 ? 35   GLY A N   1 
ATOM   266  C  CA  . GLY A 1 36  ? 2.633   -17.291 6.674   1.00 15.94 ? 35   GLY A CA  1 
ATOM   267  C  C   . GLY A 1 36  ? 3.178   -16.264 5.696   1.00 17.10 ? 35   GLY A C   1 
ATOM   268  O  O   . GLY A 1 36  ? 4.331   -15.838 5.815   1.00 17.79 ? 35   GLY A O   1 
ATOM   269  N  N   . ALA A 1 37  ? 2.345   -15.871 4.729   1.00 18.15 ? 36   ALA A N   1 
ATOM   270  C  CA  . ALA A 1 37  ? 2.702   -14.888 3.694   1.00 18.91 ? 36   ALA A CA  1 
ATOM   271  C  C   . ALA A 1 37  ? 4.070   -15.152 3.045   1.00 19.35 ? 36   ALA A C   1 
ATOM   272  O  O   . ALA A 1 37  ? 4.895   -14.239 2.899   1.00 19.80 ? 36   ALA A O   1 
ATOM   273  C  CB  . ALA A 1 37  ? 2.608   -13.459 4.246   1.00 19.13 ? 36   ALA A CB  1 
ATOM   274  N  N   . SER A 1 38  ? 4.297   -16.406 2.656   1.00 19.83 ? 37   SER A N   1 
ATOM   275  C  CA  . SER A 1 38  ? 5.536   -16.804 1.997   1.00 20.10 ? 37   SER A CA  1 
ATOM   276  C  C   . SER A 1 38  ? 5.680   -16.092 0.656   1.00 19.52 ? 37   SER A C   1 
ATOM   277  O  O   . SER A 1 38  ? 4.728   -16.016 -0.129  1.00 19.91 ? 37   SER A O   1 
ATOM   278  C  CB  . SER A 1 38  ? 5.605   -18.321 1.811   1.00 20.46 ? 37   SER A CB  1 
ATOM   279  O  OG  . SER A 1 38  ? 5.761   -18.979 3.057   1.00 22.31 ? 37   SER A OG  1 
ATOM   280  N  N   . ASP A 1 39  ? 6.875   -15.561 0.418   1.00 18.93 ? 38   ASP A N   1 
ATOM   281  C  CA  . ASP A 1 39  ? 7.173   -14.764 -0.779  1.00 18.12 ? 38   ASP A CA  1 
ATOM   282  C  C   . ASP A 1 39  ? 6.242   -13.550 -0.935  1.00 16.72 ? 38   ASP A C   1 
ATOM   283  O  O   . ASP A 1 39  ? 5.874   -13.172 -2.052  1.00 16.03 ? 38   ASP A O   1 
ATOM   284  C  CB  . ASP A 1 39  ? 7.173   -15.634 -2.048  1.00 19.07 ? 38   ASP A CB  1 
ATOM   285  C  CG  . ASP A 1 39  ? 8.266   -16.695 -2.036  1.00 20.92 ? 38   ASP A CG  1 
ATOM   286  O  OD1 . ASP A 1 39  ? 9.392   -16.403 -1.575  1.00 22.92 ? 38   ASP A OD1 1 
ATOM   287  O  OD2 . ASP A 1 39  ? 7.993   -17.824 -2.494  1.00 24.31 ? 38   ASP A OD2 1 
ATOM   288  N  N   . VAL A 1 40  ? 5.857   -12.963 0.196   1.00 15.00 ? 39   VAL A N   1 
ATOM   289  C  CA  . VAL A 1 40  ? 5.049   -11.745 0.226   1.00 14.03 ? 39   VAL A CA  1 
ATOM   290  C  C   . VAL A 1 40  ? 5.673   -10.783 1.233   1.00 12.85 ? 39   VAL A C   1 
ATOM   291  O  O   . VAL A 1 40  ? 6.156   -11.206 2.289   1.00 12.81 ? 39   VAL A O   1 
ATOM   292  C  CB  . VAL A 1 40  ? 3.561   -12.043 0.606   1.00 14.62 ? 39   VAL A CB  1 
ATOM   293  C  CG1 . VAL A 1 40  ? 2.773   -10.755 0.855   1.00 15.13 ? 39   VAL A CG1 1 
ATOM   294  C  CG2 . VAL A 1 40  ? 2.875   -12.876 -0.478  1.00 15.77 ? 39   VAL A CG2 1 
ATOM   295  N  N   . VAL A 1 41  ? 5.689   -9.499  0.880   1.00 11.31 ? 40   VAL A N   1 
ATOM   296  C  CA  . VAL A 1 41  ? 6.027   -8.437  1.814   1.00 10.70 ? 40   VAL A CA  1 
ATOM   297  C  C   . VAL A 1 41  ? 4.800   -7.539  1.908   1.00 9.83  ? 40   VAL A C   1 
ATOM   298  O  O   . VAL A 1 41  ? 4.337   -6.999  0.891   1.00 9.52  ? 40   VAL A O   1 
ATOM   299  C  CB  . VAL A 1 41  ? 7.252   -7.613  1.347   1.00 10.77 ? 40   VAL A CB  1 
ATOM   300  C  CG1 . VAL A 1 41  ? 7.531   -6.466  2.317   1.00 11.52 ? 40   VAL A CG1 1 
ATOM   301  C  CG2 . VAL A 1 41  ? 8.481   -8.498  1.199   1.00 12.39 ? 40   VAL A CG2 1 
ATOM   302  N  N   . ILE A 1 42  ? 4.266   -7.404  3.118   1.00 9.22  ? 41   ILE A N   1 
ATOM   303  C  CA  . ILE A 1 42  ? 3.133   -6.524  3.363   1.00 9.01  ? 41   ILE A CA  1 
ATOM   304  C  C   . ILE A 1 42  ? 3.685   -5.187  3.832   1.00 8.78  ? 41   ILE A C   1 
ATOM   305  O  O   . ILE A 1 42  ? 4.395   -5.124  4.828   1.00 9.17  ? 41   ILE A O   1 
ATOM   306  C  CB  . ILE A 1 42  ? 2.140   -7.138  4.377   1.00 9.04  ? 41   ILE A CB  1 
ATOM   307  C  CG1 . ILE A 1 42  ? 1.612   -8.489  3.855   1.00 9.58  ? 41   ILE A CG1 1 
ATOM   308  C  CG2 . ILE A 1 42  ? 0.988   -6.183  4.636   1.00 9.93  ? 41   ILE A CG2 1 
ATOM   309  C  CD1 . ILE A 1 42  ? 0.725   -9.260  4.826   1.00 12.40 ? 41   ILE A CD1 1 
ATOM   310  N  N   . VAL A 1 43  ? 3.365   -4.138  3.084   1.00 7.97  ? 42   VAL A N   1 
ATOM   311  C  CA  . VAL A 1 43  ? 3.937   -2.810  3.289   1.00 7.63  ? 42   VAL A CA  1 
ATOM   312  C  C   . VAL A 1 43  ? 2.868   -1.848  3.799   1.00 7.32  ? 42   VAL A C   1 
ATOM   313  O  O   . VAL A 1 43  ? 1.890   -1.578  3.110   1.00 7.39  ? 42   VAL A O   1 
ATOM   314  C  CB  . VAL A 1 43  ? 4.556   -2.247  1.986   1.00 7.71  ? 42   VAL A CB  1 
ATOM   315  C  CG1 . VAL A 1 43  ? 5.166   -0.874  2.231   1.00 8.27  ? 42   VAL A CG1 1 
ATOM   316  C  CG2 . VAL A 1 43  ? 5.606   -3.215  1.427   1.00 8.95  ? 42   VAL A CG2 1 
ATOM   317  N  N   . ASP A 1 44  ? 3.067   -1.355  5.019   1.00 6.95  ? 43   ASP A N   1 
ATOM   318  C  CA  . ASP A 1 44  ? 2.184   -0.378  5.645   1.00 7.07  ? 43   ASP A CA  1 
ATOM   319  C  C   . ASP A 1 44  ? 2.659   1.016   5.264   1.00 6.90  ? 43   ASP A C   1 
ATOM   320  O  O   . ASP A 1 44  ? 3.756   1.409   5.632   1.00 6.73  ? 43   ASP A O   1 
ATOM   321  C  CB  . ASP A 1 44  ? 2.290   -0.565  7.160   1.00 7.27  ? 43   ASP A CB  1 
ATOM   322  C  CG  . ASP A 1 44  ? 1.263   0.228   7.956   1.00 7.64  ? 43   ASP A CG  1 
ATOM   323  O  OD1 . ASP A 1 44  ? 0.697   1.222   7.464   1.00 7.68  ? 43   ASP A OD1 1 
ATOM   324  O  OD2 . ASP A 1 44  ? 1.049   -0.168  9.126   1.00 8.74  ? 43   ASP A OD2 1 
ATOM   325  N  N   . ILE A 1 45  ? 1.833   1.756   4.537   1.00 6.72  ? 44   ILE A N   1 
ATOM   326  C  CA  . ILE A 1 45  ? 2.239   3.072   4.048   1.00 6.87  ? 44   ILE A CA  1 
ATOM   327  C  C   . ILE A 1 45  ? 1.662   4.235   4.859   1.00 6.55  ? 44   ILE A C   1 
ATOM   328  O  O   . ILE A 1 45  ? 1.818   5.401   4.475   1.00 7.14  ? 44   ILE A O   1 
ATOM   329  C  CB  . ILE A 1 45  ? 1.930   3.245   2.551   1.00 7.02  ? 44   ILE A CB  1 
ATOM   330  C  CG1 . ILE A 1 45  ? 0.416   3.326   2.312   1.00 7.83  ? 44   ILE A CG1 1 
ATOM   331  C  CG2 . ILE A 1 45  ? 2.604   2.136   1.745   1.00 7.94  ? 44   ILE A CG2 1 
ATOM   332  C  CD1 . ILE A 1 45  ? 0.024   3.588   0.880   1.00 9.00  ? 44   ILE A CD1 1 
ATOM   333  N  N   . ARG A 1 46  ? 1.027   3.921   5.988   1.00 6.81  ? 45   ARG A N   1 
ATOM   334  C  CA  . ARG A 1 46  ? 0.401   4.939   6.832   1.00 7.10  ? 45   ARG A CA  1 
ATOM   335  C  C   . ARG A 1 46  ? 1.400   5.833   7.555   1.00 7.42  ? 45   ARG A C   1 
ATOM   336  O  O   . ARG A 1 46  ? 2.559   5.480   7.752   1.00 7.32  ? 45   ARG A O   1 
ATOM   337  C  CB  . ARG A 1 46  ? -0.518  4.281   7.860   1.00 7.52  ? 45   ARG A CB  1 
ATOM   338  C  CG  . ARG A 1 46  ? -1.742  3.620   7.237   1.00 7.93  ? 45   ARG A CG  1 
ATOM   339  C  CD  . ARG A 1 46  ? -2.564  2.898   8.272   1.00 9.07  ? 45   ARG A CD  1 
ATOM   340  N  NE  . ARG A 1 46  ? -1.791  1.819   8.868   1.00 8.63  ? 45   ARG A NE  1 
ATOM   341  C  CZ  . ARG A 1 46  ? -2.065  1.240   10.030  1.00 8.85  ? 45   ARG A CZ  1 
ATOM   342  N  NH1 . ARG A 1 46  ? -3.123  1.616   10.737  1.00 10.25 ? 45   ARG A NH1 1 
ATOM   343  N  NH2 . ARG A 1 46  ? -1.283  0.270   10.473  1.00 8.96  ? 45   ARG A NH2 1 
ATOM   344  N  N   . ASP A 1 47  ? 0.919   7.006   7.949   1.00 7.88  ? 46   ASP A N   1 
ATOM   345  C  CA  . ASP A 1 47  ? 1.657   7.879   8.838   1.00 8.32  ? 46   ASP A CA  1 
ATOM   346  C  C   . ASP A 1 47  ? 1.837   7.144   10.180  1.00 8.17  ? 46   ASP A C   1 
ATOM   347  O  O   . ASP A 1 47  ? 0.931   6.423   10.622  1.00 8.23  ? 46   ASP A O   1 
ATOM   348  C  CB  . ASP A 1 47  ? 0.865   9.179   9.004   1.00 9.24  ? 46   ASP A CB  1 
ATOM   349  C  CG  . ASP A 1 47  ? 1.564   10.195  9.882   1.00 10.82 ? 46   ASP A CG  1 
ATOM   350  O  OD1 . ASP A 1 47  ? 1.562   10.033  11.118  1.00 9.20  ? 46   ASP A OD1 1 
ATOM   351  O  OD2 . ASP A 1 47  ? 2.103   11.183  9.341   1.00 12.80 ? 46   ASP A OD2 1 
ATOM   352  N  N   . PRO A 1 48  ? 3.002   7.304   10.834  1.00 8.48  ? 47   PRO A N   1 
ATOM   353  C  CA  . PRO A 1 48  ? 3.245   6.601   12.101  1.00 9.06  ? 47   PRO A CA  1 
ATOM   354  C  C   . PRO A 1 48  ? 2.209   6.902   13.190  1.00 8.95  ? 47   PRO A C   1 
ATOM   355  O  O   . PRO A 1 48  ? 1.996   6.076   14.083  1.00 9.76  ? 47   PRO A O   1 
ATOM   356  C  CB  . PRO A 1 48  ? 4.632   7.112   12.522  1.00 9.25  ? 47   PRO A CB  1 
ATOM   357  C  CG  . PRO A 1 48  ? 4.807   8.398   11.782  1.00 9.51  ? 47   PRO A CG  1 
ATOM   358  C  CD  . PRO A 1 48  ? 4.154   8.147   10.466  1.00 9.05  ? 47   PRO A CD  1 
ATOM   359  N  N   . ARG A 1 49  ? 1.561   8.059   13.118  1.00 8.71  ? 48   ARG A N   1 
ATOM   360  C  CA  . ARG A 1 49  ? 0.552   8.425   14.108  1.00 9.26  ? 48   ARG A CA  1 
ATOM   361  C  C   . ARG A 1 49  ? -0.745  7.630   13.920  1.00 9.71  ? 48   ARG A C   1 
ATOM   362  O  O   . ARG A 1 49  ? -1.446  7.326   14.887  1.00 10.19 ? 48   ARG A O   1 
ATOM   363  C  CB  . ARG A 1 49  ? 0.305   9.931   14.073  1.00 9.14  ? 48   ARG A CB  1 
ATOM   364  C  CG  . ARG A 1 49  ? 1.519   10.748  14.489  1.00 9.68  ? 48   ARG A CG  1 
ATOM   365  C  CD  . ARG A 1 49  ? 1.386   12.219  14.131  1.00 10.14 ? 48   ARG A CD  1 
ATOM   366  N  NE  . ARG A 1 49  ? 1.469   12.427  12.689  1.00 8.75  ? 48   ARG A NE  1 
ATOM   367  C  CZ  . ARG A 1 49  ? 1.513   13.617  12.098  1.00 9.50  ? 48   ARG A CZ  1 
ATOM   368  N  NH1 . ARG A 1 49  ? 1.496   14.731  12.823  1.00 9.08  ? 48   ARG A NH1 1 
ATOM   369  N  NH2 . ARG A 1 49  ? 1.597   13.689  10.779  1.00 9.95  ? 48   ARG A NH2 1 
ATOM   370  N  N   . GLU A 1 50  ? -1.049  7.269   12.679  1.00 9.30  ? 49   GLU A N   1 
ATOM   371  C  CA  . GLU A 1 50  ? -2.139  6.336   12.393  1.00 9.51  ? 49   GLU A CA  1 
ATOM   372  C  C   . GLU A 1 50  ? -1.820  4.952   12.963  1.00 10.07 ? 49   GLU A C   1 
ATOM   373  O  O   . GLU A 1 50  ? -2.680  4.288   13.560  1.00 10.29 ? 49   GLU A O   1 
ATOM   374  C  CB  . GLU A 1 50  ? -2.355  6.206   10.887  1.00 9.04  ? 49   GLU A CB  1 
ATOM   375  C  CG  . GLU A 1 50  ? -2.817  7.450   10.176  1.00 9.68  ? 49   GLU A CG  1 
ATOM   376  C  CD  . GLU A 1 50  ? -2.918  7.224   8.688   1.00 10.06 ? 49   GLU A CD  1 
ATOM   377  O  OE1 . GLU A 1 50  ? -1.905  7.380   7.978   1.00 9.16  ? 49   GLU A OE1 1 
ATOM   378  O  OE2 . GLU A 1 50  ? -4.014  6.882   8.220   1.00 11.42 ? 49   GLU A OE2 1 
ATOM   379  N  N   . ILE A 1 51  ? -0.585  4.506   12.750  1.00 10.50 ? 50   ILE A N   1 
ATOM   380  C  CA  . ILE A 1 51  ? -0.139  3.191   13.210  1.00 11.75 ? 50   ILE A CA  1 
ATOM   381  C  C   . ILE A 1 51  ? -0.181  3.116   14.738  1.00 12.75 ? 50   ILE A C   1 
ATOM   382  O  O   . ILE A 1 51  ? -0.670  2.131   15.311  1.00 13.31 ? 50   ILE A O   1 
ATOM   383  C  CB  . ILE A 1 51  ? 1.278   2.861   12.680  1.00 11.34 ? 50   ILE A CB  1 
ATOM   384  C  CG1 . ILE A 1 51  ? 1.315   2.920   11.145  1.00 11.89 ? 50   ILE A CG1 1 
ATOM   385  C  CG2 . ILE A 1 51  ? 1.746   1.490   13.190  1.00 12.19 ? 50   ILE A CG2 1 
ATOM   386  C  CD1 . ILE A 1 51  ? 2.700   2.766   10.536  1.00 12.79 ? 50   ILE A CD1 1 
ATOM   387  N  N   . GLU A 1 52  ? 0.301   4.166   15.397  1.00 13.54 ? 51   GLU A N   1 
ATOM   388  C  CA  . GLU A 1 52  ? 0.270   4.210   16.858  1.00 15.10 ? 51   GLU A CA  1 
ATOM   389  C  C   . GLU A 1 52  ? -1.156  4.103   17.399  1.00 15.39 ? 51   GLU A C   1 
ATOM   390  O  O   . GLU A 1 52  ? -1.404  3.362   18.358  1.00 15.86 ? 51   GLU A O   1 
ATOM   391  C  CB  . GLU A 1 52  ? 0.967   5.462   17.394  1.00 15.54 ? 51   GLU A CB  1 
ATOM   392  C  CG  . GLU A 1 52  ? 0.976   5.537   18.927  1.00 18.32 ? 51   GLU A CG  1 
ATOM   393  C  CD  . GLU A 1 52  ? 1.819   6.671   19.475  1.00 21.65 ? 51   GLU A CD  1 
ATOM   394  O  OE1 . GLU A 1 52  ? 2.329   7.491   18.683  1.00 23.54 ? 51   GLU A OE1 1 
ATOM   395  O  OE2 . GLU A 1 52  ? 1.973   6.734   20.713  1.00 23.99 ? 51   GLU A OE2 1 
ATOM   396  N  N   . ARG A 1 53  ? -2.089  4.811   16.769  1.00 15.76 ? 52   ARG A N   1 
ATOM   397  C  CA  . ARG A 1 53  ? -3.479  4.840   17.218  1.00 16.10 ? 52   ARG A CA  1 
ATOM   398  C  C   . ARG A 1 53  ? -4.201  3.507   17.014  1.00 15.66 ? 52   ARG A C   1 
ATOM   399  O  O   . ARG A 1 53  ? -4.879  3.013   17.922  1.00 16.13 ? 52   ARG A O   1 
ATOM   400  C  CB  . ARG A 1 53  ? -4.233  5.970   16.505  1.00 16.56 ? 52   ARG A CB  1 
ATOM   401  C  CG  . ARG A 1 53  ? -5.690  6.136   16.929  1.00 18.24 ? 52   ARG A CG  1 
ATOM   402  C  CD  . ARG A 1 53  ? -6.449  7.096   16.020  1.00 21.72 ? 52   ARG A CD  1 
ATOM   403  N  NE  . ARG A 1 53  ? -6.423  6.670   14.622  1.00 24.34 ? 52   ARG A NE  1 
ATOM   404  C  CZ  . ARG A 1 53  ? -5.780  7.305   13.644  1.00 25.11 ? 52   ARG A CZ  1 
ATOM   405  N  NH1 . ARG A 1 53  ? -5.102  8.422   13.885  1.00 26.38 ? 52   ARG A NH1 1 
ATOM   406  N  NH2 . ARG A 1 53  ? -5.821  6.818   12.413  1.00 23.89 ? 52   ARG A NH2 1 
ATOM   407  N  N   . ASP A 1 54  ? -4.032  2.922   15.832  1.00 15.01 ? 53   ASP A N   1 
ATOM   408  C  CA  . ASP A 1 54  ? -4.882  1.818   15.392  1.00 14.93 ? 53   ASP A CA  1 
ATOM   409  C  C   . ASP A 1 54  ? -4.226  0.438   15.408  1.00 14.31 ? 53   ASP A C   1 
ATOM   410  O  O   . ASP A 1 54  ? -4.918  -0.577  15.291  1.00 14.74 ? 53   ASP A O   1 
ATOM   411  C  CB  . ASP A 1 54  ? -5.428  2.115   13.991  1.00 15.06 ? 53   ASP A CB  1 
ATOM   412  C  CG  . ASP A 1 54  ? -6.376  3.303   13.969  1.00 16.42 ? 53   ASP A CG  1 
ATOM   413  O  OD1 . ASP A 1 54  ? -7.154  3.470   14.934  1.00 18.27 ? 53   ASP A OD1 1 
ATOM   414  O  OD2 . ASP A 1 54  ? -6.349  4.064   12.980  1.00 16.85 ? 53   ASP A OD2 1 
ATOM   415  N  N   . GLY A 1 55  ? -2.907  0.398   15.554  1.00 13.12 ? 54   GLY A N   1 
ATOM   416  C  CA  . GLY A 1 55  ? -2.161  -0.849  15.410  1.00 12.39 ? 54   GLY A CA  1 
ATOM   417  C  C   . GLY A 1 55  ? -1.837  -1.131  13.954  1.00 11.05 ? 54   GLY A C   1 
ATOM   418  O  O   . GLY A 1 55  ? -2.064  -0.282  13.081  1.00 10.99 ? 54   GLY A O   1 
ATOM   419  N  N   . LYS A 1 56  ? -1.319  -2.330  13.690  1.00 10.66 ? 55   LYS A N   1 
ATOM   420  C  CA  . LYS A 1 56  ? -0.821  -2.693  12.368  1.00 10.54 ? 55   LYS A CA  1 
ATOM   421  C  C   . LYS A 1 56  ? -0.968  -4.188  12.088  1.00 10.17 ? 55   LYS A C   1 
ATOM   422  O  O   . LYS A 1 56  ? -1.258  -4.994  12.988  1.00 10.22 ? 55   LYS A O   1 
ATOM   423  C  CB  . LYS A 1 56  ? 0.652   -2.289  12.240  1.00 10.86 ? 55   LYS A CB  1 
ATOM   424  C  CG  . LYS A 1 56  ? 1.591   -3.032  13.180  1.00 12.50 ? 55   LYS A CG  1 
ATOM   425  C  CD  . LYS A 1 56  ? 3.005   -2.521  13.027  1.00 15.24 ? 55   LYS A CD  1 
ATOM   426  C  CE  . LYS A 1 56  ? 3.896   -3.059  14.126  1.00 17.94 ? 55   LYS A CE  1 
ATOM   427  N  NZ  . LYS A 1 56  ? 5.295   -2.583  13.978  1.00 20.05 ? 55   LYS A NZ  1 
ATOM   428  N  N   . ILE A 1 57  ? -0.759  -4.560  10.832  1.00 9.47  ? 56   ILE A N   1 
ATOM   429  C  CA  . ILE A 1 57  ? -0.721  -5.959  10.449  1.00 9.25  ? 56   ILE A CA  1 
ATOM   430  C  C   . ILE A 1 57  ? 0.610   -6.544  10.934  1.00 9.23  ? 56   ILE A C   1 
ATOM   431  O  O   . ILE A 1 57  ? 1.668   -5.995  10.639  1.00 9.08  ? 56   ILE A O   1 
ATOM   432  C  CB  . ILE A 1 57  ? -0.893  -6.101  8.925   1.00 8.91  ? 56   ILE A CB  1 
ATOM   433  C  CG1 . ILE A 1 57  ? -2.294  -5.624  8.523   1.00 9.49  ? 56   ILE A CG1 1 
ATOM   434  C  CG2 . ILE A 1 57  ? -0.660  -7.537  8.493   1.00 9.87  ? 56   ILE A CG2 1 
ATOM   435  C  CD1 . ILE A 1 57  ? -2.566  -5.623  7.024   1.00 9.88  ? 56   ILE A CD1 1 
ATOM   436  N  N   . PRO A 1 58  ? 0.563   -7.637  11.721  1.00 9.71  ? 57   PRO A N   1 
ATOM   437  C  CA  . PRO A 1 58  ? 1.802   -8.204  12.246  1.00 9.82  ? 57   PRO A CA  1 
ATOM   438  C  C   . PRO A 1 58  ? 2.802   -8.549  11.153  1.00 10.00 ? 57   PRO A C   1 
ATOM   439  O  O   . PRO A 1 58  ? 2.442   -9.114  10.120  1.00 10.02 ? 57   PRO A O   1 
ATOM   440  C  CB  . PRO A 1 58  ? 1.327   -9.466  12.979  1.00 9.95  ? 57   PRO A CB  1 
ATOM   441  C  CG  . PRO A 1 58  ? -0.082  -9.168  13.357  1.00 10.55 ? 57   PRO A CG  1 
ATOM   442  C  CD  . PRO A 1 58  ? -0.618  -8.377  12.200  1.00 9.94  ? 57   PRO A CD  1 
ATOM   443  N  N   . GLY A 1 59  ? 4.051   -8.172  11.380  1.00 10.59 ? 58   GLY A N   1 
ATOM   444  C  CA  . GLY A 1 59  ? 5.114   -8.502  10.450  1.00 11.02 ? 58   GLY A CA  1 
ATOM   445  C  C   . GLY A 1 59  ? 5.190   -7.579  9.244   1.00 10.60 ? 58   GLY A C   1 
ATOM   446  O  O   . GLY A 1 59  ? 6.036   -7.778  8.376   1.00 12.28 ? 58   GLY A O   1 
ATOM   447  N  N   . SER A 1 60  ? 4.317   -6.573  9.178   1.00 10.36 ? 59   SER A N   1 
ATOM   448  C  CA  . SER A 1 60  ? 4.354   -5.625  8.064   1.00 9.94  ? 59   SER A CA  1 
ATOM   449  C  C   . SER A 1 60  ? 5.587   -4.728  8.132   1.00 9.57  ? 59   SER A C   1 
ATOM   450  O  O   . SER A 1 60  ? 6.145   -4.496  9.205   1.00 10.01 ? 59   SER A O   1 
ATOM   451  C  CB  . SER A 1 60  ? 3.078   -4.785  8.016   1.00 10.71 ? 59   SER A CB  1 
ATOM   452  O  OG  . SER A 1 60  ? 2.941   -4.012  9.186   1.00 12.76 ? 59   SER A OG  1 
ATOM   453  N  N   . PHE A 1 61  ? 5.996   -4.237  6.967   1.00 9.10  ? 60   PHE A N   1 
ATOM   454  C  CA  . PHE A 1 61  ? 7.123   -3.334  6.841   1.00 8.85  ? 60   PHE A CA  1 
ATOM   455  C  C   . PHE A 1 61  ? 6.595   -1.914  6.647   1.00 8.63  ? 60   PHE A C   1 
ATOM   456  O  O   . PHE A 1 61  ? 5.783   -1.664  5.752   1.00 8.48  ? 60   PHE A O   1 
ATOM   457  C  CB  . PHE A 1 61  ? 7.992   -3.763  5.654   1.00 9.64  ? 60   PHE A CB  1 
ATOM   458  C  CG  . PHE A 1 61  ? 9.195   -2.889  5.435   1.00 10.53 ? 60   PHE A CG  1 
ATOM   459  C  CD1 . PHE A 1 61  ? 10.310  -3.007  6.258   1.00 11.57 ? 60   PHE A CD1 1 
ATOM   460  C  CD2 . PHE A 1 61  ? 9.214   -1.942  4.412   1.00 11.64 ? 60   PHE A CD2 1 
ATOM   461  C  CE1 . PHE A 1 61  ? 11.423  -2.190  6.069   1.00 13.28 ? 60   PHE A CE1 1 
ATOM   462  C  CE2 . PHE A 1 61  ? 10.334  -1.122  4.216   1.00 12.11 ? 60   PHE A CE2 1 
ATOM   463  C  CZ  . PHE A 1 61  ? 11.433  -1.248  5.048   1.00 13.38 ? 60   PHE A CZ  1 
ATOM   464  N  N   . SER A 1 62  ? 7.043   -0.986  7.488   1.00 8.18  ? 61   SER A N   1 
ATOM   465  C  CA  . SER A 1 62  ? 6.574   0.397   7.416   1.00 8.38  ? 61   SER A CA  1 
ATOM   466  C  C   . SER A 1 62  ? 7.409   1.221   6.457   1.00 8.07  ? 61   SER A C   1 
ATOM   467  O  O   . SER A 1 62  ? 8.610   1.388   6.650   1.00 8.85  ? 61   SER A O   1 
ATOM   468  C  CB  . SER A 1 62  ? 6.583   1.056   8.803   1.00 8.58  ? 61   SER A CB  1 
ATOM   469  O  OG  . SER A 1 62  ? 6.395   2.466   8.720   1.00 10.03 ? 61   SER A OG  1 
ATOM   470  N  N   . CYS A 1 63  ? 6.753   1.742   5.430   1.00 7.49  ? 62   CYS A N   1 
ATOM   471  C  CA  . CYS A 1 63  ? 7.356   2.733   4.555   1.00 7.97  ? 62   CYS A CA  1 
ATOM   472  C  C   . CYS A 1 63  ? 6.264   3.718   4.209   1.00 7.44  ? 62   CYS A C   1 
ATOM   473  O  O   . CYS A 1 63  ? 5.316   3.378   3.504   1.00 7.48  ? 62   CYS A O   1 
ATOM   474  C  CB  . CYS A 1 63  ? 7.921   2.117   3.269   1.00 8.56  ? 62   CYS A CB  1 
ATOM   475  S  SG  . CYS A 1 63  ? 8.638   3.361   2.155   1.00 10.83 ? 62   CYS A SG  1 
ATOM   476  N  N   . THR A 1 64  ? 6.371   4.933   4.731   1.00 7.44  ? 63   THR A N   1 
ATOM   477  C  CA  . THR A 1 64  ? 5.326   5.921   4.463   1.00 7.84  ? 63   THR A CA  1 
ATOM   478  C  C   . THR A 1 64  ? 5.218   6.175   2.958   1.00 7.16  ? 63   THR A C   1 
ATOM   479  O  O   . THR A 1 64  ? 6.208   6.092   2.221   1.00 7.36  ? 63   THR A O   1 
ATOM   480  C  CB  . THR A 1 64  ? 5.533   7.241   5.225   1.00 8.32  ? 63   THR A CB  1 
ATOM   481  O  OG1 . THR A 1 64  ? 6.738   7.874   4.776   1.00 9.97  ? 63   THR A OG1 1 
ATOM   482  C  CG2 . THR A 1 64  ? 5.597   7.009   6.733   1.00 9.17  ? 63   THR A CG2 1 
ATOM   483  N  N   . ARG A 1 65  ? 4.009   6.461   2.496   1.00 7.17  ? 64   ARG A N   1 
ATOM   484  C  CA  . ARG A 1 65  ? 3.787   6.596   1.069   1.00 7.66  ? 64   ARG A CA  1 
ATOM   485  C  C   . ARG A 1 65  ? 4.717   7.638   0.452   1.00 7.41  ? 64   ARG A C   1 
ATOM   486  O  O   . ARG A 1 65  ? 5.240   7.438   -0.645  1.00 7.69  ? 64   ARG A O   1 
ATOM   487  C  CB  . ARG A 1 65  ? 2.324   6.911   0.759   1.00 7.60  ? 64   ARG A CB  1 
ATOM   488  C  CG  . ARG A 1 65  ? 2.084   7.156   -0.719  1.00 7.73  ? 64   ARG A CG  1 
ATOM   489  C  CD  . ARG A 1 65  ? 0.606   7.239   -1.119  1.00 7.51  ? 64   ARG A CD  1 
ATOM   490  N  NE  . ARG A 1 65  ? 0.563   7.680   -2.515  1.00 7.22  ? 64   ARG A NE  1 
ATOM   491  C  CZ  . ARG A 1 65  ? 0.186   8.884   -2.938  1.00 6.88  ? 64   ARG A CZ  1 
ATOM   492  N  NH1 . ARG A 1 65  ? -0.330  9.777   -2.104  1.00 8.04  ? 64   ARG A NH1 1 
ATOM   493  N  NH2 . ARG A 1 65  ? 0.283   9.183   -4.226  1.00 7.96  ? 64   ARG A NH2 1 
ATOM   494  N  N   . GLY A 1 66  ? 4.952   8.729   1.177   1.00 7.19  ? 65   GLY A N   1 
ATOM   495  C  CA  . GLY A 1 66  ? 5.762   9.823   0.664   1.00 7.82  ? 65   GLY A CA  1 
ATOM   496  C  C   . GLY A 1 66  ? 7.234   9.510   0.486   1.00 7.73  ? 65   GLY A C   1 
ATOM   497  O  O   . GLY A 1 66  ? 7.943   10.271  -0.175  1.00 8.08  ? 65   GLY A O   1 
HETATM 498  N  N   . MSE A 1 67  ? 7.690   8.396   1.061   1.00 7.87  ? 66   MSE A N   1 
HETATM 499  C  CA  . MSE A 1 67  ? 9.080   7.943   0.935   1.00 8.49  ? 66   MSE A CA  1 
HETATM 500  C  C   . MSE A 1 67  ? 9.258   6.791   -0.044  1.00 7.83  ? 66   MSE A C   1 
HETATM 501  O  O   . MSE A 1 67  ? 10.393  6.374   -0.315  1.00 7.95  ? 66   MSE A O   1 
HETATM 502  C  CB  . MSE A 1 67  ? 9.589   7.480   2.294   1.00 9.76  ? 66   MSE A CB  1 
HETATM 503  C  CG  . MSE A 1 67  ? 9.781   8.613   3.250   1.00 12.97 ? 66   MSE A CG  1 
HETATM 504  SE SE  . MSE A 1 67  ? 10.613  8.051   4.869   1.00 21.80 ? 66   MSE A SE  1 
HETATM 505  C  CE  . MSE A 1 67  ? 10.343  9.705   5.860   1.00 19.16 ? 66   MSE A CE  1 
ATOM   506  N  N   . LEU A 1 68  ? 8.153   6.274   -0.570  1.00 7.97  ? 67   LEU A N   1 
ATOM   507  C  CA  . LEU A 1 68  ? 8.159   4.997   -1.281  1.00 8.45  ? 67   LEU A CA  1 
ATOM   508  C  C   . LEU A 1 68  ? 9.191   4.914   -2.400  1.00 8.04  ? 67   LEU A C   1 
ATOM   509  O  O   . LEU A 1 68  ? 9.988   3.972   -2.451  1.00 8.37  ? 67   LEU A O   1 
ATOM   510  C  CB  . LEU A 1 68  ? 6.765   4.709   -1.832  1.00 9.17  ? 67   LEU A CB  1 
ATOM   511  C  CG  . LEU A 1 68  ? 6.500   3.311   -2.383  1.00 12.75 ? 67   LEU A CG  1 
ATOM   512  C  CD1 . LEU A 1 68  ? 6.623   2.264   -1.273  1.00 15.90 ? 67   LEU A CD1 1 
ATOM   513  C  CD2 . LEU A 1 68  ? 5.129   3.260   -3.041  1.00 15.48 ? 67   LEU A CD2 1 
ATOM   514  N  N   . GLU A 1 69  ? 9.186   5.904   -3.287  1.00 7.81  ? 68   GLU A N   1 
ATOM   515  C  CA  . GLU A 1 69  ? 10.071  5.864   -4.452  1.00 7.81  ? 68   GLU A CA  1 
ATOM   516  C  C   . GLU A 1 69  ? 11.534  5.843   -4.038  1.00 7.59  ? 68   GLU A C   1 
ATOM   517  O  O   . GLU A 1 69  ? 12.359  5.175   -4.667  1.00 7.80  ? 68   GLU A O   1 
ATOM   518  C  CB  . GLU A 1 69  ? 9.807   7.055   -5.380  1.00 8.36  ? 68   GLU A CB  1 
ATOM   519  C  CG  . GLU A 1 69  ? 8.368   7.143   -5.899  1.00 8.92  ? 68   GLU A CG  1 
ATOM   520  C  CD  . GLU A 1 69  ? 7.429   7.973   -5.027  1.00 8.45  ? 68   GLU A CD  1 
ATOM   521  O  OE1 . GLU A 1 69  ? 7.657   8.090   -3.808  1.00 8.91  ? 68   GLU A OE1 1 
ATOM   522  O  OE2 . GLU A 1 69  ? 6.444   8.504   -5.572  1.00 9.26  ? 68   GLU A OE2 1 
ATOM   523  N  N   . PHE A 1 70  ? 11.834  6.575   -2.967  1.00 7.63  ? 69   PHE A N   1 
ATOM   524  C  CA  . PHE A 1 70  ? 13.187  6.719   -2.447  1.00 8.16  ? 69   PHE A CA  1 
ATOM   525  C  C   . PHE A 1 70  ? 13.704  5.469   -1.763  1.00 8.08  ? 69   PHE A C   1 
ATOM   526  O  O   . PHE A 1 70  ? 14.916  5.260   -1.695  1.00 8.98  ? 69   PHE A O   1 
ATOM   527  C  CB  . PHE A 1 70  ? 13.241  7.927   -1.515  1.00 8.45  ? 69   PHE A CB  1 
ATOM   528  C  CG  . PHE A 1 70  ? 12.926  9.194   -2.224  1.00 8.81  ? 69   PHE A CG  1 
ATOM   529  C  CD1 . PHE A 1 70  ? 13.928  9.891   -2.883  1.00 9.76  ? 69   PHE A CD1 1 
ATOM   530  C  CD2 . PHE A 1 70  ? 11.619  9.641   -2.322  1.00 9.09  ? 69   PHE A CD2 1 
ATOM   531  C  CE1 . PHE A 1 70  ? 13.634  11.036  -3.604  1.00 9.93  ? 69   PHE A CE1 1 
ATOM   532  C  CE2 . PHE A 1 70  ? 11.318  10.782  -3.042  1.00 9.94  ? 69   PHE A CE2 1 
ATOM   533  C  CZ  . PHE A 1 70  ? 12.324  11.486  -3.673  1.00 9.90  ? 69   PHE A CZ  1 
ATOM   534  N  N   . TRP A 1 71  ? 12.794  4.643   -1.255  1.00 7.84  ? 70   TRP A N   1 
ATOM   535  C  CA  . TRP A 1 71  ? 13.180  3.377   -0.639  1.00 8.17  ? 70   TRP A CA  1 
ATOM   536  C  C   . TRP A 1 71  ? 13.153  2.226   -1.644  1.00 7.99  ? 70   TRP A C   1 
ATOM   537  O  O   . TRP A 1 71  ? 13.921  1.278   -1.509  1.00 8.41  ? 70   TRP A O   1 
ATOM   538  C  CB  . TRP A 1 71  ? 12.291  3.084   0.572   1.00 8.42  ? 70   TRP A CB  1 
ATOM   539  C  CG  . TRP A 1 71  ? 12.576  3.956   1.772   1.00 8.74  ? 70   TRP A CG  1 
ATOM   540  C  CD1 . TRP A 1 71  ? 13.254  5.149   1.800   1.00 9.09  ? 70   TRP A CD1 1 
ATOM   541  C  CD2 . TRP A 1 71  ? 12.166  3.701   3.116   1.00 9.57  ? 70   TRP A CD2 1 
ATOM   542  N  NE1 . TRP A 1 71  ? 13.305  5.639   3.085   1.00 10.47 ? 70   TRP A NE1 1 
ATOM   543  C  CE2 . TRP A 1 71  ? 12.639  4.770   3.907   1.00 9.16  ? 70   TRP A CE2 1 
ATOM   544  C  CE3 . TRP A 1 71  ? 11.461  2.661   3.734   1.00 9.61  ? 70   TRP A CE3 1 
ATOM   545  C  CZ2 . TRP A 1 71  ? 12.418  4.829   5.282   1.00 10.26 ? 70   TRP A CZ2 1 
ATOM   546  C  CZ3 . TRP A 1 71  ? 11.236  2.731   5.098   1.00 10.37 ? 70   TRP A CZ3 1 
ATOM   547  C  CH2 . TRP A 1 71  ? 11.719  3.805   5.856   1.00 10.33 ? 70   TRP A CH2 1 
ATOM   548  N  N   . ILE A 1 72  ? 12.281  2.301   -2.648  1.00 7.77  ? 71   ILE A N   1 
ATOM   549  C  CA  . ILE A 1 72  ? 12.216  1.247   -3.661  1.00 8.13  ? 71   ILE A CA  1 
ATOM   550  C  C   . ILE A 1 72  ? 13.425  1.251   -4.602  1.00 8.10  ? 71   ILE A C   1 
ATOM   551  O  O   . ILE A 1 72  ? 14.016  0.203   -4.877  1.00 8.25  ? 71   ILE A O   1 
ATOM   552  C  CB  . ILE A 1 72  ? 10.933  1.355   -4.498  1.00 7.76  ? 71   ILE A CB  1 
ATOM   553  C  CG1 . ILE A 1 72  ? 9.718   0.938   -3.663  1.00 8.52  ? 71   ILE A CG1 1 
ATOM   554  C  CG2 . ILE A 1 72  ? 11.029  0.493   -5.761  1.00 8.46  ? 71   ILE A CG2 1 
ATOM   555  C  CD1 . ILE A 1 72  ? 8.391   1.119   -4.367  1.00 9.63  ? 71   ILE A CD1 1 
ATOM   556  N  N   . ASP A 1 73  ? 13.769  2.426   -5.120  1.00 8.30  ? 72   ASP A N   1 
ATOM   557  C  CA  . ASP A 1 73  ? 14.759  2.544   -6.181  1.00 8.95  ? 72   ASP A CA  1 
ATOM   558  C  C   . ASP A 1 73  ? 16.149  2.179   -5.672  1.00 9.28  ? 72   ASP A C   1 
ATOM   559  O  O   . ASP A 1 73  ? 16.670  2.861   -4.801  1.00 8.95  ? 72   ASP A O   1 
ATOM   560  C  CB  . ASP A 1 73  ? 14.745  3.974   -6.712  1.00 9.16  ? 72   ASP A CB  1 
ATOM   561  C  CG  . ASP A 1 73  ? 15.717  4.200   -7.847  1.00 9.49  ? 72   ASP A CG  1 
ATOM   562  O  OD1 . ASP A 1 73  ? 16.424  3.261   -8.277  1.00 9.86  ? 72   ASP A OD1 1 
ATOM   563  O  OD2 . ASP A 1 73  ? 15.779  5.354   -8.308  1.00 11.14 ? 72   ASP A OD2 1 
ATOM   564  N  N   . PRO A 1 74  ? 16.761  1.106   -6.220  1.00 10.35 ? 73   PRO A N   1 
ATOM   565  C  CA  . PRO A 1 74  ? 18.083  0.723   -5.717  1.00 11.50 ? 73   PRO A CA  1 
ATOM   566  C  C   . PRO A 1 74  ? 19.167  1.769   -6.003  1.00 12.44 ? 73   PRO A C   1 
ATOM   567  O  O   . PRO A 1 74  ? 20.230  1.739   -5.374  1.00 13.51 ? 73   PRO A O   1 
ATOM   568  C  CB  . PRO A 1 74  ? 18.374  -0.591  -6.452  1.00 11.50 ? 73   PRO A CB  1 
ATOM   569  C  CG  . PRO A 1 74  ? 17.557  -0.533  -7.684  1.00 11.40 ? 73   PRO A CG  1 
ATOM   570  C  CD  . PRO A 1 74  ? 16.302  0.205   -7.294  1.00 10.14 ? 73   PRO A CD  1 
ATOM   571  N  N   . GLN A 1 75  ? 18.895  2.682   -6.934  1.00 13.13 ? 74   GLN A N   1 
ATOM   572  C  CA  . GLN A 1 75  ? 19.813  3.774   -7.257  1.00 14.26 ? 74   GLN A CA  1 
ATOM   573  C  C   . GLN A 1 75  ? 19.585  5.022   -6.406  1.00 14.35 ? 74   GLN A C   1 
ATOM   574  O  O   . GLN A 1 75  ? 20.241  6.050   -6.610  1.00 15.21 ? 74   GLN A O   1 
ATOM   575  C  CB  . GLN A 1 75  ? 19.713  4.141   -8.741  1.00 14.67 ? 74   GLN A CB  1 
ATOM   576  C  CG  . GLN A 1 75  ? 19.996  2.995   -9.713  1.00 17.68 ? 74   GLN A CG  1 
ATOM   577  C  CD  . GLN A 1 75  ? 21.313  2.296   -9.439  1.00 21.18 ? 74   GLN A CD  1 
ATOM   578  O  OE1 . GLN A 1 75  ? 22.324  2.940   -9.153  1.00 22.18 ? 74   GLN A OE1 1 
ATOM   579  N  NE2 . GLN A 1 75  ? 21.306  0.968   -9.521  1.00 22.83 ? 74   GLN A NE2 1 
ATOM   580  N  N   . SER A 1 76  ? 18.636  4.944   -5.476  1.00 13.94 ? 75   SER A N   1 
ATOM   581  C  CA  . SER A 1 76  ? 18.420  6.011   -4.514  1.00 13.85 ? 75   SER A CA  1 
ATOM   582  C  C   . SER A 1 76  ? 19.407  5.871   -3.363  1.00 14.40 ? 75   SER A C   1 
ATOM   583  O  O   . SER A 1 76  ? 19.688  4.758   -2.924  1.00 14.12 ? 75   SER A O   1 
ATOM   584  C  CB  . SER A 1 76  ? 16.992  5.965   -3.968  1.00 13.40 ? 75   SER A CB  1 
ATOM   585  O  OG  . SER A 1 76  ? 16.864  6.774   -2.805  1.00 12.85 ? 75   SER A OG  1 
ATOM   586  N  N   . PRO A 1 77  ? 19.929  7.006   -2.861  1.00 15.16 ? 76   PRO A N   1 
ATOM   587  C  CA  . PRO A 1 77  ? 20.771  6.974   -1.668  1.00 15.80 ? 76   PRO A CA  1 
ATOM   588  C  C   . PRO A 1 77  ? 20.068  6.343   -0.458  1.00 15.63 ? 76   PRO A C   1 
ATOM   589  O  O   . PRO A 1 77  ? 20.728  5.893   0.478   1.00 16.74 ? 76   PRO A O   1 
ATOM   590  C  CB  . PRO A 1 77  ? 21.059  8.458   -1.405  1.00 16.06 ? 76   PRO A CB  1 
ATOM   591  C  CG  . PRO A 1 77  ? 20.891  9.113   -2.725  1.00 15.99 ? 76   PRO A CG  1 
ATOM   592  C  CD  . PRO A 1 77  ? 19.774  8.374   -3.386  1.00 15.52 ? 76   PRO A CD  1 
ATOM   593  N  N   . TYR A 1 78  ? 18.738  6.282   -0.505  1.00 14.84 ? 77   TYR A N   1 
ATOM   594  C  CA  . TYR A 1 78  ? 17.920  5.843   0.627   1.00 14.21 ? 77   TYR A CA  1 
ATOM   595  C  C   . TYR A 1 78  ? 17.270  4.472   0.389   1.00 13.09 ? 77   TYR A C   1 
ATOM   596  O  O   . TYR A 1 78  ? 16.362  4.063   1.122   1.00 12.81 ? 77   TYR A O   1 
ATOM   597  C  CB  . TYR A 1 78  ? 16.883  6.932   0.947   1.00 14.79 ? 77   TYR A CB  1 
ATOM   598  C  CG  . TYR A 1 78  ? 17.461  8.330   0.783   1.00 15.74 ? 77   TYR A CG  1 
ATOM   599  C  CD1 . TYR A 1 78  ? 18.242  8.905   1.785   1.00 17.27 ? 77   TYR A CD1 1 
ATOM   600  C  CD2 . TYR A 1 78  ? 17.265  9.056   -0.393  1.00 16.53 ? 77   TYR A CD2 1 
ATOM   601  C  CE1 . TYR A 1 78  ? 18.797  10.179  1.627   1.00 17.63 ? 77   TYR A CE1 1 
ATOM   602  C  CE2 . TYR A 1 78  ? 17.816  10.330  -0.561  1.00 18.02 ? 77   TYR A CE2 1 
ATOM   603  C  CZ  . TYR A 1 78  ? 18.578  10.881  0.453   1.00 18.52 ? 77   TYR A CZ  1 
ATOM   604  O  OH  . TYR A 1 78  ? 19.119  12.139  0.290   1.00 19.44 ? 77   TYR A OH  1 
ATOM   605  N  N   . ALA A 1 79  ? 17.769  3.764   -0.628  1.00 12.35 ? 78   ALA A N   1 
ATOM   606  C  CA  . ALA A 1 79  ? 17.265  2.447   -1.016  1.00 12.14 ? 78   ALA A CA  1 
ATOM   607  C  C   . ALA A 1 79  ? 17.202  1.466   0.144   1.00 12.00 ? 78   ALA A C   1 
ATOM   608  O  O   . ALA A 1 79  ? 18.121  1.402   0.973   1.00 12.26 ? 78   ALA A O   1 
ATOM   609  C  CB  . ALA A 1 79  ? 18.118  1.869   -2.124  1.00 12.65 ? 78   ALA A CB  1 
ATOM   610  N  N   . LYS A 1 80  ? 16.126  0.688   0.194   1.00 11.41 ? 79   LYS A N   1 
ATOM   611  C  CA  . LYS A 1 80  ? 15.987  -0.362  1.192   1.00 11.09 ? 79   LYS A CA  1 
ATOM   612  C  C   . LYS A 1 80  ? 15.980  -1.693  0.461   1.00 11.25 ? 79   LYS A C   1 
ATOM   613  O  O   . LYS A 1 80  ? 15.180  -1.891  -0.459  1.00 11.12 ? 79   LYS A O   1 
ATOM   614  C  CB  . LYS A 1 80  ? 14.705  -0.181  1.998   1.00 11.49 ? 79   LYS A CB  1 
ATOM   615  C  CG  . LYS A 1 80  ? 14.615  1.148   2.719   1.00 12.06 ? 79   LYS A CG  1 
ATOM   616  C  CD  . LYS A 1 80  ? 15.652  1.281   3.820   1.00 14.31 ? 79   LYS A CD  1 
ATOM   617  C  CE  . LYS A 1 80  ? 15.480  2.611   4.544   1.00 14.93 ? 79   LYS A CE  1 
ATOM   618  N  NZ  . LYS A 1 80  ? 16.126  3.745   3.846   1.00 17.98 ? 79   LYS A NZ  1 
ATOM   619  N  N   . PRO A 1 81  ? 16.887  -2.613  0.849   1.00 11.44 ? 80   PRO A N   1 
ATOM   620  C  CA  . PRO A 1 81  ? 17.035  -3.879  0.135   1.00 11.53 ? 80   PRO A CA  1 
ATOM   621  C  C   . PRO A 1 81  ? 15.801  -4.765  0.112   1.00 10.58 ? 80   PRO A C   1 
ATOM   622  O  O   . PRO A 1 81  ? 15.691  -5.610  -0.778  1.00 10.37 ? 80   PRO A O   1 
ATOM   623  C  CB  . PRO A 1 81  ? 18.171  -4.585  0.881   1.00 12.36 ? 80   PRO A CB  1 
ATOM   624  C  CG  . PRO A 1 81  ? 18.868  -3.537  1.624   1.00 13.67 ? 80   PRO A CG  1 
ATOM   625  C  CD  . PRO A 1 81  ? 17.871  -2.480  1.938   1.00 11.72 ? 80   PRO A CD  1 
ATOM   626  N  N   . ILE A 1 82  ? 14.889  -4.590  1.068   1.00 10.48 ? 81   ILE A N   1 
ATOM   627  C  CA  . ILE A 1 82  ? 13.647  -5.366  1.079   1.00 10.24 ? 81   ILE A CA  1 
ATOM   628  C  C   . ILE A 1 82  ? 12.866  -5.213  -0.236  1.00 9.69  ? 81   ILE A C   1 
ATOM   629  O  O   . ILE A 1 82  ? 12.234  -6.161  -0.696  1.00 9.39  ? 81   ILE A O   1 
ATOM   630  C  CB  . ILE A 1 82  ? 12.761  -5.040  2.317   1.00 10.68 ? 81   ILE A CB  1 
ATOM   631  C  CG1 . ILE A 1 82  ? 11.646  -6.082  2.483   1.00 11.68 ? 81   ILE A CG1 1 
ATOM   632  C  CG2 . ILE A 1 82  ? 12.191  -3.613  2.255   1.00 10.90 ? 81   ILE A CG2 1 
ATOM   633  C  CD1 . ILE A 1 82  ? 10.949  -6.013  3.831   1.00 14.23 ? 81   ILE A CD1 1 
ATOM   634  N  N   . PHE A 1 83  ? 12.946  -4.035  -0.854  1.00 8.75  ? 82   PHE A N   1 
ATOM   635  C  CA  . PHE A 1 83  ? 12.228  -3.778  -2.101  1.00 8.76  ? 82   PHE A CA  1 
ATOM   636  C  C   . PHE A 1 83  ? 12.889  -4.398  -3.329  1.00 8.95  ? 82   PHE A C   1 
ATOM   637  O  O   . PHE A 1 83  ? 12.357  -4.296  -4.430  1.00 9.23  ? 82   PHE A O   1 
ATOM   638  C  CB  . PHE A 1 83  ? 12.014  -2.278  -2.305  1.00 8.57  ? 82   PHE A CB  1 
ATOM   639  C  CG  . PHE A 1 83  ? 10.947  -1.705  -1.426  1.00 8.40  ? 82   PHE A CG  1 
ATOM   640  C  CD1 . PHE A 1 83  ? 9.627   -2.151  -1.533  1.00 8.98  ? 82   PHE A CD1 1 
ATOM   641  C  CD2 . PHE A 1 83  ? 11.251  -0.720  -0.489  1.00 8.68  ? 82   PHE A CD2 1 
ATOM   642  C  CE1 . PHE A 1 83  ? 8.631   -1.621  -0.722  1.00 10.22 ? 82   PHE A CE1 1 
ATOM   643  C  CE2 . PHE A 1 83  ? 10.255  -0.184  0.322   1.00 10.48 ? 82   PHE A CE2 1 
ATOM   644  C  CZ  . PHE A 1 83  ? 8.949   -0.641  0.208   1.00 11.91 ? 82   PHE A CZ  1 
ATOM   645  N  N   . GLN A 1 84  ? 14.045  -5.025  -3.142  1.00 9.26  ? 83   GLN A N   1 
ATOM   646  C  CA  . GLN A 1 84  ? 14.711  -5.730  -4.233  1.00 10.19 ? 83   GLN A CA  1 
ATOM   647  C  C   . GLN A 1 84  ? 14.384  -7.223  -4.233  1.00 10.58 ? 83   GLN A C   1 
ATOM   648  O  O   . GLN A 1 84  ? 14.759  -7.947  -5.158  1.00 10.89 ? 83   GLN A O   1 
ATOM   649  C  CB  . GLN A 1 84  ? 16.221  -5.497  -4.169  1.00 10.66 ? 83   GLN A CB  1 
ATOM   650  C  CG  . GLN A 1 84  ? 16.642  -4.172  -4.796  1.00 11.66 ? 83   GLN A CG  1 
ATOM   651  C  CD  . GLN A 1 84  ? 16.655  -4.231  -6.307  1.00 12.34 ? 83   GLN A CD  1 
ATOM   652  O  OE1 . GLN A 1 84  ? 15.776  -3.682  -6.976  1.00 13.62 ? 83   GLN A OE1 1 
ATOM   653  N  NE2 . GLN A 1 84  ? 17.653  -4.908  -6.858  1.00 11.69 ? 83   GLN A NE2 1 
ATOM   654  N  N   . GLU A 1 85  ? 13.668  -7.678  -3.208  1.00 10.84 ? 84   GLU A N   1 
ATOM   655  C  CA  . GLU A 1 85  ? 13.364  -9.099  -3.047  1.00 11.89 ? 84   GLU A CA  1 
ATOM   656  C  C   . GLU A 1 85  ? 12.376  -9.607  -4.085  1.00 11.82 ? 84   GLU A C   1 
ATOM   657  O  O   . GLU A 1 85  ? 11.491  -8.877  -4.534  1.00 10.89 ? 84   GLU A O   1 
ATOM   658  C  CB  . GLU A 1 85  ? 12.859  -9.386  -1.634  1.00 12.21 ? 84   GLU A CB  1 
ATOM   659  C  CG  . GLU A 1 85  ? 13.942  -9.175  -0.586  1.00 14.75 ? 84   GLU A CG  1 
ATOM   660  C  CD  . GLU A 1 85  ? 13.498  -9.480  0.826   1.00 18.28 ? 84   GLU A CD  1 
ATOM   661  O  OE1 . GLU A 1 85  ? 12.371  -9.979  1.022   1.00 19.81 ? 84   GLU A OE1 1 
ATOM   662  O  OE2 . GLU A 1 85  ? 14.290  -9.204  1.749   1.00 18.97 ? 84   GLU A OE2 1 
ATOM   663  N  N   . ASP A 1 86  ? 12.546  -10.875 -4.446  1.00 12.89 ? 85   ASP A N   1 
ATOM   664  C  CA  . ASP A 1 86  ? 11.734  -11.553 -5.441  1.00 14.03 ? 85   ASP A CA  1 
ATOM   665  C  C   . ASP A 1 86  ? 10.429  -12.035 -4.797  1.00 13.84 ? 85   ASP A C   1 
ATOM   666  O  O   . ASP A 1 86  ? 10.216  -13.237 -4.607  1.00 14.77 ? 85   ASP A O   1 
ATOM   667  C  CB  . ASP A 1 86  ? 12.551  -12.721 -6.016  1.00 15.00 ? 85   ASP A CB  1 
ATOM   668  C  CG  . ASP A 1 86  ? 11.803  -13.513 -7.073  1.00 17.15 ? 85   ASP A CG  1 
ATOM   669  O  OD1 . ASP A 1 86  ? 11.058  -12.905 -7.869  1.00 19.97 ? 85   ASP A OD1 1 
ATOM   670  O  OD2 . ASP A 1 86  ? 11.977  -14.751 -7.110  1.00 20.47 ? 85   ASP A OD2 1 
ATOM   671  N  N   . LYS A 1 87  ? 9.562   -11.080 -4.464  1.00 13.23 ? 86   LYS A N   1 
ATOM   672  C  CA  . LYS A 1 87  ? 8.335   -11.337 -3.711  1.00 12.87 ? 86   LYS A CA  1 
ATOM   673  C  C   . LYS A 1 87  ? 7.196   -10.483 -4.243  1.00 12.24 ? 86   LYS A C   1 
ATOM   674  O  O   . LYS A 1 87  ? 7.428   -9.541  -5.000  1.00 12.29 ? 86   LYS A O   1 
ATOM   675  C  CB  . LYS A 1 87  ? 8.565   -11.041 -2.224  1.00 12.97 ? 86   LYS A CB  1 
ATOM   676  C  CG  . LYS A 1 87  ? 9.512   -12.035 -1.551  1.00 14.11 ? 86   LYS A CG  1 
ATOM   677  C  CD  . LYS A 1 87  ? 9.735   -11.724 -0.092  1.00 16.26 ? 86   LYS A CD  1 
ATOM   678  C  CE  . LYS A 1 87  ? 10.554  -12.816 0.578   1.00 18.37 ? 86   LYS A CE  1 
ATOM   679  N  NZ  . LYS A 1 87  ? 10.855  -12.461 1.989   1.00 20.61 ? 86   LYS A NZ  1 
ATOM   680  N  N   . LYS A 1 88  ? 5.971   -10.822 -3.848  1.00 11.62 ? 87   LYS A N   1 
ATOM   681  C  CA  . LYS A 1 88  ? 4.815   -9.973  -4.099  1.00 11.25 ? 87   LYS A CA  1 
ATOM   682  C  C   . LYS A 1 88  ? 4.705   -8.920  -2.991  1.00 10.32 ? 87   LYS A C   1 
ATOM   683  O  O   . LYS A 1 88  ? 4.778   -9.246  -1.806  1.00 11.08 ? 87   LYS A O   1 
ATOM   684  C  CB  . LYS A 1 88  ? 3.525   -10.801 -4.191  1.00 11.56 ? 87   LYS A CB  1 
ATOM   685  C  CG  . LYS A 1 88  ? 2.272   -9.943  -4.413  1.00 12.04 ? 87   LYS A CG  1 
ATOM   686  C  CD  . LYS A 1 88  ? 1.009   -10.753 -4.701  1.00 12.88 ? 87   LYS A CD  1 
ATOM   687  C  CE  . LYS A 1 88  ? 0.914   -11.133 -6.173  1.00 13.52 ? 87   LYS A CE  1 
ATOM   688  N  NZ  . LYS A 1 88  ? -0.428  -11.668 -6.545  1.00 12.31 ? 87   LYS A NZ  1 
ATOM   689  N  N   . PHE A 1 89  ? 4.527   -7.664  -3.392  1.00 9.68  ? 88   PHE A N   1 
ATOM   690  C  CA  . PHE A 1 89  ? 4.411   -6.547  -2.457  1.00 8.50  ? 88   PHE A CA  1 
ATOM   691  C  C   . PHE A 1 89  ? 2.967   -6.118  -2.343  1.00 8.36  ? 88   PHE A C   1 
ATOM   692  O  O   . PHE A 1 89  ? 2.354   -5.703  -3.329  1.00 9.01  ? 88   PHE A O   1 
ATOM   693  C  CB  . PHE A 1 89  ? 5.315   -5.389  -2.883  1.00 8.28  ? 88   PHE A CB  1 
ATOM   694  C  CG  . PHE A 1 89  ? 6.764   -5.711  -2.750  1.00 8.97  ? 88   PHE A CG  1 
ATOM   695  C  CD1 . PHE A 1 89  ? 7.465   -5.365  -1.606  1.00 9.38  ? 88   PHE A CD1 1 
ATOM   696  C  CD2 . PHE A 1 89  ? 7.425   -6.424  -3.747  1.00 9.60  ? 88   PHE A CD2 1 
ATOM   697  C  CE1 . PHE A 1 89  ? 8.803   -5.700  -1.465  1.00 10.06 ? 88   PHE A CE1 1 
ATOM   698  C  CE2 . PHE A 1 89  ? 8.766   -6.761  -3.619  1.00 10.26 ? 88   PHE A CE2 1 
ATOM   699  C  CZ  . PHE A 1 89  ? 9.454   -6.397  -2.468  1.00 10.27 ? 88   PHE A CZ  1 
ATOM   700  N  N   . VAL A 1 90  ? 2.423   -6.263  -1.140  1.00 7.83  ? 89   VAL A N   1 
ATOM   701  C  CA  . VAL A 1 90  ? 1.039   -5.946  -0.850  1.00 7.72  ? 89   VAL A CA  1 
ATOM   702  C  C   . VAL A 1 90  ? 1.012   -4.692  0.017   1.00 7.45  ? 89   VAL A C   1 
ATOM   703  O  O   . VAL A 1 90  ? 1.421   -4.728  1.178   1.00 8.01  ? 89   VAL A O   1 
ATOM   704  C  CB  . VAL A 1 90  ? 0.352   -7.124  -0.127  1.00 7.91  ? 89   VAL A CB  1 
ATOM   705  C  CG1 . VAL A 1 90  ? -1.083  -6.766  0.252   1.00 9.32  ? 89   VAL A CG1 1 
ATOM   706  C  CG2 . VAL A 1 90  ? 0.407   -8.380  -0.978  1.00 9.14  ? 89   VAL A CG2 1 
ATOM   707  N  N   . PHE A 1 91  ? 0.523   -3.587  -0.544  1.00 7.38  ? 90   PHE A N   1 
ATOM   708  C  CA  . PHE A 1 91  ? 0.515   -2.302  0.152   1.00 7.11  ? 90   PHE A CA  1 
ATOM   709  C  C   . PHE A 1 91  ? -0.800  -2.104  0.868   1.00 7.18  ? 90   PHE A C   1 
ATOM   710  O  O   . PHE A 1 91  ? -1.845  -2.509  0.368   1.00 7.79  ? 90   PHE A O   1 
ATOM   711  C  CB  . PHE A 1 91  ? 0.739   -1.162  -0.848  1.00 7.69  ? 90   PHE A CB  1 
ATOM   712  C  CG  . PHE A 1 91  ? 2.074   -1.219  -1.531  1.00 7.23  ? 90   PHE A CG  1 
ATOM   713  C  CD1 . PHE A 1 91  ? 3.182   -0.593  -0.970  1.00 7.80  ? 90   PHE A CD1 1 
ATOM   714  C  CD2 . PHE A 1 91  ? 2.235   -1.921  -2.727  1.00 8.25  ? 90   PHE A CD2 1 
ATOM   715  C  CE1 . PHE A 1 91  ? 4.425   -0.662  -1.588  1.00 8.21  ? 90   PHE A CE1 1 
ATOM   716  C  CE2 . PHE A 1 91  ? 3.473   -1.992  -3.348  1.00 8.06  ? 90   PHE A CE2 1 
ATOM   717  C  CZ  . PHE A 1 91  ? 4.569   -1.358  -2.778  1.00 8.50  ? 90   PHE A CZ  1 
ATOM   718  N  N   . TYR A 1 92  ? -0.759  -1.482  2.040   1.00 7.04  ? 91   TYR A N   1 
ATOM   719  C  CA  . TYR A 1 92  ? -2.007  -1.118  2.707   1.00 7.33  ? 91   TYR A CA  1 
ATOM   720  C  C   . TYR A 1 92  ? -1.928  0.217   3.419   1.00 7.62  ? 91   TYR A C   1 
ATOM   721  O  O   . TYR A 1 92  ? -0.868  0.644   3.868   1.00 7.74  ? 91   TYR A O   1 
ATOM   722  C  CB  . TYR A 1 92  ? -2.510  -2.221  3.649   1.00 7.60  ? 91   TYR A CB  1 
ATOM   723  C  CG  . TYR A 1 92  ? -1.816  -2.310  4.987   1.00 8.02  ? 91   TYR A CG  1 
ATOM   724  C  CD1 . TYR A 1 92  ? -2.377  -1.731  6.123   1.00 7.87  ? 91   TYR A CD1 1 
ATOM   725  C  CD2 . TYR A 1 92  ? -0.625  -3.012  5.127   1.00 8.38  ? 91   TYR A CD2 1 
ATOM   726  C  CE1 . TYR A 1 92  ? -1.748  -1.825  7.365   1.00 8.08  ? 91   TYR A CE1 1 
ATOM   727  C  CE2 . TYR A 1 92  ? 0.006   -3.118  6.366   1.00 8.05  ? 91   TYR A CE2 1 
ATOM   728  C  CZ  . TYR A 1 92  ? -0.569  -2.532  7.476   1.00 8.03  ? 91   TYR A CZ  1 
ATOM   729  O  OH  . TYR A 1 92  ? 0.047   -2.647  8.705   1.00 8.61  ? 91   TYR A OH  1 
ATOM   730  N  N   . CYS A 1 93  ? -3.080  0.867   3.499   1.00 7.65  ? 92   CYS A N   1 
ATOM   731  C  CA  . CYS A 1 93  ? -3.214  2.133   4.200   1.00 8.53  ? 92   CYS A CA  1 
ATOM   732  C  C   . CYS A 1 93  ? -4.440  2.015   5.106   1.00 8.60  ? 92   CYS A C   1 
ATOM   733  O  O   . CYS A 1 93  ? -4.852  0.900   5.432   1.00 9.53  ? 92   CYS A O   1 
ATOM   734  C  CB  . CYS A 1 93  ? -3.336  3.296   3.205   1.00 8.70  ? 92   CYS A CB  1 
ATOM   735  S  SG  . CYS A 1 93  ? -4.742  3.171   2.051   1.00 9.76  ? 92   CYS A SG  1 
ATOM   736  N  N   . ALA A 1 94  ? -5.027  3.135   5.524   1.00 8.96  ? 93   ALA A N   1 
ATOM   737  C  CA  . ALA A 1 94  ? -6.188  3.079   6.417   1.00 9.93  ? 93   ALA A CA  1 
ATOM   738  C  C   . ALA A 1 94  ? -7.487  2.640   5.741   1.00 10.56 ? 93   ALA A C   1 
ATOM   739  O  O   . ALA A 1 94  ? -8.280  1.904   6.341   1.00 10.80 ? 93   ALA A O   1 
ATOM   740  C  CB  . ALA A 1 94  ? -6.384  4.417   7.135   1.00 10.76 ? 93   ALA A CB  1 
ATOM   741  N  N   . GLY A 1 95  ? -7.710  3.074   4.506   1.00 10.86 ? 94   GLY A N   1 
ATOM   742  C  CA  . GLY A 1 95  ? -8.987  2.839   3.833   1.00 11.35 ? 94   GLY A CA  1 
ATOM   743  C  C   . GLY A 1 95  ? -8.916  2.302   2.418   1.00 11.20 ? 94   GLY A C   1 
ATOM   744  O  O   . GLY A 1 95  ? -9.950  2.096   1.781   1.00 12.01 ? 94   GLY A O   1 
ATOM   745  N  N   . GLY A 1 96  ? -7.706  2.068   1.922   1.00 10.83 ? 95   GLY A N   1 
ATOM   746  C  CA  . GLY A 1 96  ? -7.518  1.470   0.602   1.00 10.95 ? 95   GLY A CA  1 
ATOM   747  C  C   . GLY A 1 96  ? -7.157  2.426   -0.524  1.00 11.01 ? 95   GLY A C   1 
ATOM   748  O  O   . GLY A 1 96  ? -6.765  1.989   -1.607  1.00 12.55 ? 95   GLY A O   1 
ATOM   749  N  N   . LEU A 1 97  ? -7.255  3.732   -0.283  1.00 10.07 ? 96   LEU A N   1 
ATOM   750  C  CA  . LEU A 1 97  ? -7.076  4.705   -1.363  1.00 9.81  ? 96   LEU A CA  1 
ATOM   751  C  C   . LEU A 1 97  ? -5.612  5.048   -1.623  1.00 9.37  ? 96   LEU A C   1 
ATOM   752  O  O   . LEU A 1 97  ? -5.130  4.857   -2.739  1.00 9.09  ? 96   LEU A O   1 
ATOM   753  C  CB  . LEU A 1 97  ? -7.930  5.959   -1.141  1.00 10.48 ? 96   LEU A CB  1 
ATOM   754  C  CG  . LEU A 1 97  ? -9.432  5.718   -0.919  1.00 11.85 ? 96   LEU A CG  1 
ATOM   755  C  CD1 . LEU A 1 97  ? -10.191 7.034   -0.871  1.00 12.76 ? 96   LEU A CD1 1 
ATOM   756  C  CD2 . LEU A 1 97  ? -10.046 4.792   -1.970  1.00 13.43 ? 96   LEU A CD2 1 
ATOM   757  N  N   . ARG A 1 98  ? -4.899  5.532   -0.605  1.00 8.59  ? 97   ARG A N   1 
ATOM   758  C  CA  . ARG A 1 98  ? -3.465  5.807   -0.736  1.00 8.51  ? 97   ARG A CA  1 
ATOM   759  C  C   . ARG A 1 98  ? -2.730  4.579   -1.244  1.00 7.84  ? 97   ARG A C   1 
ATOM   760  O  O   . ARG A 1 98  ? -1.801  4.684   -2.042  1.00 7.40  ? 97   ARG A O   1 
ATOM   761  C  CB  . ARG A 1 98  ? -2.848  6.237   0.599   1.00 8.72  ? 97   ARG A CB  1 
ATOM   762  C  CG  . ARG A 1 98  ? -3.035  7.695   0.961   1.00 9.39  ? 97   ARG A CG  1 
ATOM   763  C  CD  . ARG A 1 98  ? -2.591  7.951   2.395   1.00 9.14  ? 97   ARG A CD  1 
ATOM   764  N  NE  . ARG A 1 98  ? -3.510  7.328   3.344   1.00 9.51  ? 97   ARG A NE  1 
ATOM   765  C  CZ  . ARG A 1 98  ? -3.278  7.131   4.639   1.00 9.06  ? 97   ARG A CZ  1 
ATOM   766  N  NH1 . ARG A 1 98  ? -2.114  7.459   5.186   1.00 9.46  ? 97   ARG A NH1 1 
ATOM   767  N  NH2 . ARG A 1 98  ? -4.220  6.568   5.387   1.00 9.71  ? 97   ARG A NH2 1 
ATOM   768  N  N   . SER A 1 99  ? -3.134  3.407   -0.759  1.00 8.04  ? 98   SER A N   1 
ATOM   769  C  CA  . SER A 1 99  ? -2.433  2.183   -1.137  1.00 8.26  ? 98   SER A CA  1 
ATOM   770  C  C   . SER A 1 99  ? -2.649  1.788   -2.591  1.00 7.66  ? 98   SER A C   1 
ATOM   771  O  O   . SER A 1 99  ? -1.777  1.158   -3.190  1.00 7.26  ? 98   SER A O   1 
ATOM   772  C  CB  . SER A 1 99  ? -2.765  1.029   -0.195  1.00 9.16  ? 98   SER A CB  1 
ATOM   773  O  OG  . SER A 1 99  ? -4.154  0.804   -0.132  1.00 10.97 ? 98   SER A OG  1 
ATOM   774  N  N   . ALA A 1 100 ? -3.794  2.153   -3.169  1.00 7.52  ? 99   ALA A N   1 
ATOM   775  C  CA  . ALA A 1 100 ? -3.990  1.956   -4.607  1.00 7.74  ? 99   ALA A CA  1 
ATOM   776  C  C   . ALA A 1 100 ? -2.996  2.822   -5.375  1.00 7.26  ? 99   ALA A C   1 
ATOM   777  O  O   . ALA A 1 100 ? -2.346  2.362   -6.319  1.00 7.56  ? 99   ALA A O   1 
ATOM   778  C  CB  . ALA A 1 100 ? -5.415  2.277   -5.018  1.00 8.53  ? 99   ALA A CB  1 
ATOM   779  N  N   . LEU A 1 101 ? -2.866  4.083   -4.968  1.00 7.30  ? 100  LEU A N   1 
ATOM   780  C  CA  . LEU A 1 101 ? -1.909  4.975   -5.622  1.00 7.45  ? 100  LEU A CA  1 
ATOM   781  C  C   . LEU A 1 101 ? -0.482  4.483   -5.433  1.00 7.43  ? 100  LEU A C   1 
ATOM   782  O  O   . LEU A 1 101 ? 0.309   4.506   -6.366  1.00 7.16  ? 100  LEU A O   1 
ATOM   783  C  CB  . LEU A 1 101 ? -2.047  6.415   -5.122  1.00 7.83  ? 100  LEU A CB  1 
ATOM   784  C  CG  . LEU A 1 101 ? -3.412  7.083   -5.292  1.00 7.82  ? 100  LEU A CG  1 
ATOM   785  C  CD1 . LEU A 1 101 ? -3.287  8.549   -4.937  1.00 9.84  ? 100  LEU A CD1 1 
ATOM   786  C  CD2 . LEU A 1 101 ? -3.972  6.912   -6.707  1.00 9.34  ? 100  LEU A CD2 1 
ATOM   787  N  N   . ALA A 1 102 ? -0.162  4.011   -4.230  1.00 7.39  ? 101  ALA A N   1 
ATOM   788  C  CA  . ALA A 1 102 ? 1.186   3.525   -3.927  1.00 7.69  ? 101  ALA A CA  1 
ATOM   789  C  C   . ALA A 1 102 ? 1.539   2.289   -4.747  1.00 7.73  ? 101  ALA A C   1 
ATOM   790  O  O   . ALA A 1 102 ? 2.632   2.194   -5.296  1.00 7.60  ? 101  ALA A O   1 
ATOM   791  C  CB  . ALA A 1 102 ? 1.329   3.227   -2.449  1.00 7.81  ? 101  ALA A CB  1 
ATOM   792  N  N   . ALA A 1 103 ? 0.610   1.336   -4.830  1.00 7.62  ? 102  ALA A N   1 
ATOM   793  C  CA  . ALA A 1 103 ? 0.821   0.136   -5.640  1.00 7.87  ? 102  ALA A CA  1 
ATOM   794  C  C   . ALA A 1 103 ? 1.036   0.497   -7.106  1.00 7.51  ? 102  ALA A C   1 
ATOM   795  O  O   . ALA A 1 103 ? 1.924   -0.048  -7.759  1.00 7.39  ? 102  ALA A O   1 
ATOM   796  C  CB  . ALA A 1 103 ? -0.348  -0.826  -5.485  1.00 7.84  ? 102  ALA A CB  1 
ATOM   797  N  N   . LYS A 1 104 ? 0.243   1.435   -7.609  1.00 7.55  ? 103  LYS A N   1 
ATOM   798  C  CA  . LYS A 1 104 ? 0.398   1.887   -8.985  1.00 7.75  ? 103  LYS A CA  1 
ATOM   799  C  C   . LYS A 1 104 ? 1.760   2.559   -9.208  1.00 7.30  ? 103  LYS A C   1 
ATOM   800  O  O   . LYS A 1 104 ? 2.427   2.286   -10.207 1.00 7.64  ? 103  LYS A O   1 
ATOM   801  C  CB  . LYS A 1 104 ? -0.756  2.812   -9.363  1.00 7.69  ? 103  LYS A CB  1 
ATOM   802  C  CG  . LYS A 1 104 ? -0.707  3.361   -10.791 1.00 8.91  ? 103  LYS A CG  1 
ATOM   803  C  CD  . LYS A 1 104 ? -0.726  2.264   -11.852 1.00 10.61 ? 103  LYS A CD  1 
ATOM   804  C  CE  . LYS A 1 104 ? -1.075  2.820   -13.225 1.00 11.91 ? 103  LYS A CE  1 
ATOM   805  N  NZ  . LYS A 1 104 ? -0.192  3.926   -13.671 1.00 12.93 ? 103  LYS A NZ  1 
ATOM   806  N  N   . THR A 1 105 ? 2.177   3.421   -8.285  1.00 7.35  ? 104  THR A N   1 
ATOM   807  C  CA  . THR A 1 105 ? 3.501   4.033   -8.372  1.00 7.62  ? 104  THR A CA  1 
ATOM   808  C  C   . THR A 1 105 ? 4.601   2.969   -8.421  1.00 7.56  ? 104  THR A C   1 
ATOM   809  O  O   . THR A 1 105 ? 5.489   3.012   -9.274  1.00 7.82  ? 104  THR A O   1 
ATOM   810  C  CB  . THR A 1 105 ? 3.740   4.962   -7.182  1.00 7.92  ? 104  THR A CB  1 
ATOM   811  O  OG1 . THR A 1 105 ? 2.799   6.040   -7.239  1.00 8.18  ? 104  THR A OG1 1 
ATOM   812  C  CG2 . THR A 1 105 ? 5.162   5.517   -7.182  1.00 9.40  ? 104  THR A CG2 1 
ATOM   813  N  N   . ALA A 1 106 ? 4.530   2.011   -7.506  1.00 7.76  ? 105  ALA A N   1 
ATOM   814  C  CA  . ALA A 1 106 ? 5.536   0.959   -7.439  1.00 7.67  ? 105  ALA A CA  1 
ATOM   815  C  C   . ALA A 1 106 ? 5.558   0.158   -8.742  1.00 8.30  ? 105  ALA A C   1 
ATOM   816  O  O   . ALA A 1 106 ? 6.621   -0.124  -9.297  1.00 8.18  ? 105  ALA A O   1 
ATOM   817  C  CB  . ALA A 1 106 ? 5.272   0.059   -6.253  1.00 7.80  ? 105  ALA A CB  1 
ATOM   818  N  N   . GLN A 1 107 ? 4.379   -0.171  -9.252  1.00 8.23  ? 106  GLN A N   1 
ATOM   819  C  CA  . GLN A 1 107 ? 4.282   -0.914  -10.500 1.00 8.97  ? 106  GLN A CA  1 
ATOM   820  C  C   . GLN A 1 107 ? 4.855   -0.116  -11.679 1.00 9.00  ? 106  GLN A C   1 
ATOM   821  O  O   . GLN A 1 107 ? 5.567   -0.680  -12.523 1.00 9.38  ? 106  GLN A O   1 
ATOM   822  C  CB  . GLN A 1 107 ? 2.830   -1.284  -10.757 1.00 9.18  ? 106  GLN A CB  1 
ATOM   823  C  CG  . GLN A 1 107 ? 2.636   -2.293  -11.869 1.00 9.88  ? 106  GLN A CG  1 
ATOM   824  C  CD  . GLN A 1 107 ? 1.202   -2.721  -11.972 1.00 9.46  ? 106  GLN A CD  1 
ATOM   825  O  OE1 . GLN A 1 107 ? 0.381   -2.051  -12.610 1.00 11.96 ? 106  GLN A OE1 1 
ATOM   826  N  NE2 . GLN A 1 107 ? 0.879   -3.826  -11.342 1.00 8.21  ? 106  GLN A NE2 1 
ATOM   827  N  N   . ASP A 1 108 ? 4.553   1.187   -11.725 1.00 9.35  ? 107  ASP A N   1 
ATOM   828  C  CA  . ASP A 1 108 ? 5.097   2.093   -12.736 1.00 10.30 ? 107  ASP A CA  1 
ATOM   829  C  C   . ASP A 1 108 ? 6.625   2.119   -12.725 1.00 9.63  ? 107  ASP A C   1 
ATOM   830  O  O   . ASP A 1 108 ? 7.254   2.325   -13.758 1.00 10.78 ? 107  ASP A O   1 
ATOM   831  C  CB  . ASP A 1 108 ? 4.590   3.525   -12.524 1.00 10.62 ? 107  ASP A CB  1 
ATOM   832  C  CG  . ASP A 1 108 ? 3.132   3.711   -12.906 1.00 12.24 ? 107  ASP A CG  1 
ATOM   833  O  OD1 . ASP A 1 108 ? 2.534   2.817   -13.530 1.00 12.87 ? 107  ASP A OD1 1 
ATOM   834  O  OD2 . ASP A 1 108 ? 2.586   4.785   -12.568 1.00 14.06 ? 107  ASP A OD2 1 
HETATM 835  N  N   . MSE A 1 109 ? 7.220   1.931   -11.551 1.00 9.25  ? 108  MSE A N   1 
HETATM 836  C  CA  . MSE A 1 109 ? 8.673   1.927   -11.410 1.00 9.14  ? 108  MSE A CA  1 
HETATM 837  C  C   . MSE A 1 109 ? 9.290   0.630   -11.898 1.00 8.85  ? 108  MSE A C   1 
HETATM 838  O  O   . MSE A 1 109 ? 10.483  0.584   -12.193 1.00 8.98  ? 108  MSE A O   1 
HETATM 839  C  CB  . MSE A 1 109 ? 9.071   2.150   -9.951  1.00 9.18  ? 108  MSE A CB  1 
HETATM 840  C  CG  . MSE A 1 109 ? 8.686   3.508   -9.436  1.00 9.94  ? 108  MSE A CG  1 
HETATM 841  SE SE  . MSE A 1 109 ? 9.143   3.719   -7.575  1.00 13.82 ? 108  MSE A SE  1 
HETATM 842  C  CE  . MSE A 1 109 ? 11.078  3.785   -7.765  1.00 11.62 ? 108  MSE A CE  1 
ATOM   843  N  N   . GLY A 1 110 ? 8.479   -0.424  -11.947 1.00 8.93  ? 109  GLY A N   1 
ATOM   844  C  CA  . GLY A 1 110 ? 8.962   -1.755  -12.312 1.00 9.32  ? 109  GLY A CA  1 
ATOM   845  C  C   . GLY A 1 110 ? 8.843   -2.813  -11.223 1.00 8.92  ? 109  GLY A C   1 
ATOM   846  O  O   . GLY A 1 110 ? 9.137   -3.982  -11.473 1.00 9.76  ? 109  GLY A O   1 
ATOM   847  N  N   . LEU A 1 111 ? 8.413   -2.433  -10.017 1.00 8.71  ? 110  LEU A N   1 
ATOM   848  C  CA  . LEU A 1 111 ? 8.200   -3.419  -8.952  1.00 8.82  ? 110  LEU A CA  1 
ATOM   849  C  C   . LEU A 1 111 ? 7.078   -4.367  -9.377  1.00 9.11  ? 110  LEU A C   1 
ATOM   850  O  O   . LEU A 1 111 ? 6.041   -3.915  -9.853  1.00 9.50  ? 110  LEU A O   1 
ATOM   851  C  CB  . LEU A 1 111 ? 7.845   -2.740  -7.628  1.00 8.55  ? 110  LEU A CB  1 
ATOM   852  C  CG  . LEU A 1 111 ? 8.117   -3.549  -6.351  1.00 8.61  ? 110  LEU A CG  1 
ATOM   853  C  CD1 . LEU A 1 111 ? 9.604   -3.655  -6.085  1.00 9.31  ? 110  LEU A CD1 1 
ATOM   854  C  CD2 . LEU A 1 111 ? 7.430   -2.937  -5.139  1.00 8.66  ? 110  LEU A CD2 1 
ATOM   855  N  N   . LYS A 1 112 ? 7.291   -5.669  -9.209  1.00 10.27 ? 111  LYS A N   1 
ATOM   856  C  CA  . LYS A 1 112 ? 6.346   -6.681  -9.705  1.00 11.31 ? 111  LYS A CA  1 
ATOM   857  C  C   . LYS A 1 112 ? 6.502   -7.966  -8.910  1.00 10.68 ? 111  LYS A C   1 
ATOM   858  O  O   . LYS A 1 112 ? 7.625   -8.373  -8.639  1.00 10.42 ? 111  LYS A O   1 
ATOM   859  C  CB  . LYS A 1 112 ? 6.649   -7.042  -11.166 1.00 12.98 ? 111  LYS A CB  1 
ATOM   860  C  CG  . LYS A 1 112 ? 6.342   -6.026  -12.229 1.00 17.00 ? 111  LYS A CG  1 
ATOM   861  C  CD  . LYS A 1 112 ? 6.730   -6.592  -13.592 1.00 21.01 ? 111  LYS A CD  1 
ATOM   862  C  CE  . LYS A 1 112 ? 6.771   -5.529  -14.675 1.00 22.51 ? 111  LYS A CE  1 
ATOM   863  N  NZ  . LYS A 1 112 ? 7.812   -4.502  -14.411 1.00 24.05 ? 111  LYS A NZ  1 
ATOM   864  N  N   . PRO A 1 113 ? 5.391   -8.641  -8.571  1.00 10.28 ? 112  PRO A N   1 
ATOM   865  C  CA  . PRO A 1 113 ? 4.004   -8.209  -8.671  1.00 10.02 ? 112  PRO A CA  1 
ATOM   866  C  C   . PRO A 1 113 ? 3.599   -7.388  -7.449  1.00 9.53  ? 112  PRO A C   1 
ATOM   867  O  O   . PRO A 1 113 ? 4.174   -7.566  -6.373  1.00 9.62  ? 112  PRO A O   1 
ATOM   868  C  CB  . PRO A 1 113 ? 3.239   -9.533  -8.710  1.00 10.25 ? 112  PRO A CB  1 
ATOM   869  C  CG  . PRO A 1 113 ? 4.076   -10.466 -7.913  1.00 10.79 ? 112  PRO A CG  1 
ATOM   870  C  CD  . PRO A 1 113 ? 5.501   -10.018 -8.050  1.00 10.45 ? 112  PRO A CD  1 
ATOM   871  N  N   . VAL A 1 114 ? 2.626   -6.497  -7.619  1.00 8.88  ? 113  VAL A N   1 
ATOM   872  C  CA  . VAL A 1 114 ? 2.146   -5.687  -6.508  1.00 8.99  ? 113  VAL A CA  1 
ATOM   873  C  C   . VAL A 1 114 ? 0.640   -5.818  -6.360  1.00 8.54  ? 113  VAL A C   1 
ATOM   874  O  O   . VAL A 1 114 ? -0.068  -6.197  -7.309  1.00 8.61  ? 113  VAL A O   1 
ATOM   875  C  CB  . VAL A 1 114 ? 2.523   -4.180  -6.636  1.00 8.90  ? 113  VAL A CB  1 
ATOM   876  C  CG1 . VAL A 1 114 ? 4.020   -3.993  -6.835  1.00 9.70  ? 113  VAL A CG1 1 
ATOM   877  C  CG2 . VAL A 1 114 ? 1.768   -3.513  -7.759  1.00 9.09  ? 113  VAL A CG2 1 
ATOM   878  N  N   . ALA A 1 115 ? 0.154   -5.482  -5.171  1.00 8.25  ? 114  ALA A N   1 
ATOM   879  C  CA  . ALA A 1 115 ? -1.267  -5.468  -4.895  1.00 8.35  ? 114  ALA A CA  1 
ATOM   880  C  C   . ALA A 1 115 ? -1.529  -4.503  -3.760  1.00 8.45  ? 114  ALA A C   1 
ATOM   881  O  O   . ALA A 1 115 ? -0.599  -4.020  -3.115  1.00 8.61  ? 114  ALA A O   1 
ATOM   882  C  CB  . ALA A 1 115 ? -1.748  -6.863  -4.531  1.00 8.58  ? 114  ALA A CB  1 
ATOM   883  N  N   . HIS A 1 116 ? -2.796  -4.218  -3.511  1.00 8.57  ? 115  HIS A N   1 
ATOM   884  C  CA  . HIS A 1 116 ? -3.163  -3.511  -2.298  1.00 8.85  ? 115  HIS A CA  1 
ATOM   885  C  C   . HIS A 1 116 ? -4.386  -4.176  -1.674  1.00 8.67  ? 115  HIS A C   1 
ATOM   886  O  O   . HIS A 1 116 ? -5.059  -4.979  -2.324  1.00 9.11  ? 115  HIS A O   1 
ATOM   887  C  CB  . HIS A 1 116 ? -3.336  -2.005  -2.542  1.00 9.21  ? 115  HIS A CB  1 
ATOM   888  C  CG  . HIS A 1 116 ? -4.698  -1.603  -3.003  1.00 9.69  ? 115  HIS A CG  1 
ATOM   889  N  ND1 . HIS A 1 116 ? -5.303  -2.115  -4.131  1.00 11.28 ? 115  HIS A ND1 1 
ATOM   890  C  CD2 . HIS A 1 116 ? -5.564  -0.705  -2.484  1.00 9.25  ? 115  HIS A CD2 1 
ATOM   891  C  CE1 . HIS A 1 116 ? -6.494  -1.560  -4.275  1.00 10.87 ? 115  HIS A CE1 1 
ATOM   892  N  NE2 . HIS A 1 116 ? -6.676  -0.703  -3.288  1.00 13.25 ? 115  HIS A NE2 1 
ATOM   893  N  N   . ILE A 1 117 ? -4.636  -3.872  -0.403  1.00 8.76  ? 116  ILE A N   1 
ATOM   894  C  CA  . ILE A 1 117 ? -5.714  -4.513  0.341   1.00 9.53  ? 116  ILE A CA  1 
ATOM   895  C  C   . ILE A 1 117 ? -6.994  -3.683  0.260   1.00 9.90  ? 116  ILE A C   1 
ATOM   896  O  O   . ILE A 1 117 ? -7.041  -2.539  0.715   1.00 9.33  ? 116  ILE A O   1 
ATOM   897  C  CB  . ILE A 1 117 ? -5.325  -4.746  1.822   1.00 9.43  ? 116  ILE A CB  1 
ATOM   898  C  CG1 . ILE A 1 117 ? -4.036  -5.574  1.919   1.00 9.86  ? 116  ILE A CG1 1 
ATOM   899  C  CG2 . ILE A 1 117 ? -6.476  -5.425  2.585   1.00 10.24 ? 116  ILE A CG2 1 
ATOM   900  C  CD1 . ILE A 1 117 ? -3.571  -5.890  3.338   1.00 9.76  ? 116  ILE A CD1 1 
ATOM   901  N  N   . GLU A 1 118 ? -8.038  -4.278  -0.311  1.00 11.03 ? 117  GLU A N   1 
ATOM   902  C  CA  . GLU A 1 118 ? -9.336  -3.623  -0.398  1.00 12.19 ? 117  GLU A CA  1 
ATOM   903  C  C   . GLU A 1 118 ? -9.807  -3.144  0.974   1.00 11.83 ? 117  GLU A C   1 
ATOM   904  O  O   . GLU A 1 118 ? -9.810  -3.904  1.941   1.00 11.79 ? 117  GLU A O   1 
ATOM   905  C  CB  . GLU A 1 118 ? -10.371 -4.568  -1.010  1.00 13.18 ? 117  GLU A CB  1 
ATOM   906  C  CG  . GLU A 1 118 ? -11.674 -3.881  -1.427  1.00 16.24 ? 117  GLU A CG  1 
ATOM   907  C  CD  . GLU A 1 118 ? -12.553 -4.751  -2.315  1.00 20.00 ? 117  GLU A CD  1 
ATOM   908  O  OE1 . GLU A 1 118 ? -12.401 -5.992  -2.284  1.00 22.84 ? 117  GLU A OE1 1 
ATOM   909  O  OE2 . GLU A 1 118 ? -13.405 -4.190  -3.040  1.00 23.02 ? 117  GLU A OE2 1 
ATOM   910  N  N   . GLY A 1 119 ? -10.174 -1.869  1.042   1.00 11.42 ? 118  GLY A N   1 
ATOM   911  C  CA  . GLY A 1 119 ? -10.698 -1.268  2.259   1.00 11.21 ? 118  GLY A CA  1 
ATOM   912  C  C   . GLY A 1 119 ? -9.673  -0.975  3.340   1.00 10.73 ? 118  GLY A C   1 
ATOM   913  O  O   . GLY A 1 119 ? -10.021 -0.476  4.401   1.00 11.00 ? 118  GLY A O   1 
ATOM   914  N  N   . GLY A 1 120 ? -8.405  -1.294  3.085   1.00 10.52 ? 119  GLY A N   1 
ATOM   915  C  CA  . GLY A 1 120 ? -7.328  -0.947  4.006   1.00 9.92  ? 119  GLY A CA  1 
ATOM   916  C  C   . GLY A 1 120 ? -7.396  -1.611  5.368   1.00 9.84  ? 119  GLY A C   1 
ATOM   917  O  O   . GLY A 1 120 ? -8.088  -2.623  5.563   1.00 10.26 ? 119  GLY A O   1 
ATOM   918  N  N   . PHE A 1 121 ? -6.675  -1.025  6.314   1.00 9.66  ? 120  PHE A N   1 
ATOM   919  C  CA  . PHE A 1 121 ? -6.624  -1.537  7.667   1.00 10.46 ? 120  PHE A CA  1 
ATOM   920  C  C   . PHE A 1 121 ? -7.980  -1.439  8.363   1.00 10.43 ? 120  PHE A C   1 
ATOM   921  O  O   . PHE A 1 121 ? -8.291  -2.259  9.223   1.00 10.47 ? 120  PHE A O   1 
ATOM   922  C  CB  . PHE A 1 121 ? -5.550  -0.808  8.474   1.00 10.66 ? 120  PHE A CB  1 
ATOM   923  C  CG  . PHE A 1 121 ? -5.219  -1.482  9.769   1.00 11.52 ? 120  PHE A CG  1 
ATOM   924  C  CD1 . PHE A 1 121 ? -4.617  -2.737  9.780   1.00 13.27 ? 120  PHE A CD1 1 
ATOM   925  C  CD2 . PHE A 1 121 ? -5.512  -0.871  10.979  1.00 13.21 ? 120  PHE A CD2 1 
ATOM   926  C  CE1 . PHE A 1 121 ? -4.310  -3.373  10.988  1.00 13.98 ? 120  PHE A CE1 1 
ATOM   927  C  CE2 . PHE A 1 121 ? -5.207  -1.500  12.185  1.00 14.90 ? 120  PHE A CE2 1 
ATOM   928  C  CZ  . PHE A 1 121 ? -4.602  -2.745  12.186  1.00 14.35 ? 120  PHE A CZ  1 
ATOM   929  N  N   . GLY A 1 122 ? -8.788  -0.448  7.988   1.00 10.38 ? 121  GLY A N   1 
ATOM   930  C  CA  . GLY A 1 122 ? -10.145 -0.320  8.525   1.00 11.30 ? 121  GLY A CA  1 
ATOM   931  C  C   . GLY A 1 122 ? -10.979 -1.566  8.263   1.00 11.33 ? 121  GLY A C   1 
ATOM   932  O  O   . GLY A 1 122 ? -11.609 -2.112  9.181   1.00 11.61 ? 121  GLY A O   1 
ATOM   933  N  N   . ALA A 1 123 ? -10.971 -2.034  7.019   1.00 11.55 ? 122  ALA A N   1 
ATOM   934  C  CA  . ALA A 1 123 ? -11.683 -3.261  6.650   1.00 11.88 ? 122  ALA A CA  1 
ATOM   935  C  C   . ALA A 1 123 ? -11.065 -4.508  7.288   1.00 11.69 ? 122  ALA A C   1 
ATOM   936  O  O   . ALA A 1 123 ? -11.782 -5.431  7.692   1.00 12.69 ? 122  ALA A O   1 
ATOM   937  C  CB  . ALA A 1 123 ? -11.730 -3.408  5.144   1.00 11.73 ? 122  ALA A CB  1 
ATOM   938  N  N   . TRP A 1 124 ? -9.735  -4.529  7.364   1.00 11.26 ? 123  TRP A N   1 
ATOM   939  C  CA  . TRP A 1 124 ? -8.990  -5.601  8.031   1.00 11.05 ? 123  TRP A CA  1 
ATOM   940  C  C   . TRP A 1 124 ? -9.436  -5.738  9.487   1.00 11.62 ? 123  TRP A C   1 
ATOM   941  O  O   . TRP A 1 124 ? -9.762  -6.838  9.946   1.00 11.93 ? 123  TRP A O   1 
ATOM   942  C  CB  . TRP A 1 124 ? -7.496  -5.287  7.954   1.00 9.91  ? 123  TRP A CB  1 
ATOM   943  C  CG  . TRP A 1 124 ? -6.570  -6.312  8.538   1.00 9.08  ? 123  TRP A CG  1 
ATOM   944  C  CD1 . TRP A 1 124 ? -6.250  -6.471  9.853   1.00 9.41  ? 123  TRP A CD1 1 
ATOM   945  C  CD2 . TRP A 1 124 ? -5.779  -7.256  7.812   1.00 7.92  ? 123  TRP A CD2 1 
ATOM   946  N  NE1 . TRP A 1 124 ? -5.336  -7.485  9.997   1.00 9.16  ? 123  TRP A NE1 1 
ATOM   947  C  CE2 . TRP A 1 124 ? -5.030  -7.984  8.759   1.00 8.28  ? 123  TRP A CE2 1 
ATOM   948  C  CE3 . TRP A 1 124 ? -5.643  -7.569  6.453   1.00 8.76  ? 123  TRP A CE3 1 
ATOM   949  C  CZ2 . TRP A 1 124 ? -4.147  -8.994  8.391   1.00 8.71  ? 123  TRP A CZ2 1 
ATOM   950  C  CZ3 . TRP A 1 124 ? -4.764  -8.570  6.089   1.00 8.85  ? 123  TRP A CZ3 1 
ATOM   951  C  CH2 . TRP A 1 124 ? -4.030  -9.274  7.054   1.00 8.61  ? 123  TRP A CH2 1 
ATOM   952  N  N   . ARG A 1 125 ? -9.441  -4.621  10.207  1.00 12.80 ? 124  ARG A N   1 
ATOM   953  C  CA  . ARG A 1 125 ? -9.909  -4.577  11.592  1.00 14.57 ? 124  ARG A CA  1 
ATOM   954  C  C   . ARG A 1 125 ? -11.374 -5.000  11.738  1.00 14.87 ? 124  ARG A C   1 
ATOM   955  O  O   . ARG A 1 125 ? -11.715 -5.772  12.646  1.00 15.29 ? 124  ARG A O   1 
ATOM   956  C  CB  . ARG A 1 125 ? -9.703  -3.174  12.158  1.00 15.00 ? 124  ARG A CB  1 
ATOM   957  C  CG  . ARG A 1 125 ? -10.125 -3.007  13.608  1.00 17.66 ? 124  ARG A CG  1 
ATOM   958  C  CD  . ARG A 1 125 ? -9.736  -1.639  14.135  1.00 21.46 ? 124  ARG A CD  1 
ATOM   959  N  NE  . ARG A 1 125 ? -10.347 -0.561  13.358  1.00 24.03 ? 124  ARG A NE  1 
ATOM   960  C  CZ  . ARG A 1 125 ? -9.997  0.720   13.441  1.00 25.27 ? 124  ARG A CZ  1 
ATOM   961  N  NH1 . ARG A 1 125 ? -9.035  1.105   14.272  1.00 25.46 ? 124  ARG A NH1 1 
ATOM   962  N  NH2 . ARG A 1 125 ? -10.615 1.623   12.691  1.00 26.23 ? 124  ARG A NH2 1 
ATOM   963  N  N   . ASP A 1 126 ? -12.230 -4.502  10.849  1.00 15.49 ? 125  ASP A N   1 
ATOM   964  C  CA  . ASP A 1 126 ? -13.656 -4.836  10.886  1.00 16.30 ? 125  ASP A CA  1 
ATOM   965  C  C   . ASP A 1 126 ? -13.897 -6.337  10.723  1.00 16.18 ? 125  ASP A C   1 
ATOM   966  O  O   . ASP A 1 126 ? -14.829 -6.887  11.311  1.00 16.37 ? 125  ASP A O   1 
ATOM   967  C  CB  . ASP A 1 126 ? -14.428 -4.061  9.816   1.00 17.05 ? 125  ASP A CB  1 
ATOM   968  C  CG  . ASP A 1 126 ? -14.560 -2.579  10.136  1.00 19.20 ? 125  ASP A CG  1 
ATOM   969  O  OD1 . ASP A 1 126 ? -14.345 -2.178  11.302  1.00 22.10 ? 125  ASP A OD1 1 
ATOM   970  O  OD2 . ASP A 1 126 ? -14.878 -1.811  9.205   1.00 22.96 ? 125  ASP A OD2 1 
ATOM   971  N  N   . ALA A 1 127 ? -13.046 -6.991  9.935   1.00 15.78 ? 126  ALA A N   1 
ATOM   972  C  CA  . ALA A 1 127 ? -13.144 -8.427  9.684   1.00 15.68 ? 126  ALA A CA  1 
ATOM   973  C  C   . ALA A 1 127 ? -12.500 -9.270  10.789  1.00 15.40 ? 126  ALA A C   1 
ATOM   974  O  O   . ALA A 1 127 ? -12.559 -10.504 10.750  1.00 15.94 ? 126  ALA A O   1 
ATOM   975  C  CB  . ALA A 1 127 ? -12.528 -8.760  8.333   1.00 15.89 ? 126  ALA A CB  1 
ATOM   976  N  N   . GLY A 1 128 ? -11.895 -8.604  11.767  1.00 14.68 ? 127  GLY A N   1 
ATOM   977  C  CA  . GLY A 1 128 ? -11.226 -9.274  12.877  1.00 14.20 ? 127  GLY A CA  1 
ATOM   978  C  C   . GLY A 1 128 ? -9.876  -9.859  12.506  1.00 13.53 ? 127  GLY A C   1 
ATOM   979  O  O   . GLY A 1 128 ? -9.431  -10.832 13.115  1.00 13.75 ? 127  GLY A O   1 
ATOM   980  N  N   . GLY A 1 129 ? -9.206  -9.257  11.522  1.00 12.66 ? 128  GLY A N   1 
ATOM   981  C  CA  . GLY A 1 129 ? -7.877  -9.708  11.105  1.00 12.09 ? 128  GLY A CA  1 
ATOM   982  C  C   . GLY A 1 129 ? -6.819  -9.571  12.188  1.00 11.67 ? 128  GLY A C   1 
ATOM   983  O  O   . GLY A 1 129 ? -7.003  -8.812  13.139  1.00 12.38 ? 128  GLY A O   1 
ATOM   984  N  N   . PRO A 1 130 ? -5.710  -10.322 12.061  1.00 11.18 ? 129  PRO A N   1 
ATOM   985  C  CA  . PRO A 1 130 ? -4.597  -10.224 13.012  1.00 11.42 ? 129  PRO A CA  1 
ATOM   986  C  C   . PRO A 1 130 ? -4.106  -8.785  13.182  1.00 11.53 ? 129  PRO A C   1 
ATOM   987  O  O   . PRO A 1 130 ? -3.866  -8.087  12.191  1.00 11.08 ? 129  PRO A O   1 
ATOM   988  C  CB  . PRO A 1 130 ? -3.511  -11.090 12.364  1.00 11.43 ? 129  PRO A CB  1 
ATOM   989  C  CG  . PRO A 1 130 ? -4.272  -12.087 11.554  1.00 11.52 ? 129  PRO A CG  1 
ATOM   990  C  CD  . PRO A 1 130 ? -5.454  -11.331 11.018  1.00 11.01 ? 129  PRO A CD  1 
ATOM   991  N  N   . ILE A 1 131 ? -3.975  -8.341  14.429  1.00 12.12 ? 130  ILE A N   1 
ATOM   992  C  CA  . ILE A 1 131 ? -3.517  -6.982  14.719  1.00 13.49 ? 130  ILE A CA  1 
ATOM   993  C  C   . ILE A 1 131 ? -2.440  -6.996  15.793  1.00 13.78 ? 130  ILE A C   1 
ATOM   994  O  O   . ILE A 1 131 ? -2.555  -7.701  16.806  1.00 13.93 ? 130  ILE A O   1 
ATOM   995  C  CB  . ILE A 1 131 ? -4.678  -6.045  15.151  1.00 13.93 ? 130  ILE A CB  1 
ATOM   996  C  CG1 . ILE A 1 131 ? -5.649  -5.808  13.990  1.00 15.61 ? 130  ILE A CG1 1 
ATOM   997  C  CG2 . ILE A 1 131 ? -4.141  -4.696  15.651  1.00 14.44 ? 130  ILE A CG2 1 
ATOM   998  C  CD1 . ILE A 1 131 ? -6.912  -5.061  14.384  1.00 18.60 ? 130  ILE A CD1 1 
ATOM   999  N  N   . GLU A 1 132 ? -1.390  -6.217  15.553  1.00 14.11 ? 131  GLU A N   1 
ATOM   1000 C  CA  . GLU A 1 132 ? -0.375  -5.930  16.555  1.00 15.01 ? 131  GLU A CA  1 
ATOM   1001 C  C   . GLU A 1 132 ? -0.532  -4.483  17.011  1.00 15.17 ? 131  GLU A C   1 
ATOM   1002 O  O   . GLU A 1 132 ? -0.603  -3.564  16.188  1.00 15.24 ? 131  GLU A O   1 
ATOM   1003 C  CB  . GLU A 1 132 ? 1.021   -6.154  15.980  1.00 15.49 ? 131  GLU A CB  1 
ATOM   1004 C  CG  . GLU A 1 132 ? 2.148   -5.718  16.910  1.00 17.36 ? 131  GLU A CG  1 
ATOM   1005 C  CD  . GLU A 1 132 ? 3.515   -5.847  16.277  1.00 20.83 ? 131  GLU A CD  1 
ATOM   1006 O  OE1 . GLU A 1 132 ? 3.635   -6.544  15.250  1.00 21.03 ? 131  GLU A OE1 1 
ATOM   1007 O  OE2 . GLU A 1 132 ? 4.473   -5.251  16.812  1.00 22.89 ? 131  GLU A OE2 1 
HETATM 1008 P  P   . PO4 B 2 .   ? -7.095  6.245   2.717   1.00 11.18 ? 4285 PO4 A P   1 
HETATM 1009 O  O1  . PO4 B 2 .   ? -7.946  5.218   2.047   1.00 11.95 ? 4285 PO4 A O1  1 
HETATM 1010 O  O2  . PO4 B 2 .   ? -5.902  6.572   1.879   1.00 10.88 ? 4285 PO4 A O2  1 
HETATM 1011 O  O3  . PO4 B 2 .   ? -7.951  7.491   2.890   1.00 15.77 ? 4285 PO4 A O3  1 
HETATM 1012 O  O4  . PO4 B 2 .   ? -6.660  5.769   4.074   1.00 12.73 ? 4285 PO4 A O4  1 
HETATM 1013 NA NA  . NA  C 3 .   ? -7.841  -3.779  -10.032 1.00 10.80 ? 4286 NA  A NA  1 
HETATM 1014 O  O   . HOH D 4 .   ? 3.447   10.237  -2.035  0.50 8.85  ? 4287 HOH A O   1 
HETATM 1015 O  O   . HOH D 4 .   ? 2.231   6.749   -4.575  1.00 9.32  ? 4288 HOH A O   1 
HETATM 1016 O  O   . HOH D 4 .   ? 17.271  6.836   -9.925  1.00 12.12 ? 4289 HOH A O   1 
HETATM 1017 O  O   . HOH D 4 .   ? 13.589  -2.328  -5.970  1.00 10.39 ? 4290 HOH A O   1 
HETATM 1018 O  O   . HOH D 4 .   ? 0.545   7.895   4.093   1.00 10.62 ? 4291 HOH A O   1 
HETATM 1019 O  O   . HOH D 4 .   ? 4.517   7.979   -3.411  1.00 9.07  ? 4292 HOH A O   1 
HETATM 1020 O  O   . HOH D 4 .   ? -5.042  -1.038  1.699   1.00 10.15 ? 4293 HOH A O   1 
HETATM 1021 O  O   . HOH D 4 .   ? -5.493  26.600  -9.658  1.00 11.40 ? 4294 HOH A O   1 
HETATM 1022 O  O   . HOH D 4 .   ? 5.843   -3.416  -12.584 1.00 11.58 ? 4295 HOH A O   1 
HETATM 1023 O  O   . HOH D 4 .   ? -1.811  -14.660 11.126  1.00 10.82 ? 4296 HOH A O   1 
HETATM 1024 O  O   . HOH D 4 .   ? -0.877  -5.125  -9.690  1.00 11.22 ? 4297 HOH A O   1 
HETATM 1025 O  O   . HOH D 4 .   ? -9.956  -14.708 5.527   1.00 12.72 ? 4298 HOH A O   1 
HETATM 1026 O  O   . HOH D 4 .   ? 4.424   3.530   7.318   1.00 11.07 ? 4299 HOH A O   1 
HETATM 1027 O  O   . HOH D 4 .   ? 15.860  -1.133  -3.084  1.00 10.29 ? 4300 HOH A O   1 
HETATM 1028 O  O   . HOH D 4 .   ? 8.828   5.593   6.094   1.00 12.87 ? 4301 HOH A O   1 
HETATM 1029 O  O   . HOH D 4 .   ? -0.315  -8.754  -8.477  1.00 11.70 ? 4302 HOH A O   1 
HETATM 1030 O  O   . HOH D 4 .   ? -0.154  6.451   -8.392  1.00 12.23 ? 4303 HOH A O   1 
HETATM 1031 O  O   . HOH D 4 .   ? -8.775  -10.895 -3.916  1.00 12.55 ? 4304 HOH A O   1 
HETATM 1032 O  O   . HOH D 4 .   ? -4.926  -19.073 5.410   1.00 13.02 ? 4305 HOH A O   1 
HETATM 1033 O  O   . HOH D 4 .   ? -6.573  -11.022 -5.610  1.00 13.05 ? 4306 HOH A O   1 
HETATM 1034 O  O   . HOH D 4 .   ? 1.449   15.185  15.673  1.00 14.95 ? 4307 HOH A O   1 
HETATM 1035 O  O   . HOH D 4 .   ? 8.279   4.553   8.534   1.00 11.89 ? 4308 HOH A O   1 
HETATM 1036 O  O   . HOH D 4 .   ? -2.749  -12.773 -5.072  1.00 12.15 ? 4309 HOH A O   1 
HETATM 1037 O  O   . HOH D 4 .   ? -5.397  3.421   10.487  1.00 14.51 ? 4310 HOH A O   1 
HETATM 1038 O  O   . HOH D 4 .   ? 3.850   10.187  3.421   0.50 12.12 ? 4311 HOH A O   1 
HETATM 1039 O  O   . HOH D 4 .   ? -8.846  -13.120 11.218  1.00 14.36 ? 4312 HOH A O   1 
HETATM 1040 O  O   . HOH D 4 .   ? -11.194 22.836  -7.885  1.00 14.77 ? 4313 HOH A O   1 
HETATM 1041 O  O   . HOH D 4 .   ? 6.070   10.764  5.229   1.00 12.51 ? 4314 HOH A O   1 
HETATM 1042 O  O   . HOH D 4 .   ? 10.367  0.528   8.514   1.00 17.46 ? 4315 HOH A O   1 
HETATM 1043 O  O   . HOH D 4 .   ? -8.810  2.318   -4.089  1.00 17.84 ? 4316 HOH A O   1 
HETATM 1044 O  O   . HOH D 4 .   ? 2.233   -6.065  -10.459 1.00 12.49 ? 4317 HOH A O   1 
HETATM 1045 O  O   . HOH D 4 .   ? 1.045   8.760   -7.105  1.00 18.19 ? 4318 HOH A O   1 
HETATM 1046 O  O   . HOH D 4 .   ? 4.355   10.277  7.377   0.50 21.10 ? 4319 HOH A O   1 
HETATM 1047 O  O   . HOH D 4 .   ? 3.584   -1.090  10.098  1.00 14.31 ? 4320 HOH A O   1 
HETATM 1048 O  O   . HOH D 4 .   ? 5.909   9.216   -8.111  1.00 15.94 ? 4321 HOH A O   1 
HETATM 1049 O  O   . HOH D 4 .   ? -9.106  -16.393 7.598   1.00 15.76 ? 4322 HOH A O   1 
HETATM 1050 O  O   . HOH D 4 .   ? -7.948  -9.385  -7.335  1.00 14.98 ? 4323 HOH A O   1 
HETATM 1051 O  O   . HOH D 4 .   ? -10.405 13.579  -10.800 1.00 21.49 ? 4324 HOH A O   1 
HETATM 1052 O  O   . HOH D 4 .   ? 1.743   0.223   -13.994 1.00 17.36 ? 4325 HOH A O   1 
HETATM 1053 O  O   . HOH D 4 .   ? 8.929   -1.625  9.533   1.00 17.56 ? 4326 HOH A O   1 
HETATM 1054 O  O   . HOH D 4 .   ? 16.813  2.900   -10.945 1.00 17.78 ? 4327 HOH A O   1 
HETATM 1055 O  O   . HOH D 4 .   ? -1.485  6.360   -12.666 1.00 18.02 ? 4328 HOH A O   1 
HETATM 1056 O  O   . HOH D 4 .   ? 8.946   1.481   -15.740 1.00 17.58 ? 4329 HOH A O   1 
HETATM 1057 O  O   . HOH D 4 .   ? 7.057   3.398   11.301  1.00 16.94 ? 4330 HOH A O   1 
HETATM 1058 O  O   . HOH D 4 .   ? -13.198 -9.699  1.829   1.00 16.10 ? 4331 HOH A O   1 
HETATM 1059 O  O   . HOH D 4 .   ? -6.007  6.133   9.886   1.00 16.75 ? 4332 HOH A O   1 
HETATM 1060 O  O   . HOH D 4 .   ? 3.464   8.083   -8.880  1.00 15.66 ? 4333 HOH A O   1 
HETATM 1061 O  O   . HOH D 4 .   ? 5.204   -8.740  5.516   1.00 15.16 ? 4334 HOH A O   1 
HETATM 1062 O  O   . HOH D 4 .   ? -7.617  1.986   9.728   1.00 20.36 ? 4335 HOH A O   1 
HETATM 1063 O  O   . HOH D 4 .   ? 3.146   -9.374  7.377   1.00 19.30 ? 4336 HOH A O   1 
HETATM 1064 O  O   . HOH D 4 .   ? -11.433 -13.746 -4.036  1.00 21.28 ? 4337 HOH A O   1 
HETATM 1065 O  O   . HOH D 4 .   ? -11.036 -12.526 9.852   1.00 16.89 ? 4338 HOH A O   1 
HETATM 1066 O  O   . HOH D 4 .   ? -12.268 0.768   5.147   1.00 19.90 ? 4339 HOH A O   1 
HETATM 1067 O  O   . HOH D 4 .   ? -10.828 -7.614  -5.690  1.00 20.51 ? 4340 HOH A O   1 
HETATM 1068 O  O   . HOH D 4 .   ? -10.263 -0.063  -1.119  1.00 20.42 ? 4341 HOH A O   1 
HETATM 1069 O  O   . HOH D 4 .   ? -2.308  -4.282  -15.092 1.00 16.84 ? 4342 HOH A O   1 
HETATM 1070 O  O   . HOH D 4 .   ? -5.652  23.216  -14.111 1.00 21.51 ? 4343 HOH A O   1 
HETATM 1071 O  O   . HOH D 4 .   ? -10.929 29.534  -9.825  1.00 21.45 ? 4344 HOH A O   1 
HETATM 1072 O  O   . HOH D 4 .   ? -2.561  6.780   -10.036 1.00 20.23 ? 4345 HOH A O   1 
HETATM 1073 O  O   . HOH D 4 .   ? -5.152  -15.617 0.115   1.00 17.95 ? 4346 HOH A O   1 
HETATM 1074 O  O   . HOH D 4 .   ? -7.576  -16.671 -0.341  1.00 21.64 ? 4347 HOH A O   1 
HETATM 1075 O  O   . HOH D 4 .   ? 5.093   -6.553  13.306  1.00 18.93 ? 4348 HOH A O   1 
HETATM 1076 O  O   . HOH D 4 .   ? -12.090 3.424   1.744   1.00 22.80 ? 4349 HOH A O   1 
HETATM 1077 O  O   . HOH D 4 .   ? -13.647 0.088   7.477   1.00 22.32 ? 4350 HOH A O   1 
HETATM 1078 O  O   . HOH D 4 .   ? 5.907   -4.278  11.847  1.00 22.91 ? 4351 HOH A O   1 
HETATM 1079 O  O   . HOH D 4 .   ? -11.414 -12.839 7.167   1.00 17.58 ? 4352 HOH A O   1 
HETATM 1080 O  O   . HOH D 4 .   ? 18.562  -2.046  -2.646  1.00 17.23 ? 4353 HOH A O   1 
HETATM 1081 O  O   . HOH D 4 .   ? -14.091 -11.786 0.017   1.00 24.28 ? 4354 HOH A O   1 
HETATM 1082 O  O   . HOH D 4 .   ? 15.144  7.613   4.165   1.00 20.40 ? 4355 HOH A O   1 
HETATM 1083 O  O   . HOH D 4 .   ? -14.369 -5.620  6.801   1.00 23.61 ? 4356 HOH A O   1 
HETATM 1084 O  O   . HOH D 4 .   ? -5.611  25.041  -12.165 1.00 24.27 ? 4357 HOH A O   1 
HETATM 1085 O  O   . HOH D 4 .   ? -12.860 -7.224  0.611   1.00 22.31 ? 4358 HOH A O   1 
HETATM 1086 O  O   . HOH D 4 .   ? -15.023 27.366  -4.302  1.00 21.80 ? 4359 HOH A O   1 
HETATM 1087 O  O   . HOH D 4 .   ? 15.968  -7.319  2.500   1.00 20.38 ? 4360 HOH A O   1 
HETATM 1088 O  O   . HOH D 4 .   ? 6.598   -0.609  -15.404 1.00 24.54 ? 4361 HOH A O   1 
HETATM 1089 O  O   . HOH D 4 .   ? 1.040   6.514   -10.928 1.00 19.05 ? 4362 HOH A O   1 
HETATM 1090 O  O   . HOH D 4 .   ? -3.646  -17.813 1.092   1.00 24.02 ? 4363 HOH A O   1 
HETATM 1091 O  O   . HOH D 4 .   ? 2.128   -14.121 8.960   1.00 25.24 ? 4364 HOH A O   1 
HETATM 1092 O  O   . HOH D 4 .   ? -5.324  -19.709 2.816   1.00 22.31 ? 4365 HOH A O   1 
HETATM 1093 O  O   . HOH D 4 .   ? -8.685  -8.153  15.302  1.00 21.13 ? 4366 HOH A O   1 
HETATM 1094 O  O   . HOH D 4 .   ? 4.151   4.311   14.891  1.00 22.19 ? 4367 HOH A O   1 
HETATM 1095 O  O   . HOH D 4 .   ? 1.298   -2.526  18.694  1.00 25.41 ? 4368 HOH A O   1 
HETATM 1096 O  O   . HOH D 4 .   ? -13.618 -9.232  4.524   1.00 19.21 ? 4369 HOH A O   1 
HETATM 1097 O  O   . HOH D 4 .   ? -11.032 -16.520 3.608   1.00 28.58 ? 4370 HOH A O   1 
HETATM 1098 O  O   . HOH D 4 .   ? -13.154 28.095  -9.577  1.00 23.31 ? 4371 HOH A O   1 
HETATM 1099 O  O   . HOH D 4 .   ? -11.476 -15.193 10.201  1.00 20.86 ? 4372 HOH A O   1 
HETATM 1100 O  O   . HOH D 4 .   ? -10.852 1.467   -12.381 1.00 29.55 ? 4373 HOH A O   1 
HETATM 1101 O  O   . HOH D 4 .   ? 4.218   6.796   -11.540 1.00 24.52 ? 4374 HOH A O   1 
HETATM 1102 O  O   . HOH D 4 .   ? -10.858 -5.903  -7.811  1.00 26.61 ? 4375 HOH A O   1 
HETATM 1103 O  O   . HOH D 4 .   ? -12.173 6.822   -8.712  1.00 23.58 ? 4376 HOH A O   1 
HETATM 1104 O  O   . HOH D 4 .   ? 18.895  2.674   3.304   1.00 28.16 ? 4377 HOH A O   1 
HETATM 1105 O  O   . HOH D 4 .   ? 3.798   -14.416 -3.828  1.00 28.08 ? 4378 HOH A O   1 
HETATM 1106 O  O   . HOH D 4 .   ? 5.177   -0.121  12.126  1.00 23.47 ? 4379 HOH A O   1 
HETATM 1107 O  O   . HOH D 4 .   ? 20.642  -2.564  -8.440  1.00 27.06 ? 4380 HOH A O   1 
HETATM 1108 O  O   . HOH D 4 .   ? -13.522 -5.289  2.359   1.00 27.62 ? 4381 HOH A O   1 
HETATM 1109 O  O   . HOH D 4 .   ? 14.299  -12.738 -2.746  1.00 29.02 ? 4382 HOH A O   1 
HETATM 1110 O  O   . HOH D 4 .   ? 20.723  -0.312  -3.626  1.00 25.23 ? 4383 HOH A O   1 
HETATM 1111 O  O   . HOH D 4 .   ? 1.299   -19.551 9.802   1.00 26.73 ? 4384 HOH A O   1 
HETATM 1112 O  O   . HOH D 4 .   ? 18.377  -4.269  -9.431  1.00 26.86 ? 4385 HOH A O   1 
HETATM 1113 O  O   . HOH D 4 .   ? -11.216 3.191   6.651   1.00 38.00 ? 4386 HOH A O   1 
HETATM 1114 O  O   . HOH D 4 .   ? 9.246   -4.305  10.026  1.00 24.76 ? 4387 HOH A O   1 
HETATM 1115 O  O   . HOH D 4 .   ? 7.707   -0.881  11.966  1.00 23.26 ? 4388 HOH A O   1 
HETATM 1116 O  O   . HOH D 4 .   ? 19.298  8.036   -8.749  1.00 24.60 ? 4389 HOH A O   1 
HETATM 1117 O  O   . HOH D 4 .   ? -12.570 14.883  -9.303  1.00 28.37 ? 4390 HOH A O   1 
HETATM 1118 O  O   . HOH D 4 .   ? -12.294 21.235  -9.379  1.00 25.14 ? 4391 HOH A O   1 
HETATM 1119 O  O   . HOH D 4 .   ? -4.875  2.455   -15.632 1.00 23.66 ? 4392 HOH A O   1 
HETATM 1120 O  O   . HOH D 4 .   ? -1.386  -13.329 -2.832  1.00 29.18 ? 4393 HOH A O   1 
HETATM 1121 O  O   . HOH D 4 .   ? 11.251  -9.926  3.490   1.00 27.02 ? 4394 HOH A O   1 
HETATM 1122 O  O   . HOH D 4 .   ? 6.041   3.733   -16.049 1.00 30.05 ? 4395 HOH A O   1 
HETATM 1123 O  O   . HOH D 4 .   ? 3.627   -1.656  -15.560 1.00 31.94 ? 4396 HOH A O   1 
HETATM 1124 O  O   . HOH D 4 .   ? -3.611  -7.815  19.215  1.00 28.60 ? 4397 HOH A O   1 
HETATM 1125 O  O   . HOH D 4 .   ? -6.469  13.519  -15.464 1.00 24.53 ? 4398 HOH A O   1 
HETATM 1126 O  O   . HOH D 4 .   ? -11.080 3.484   -5.001  1.00 26.56 ? 4399 HOH A O   1 
HETATM 1127 O  O   . HOH D 4 .   ? 3.848   -4.163  -14.429 1.00 27.67 ? 4400 HOH A O   1 
HETATM 1128 O  O   . HOH D 4 .   ? 4.876   11.630  15.564  1.00 32.77 ? 4401 HOH A O   1 
HETATM 1129 O  O   . HOH D 4 .   ? 23.215  4.919   1.199   1.00 23.94 ? 4402 HOH A O   1 
HETATM 1130 O  O   . HOH D 4 .   ? 22.298  7.784   -5.861  1.00 26.47 ? 4403 HOH A O   1 
HETATM 1131 O  O   . HOH D 4 .   ? -9.929  3.114   9.061   1.00 31.92 ? 4404 HOH A O   1 
HETATM 1132 O  O   . HOH D 4 .   ? 8.743   -11.490 -7.986  1.00 36.39 ? 4405 HOH A O   1 
HETATM 1133 O  O   . HOH D 4 .   ? -0.678  -9.595  16.587  1.00 23.45 ? 4406 HOH A O   1 
HETATM 1134 O  O   . HOH D 4 .   ? -13.442 -11.485 6.057   1.00 24.81 ? 4407 HOH A O   1 
HETATM 1135 O  O   . HOH D 4 .   ? -7.993  -20.173 2.647   1.00 25.98 ? 4408 HOH A O   1 
HETATM 1136 O  O   . HOH D 4 .   ? 19.610  -6.129  -5.439  1.00 26.04 ? 4409 HOH A O   1 
HETATM 1137 O  O   . HOH D 4 .   ? 14.465  6.666   7.507   1.00 29.87 ? 4410 HOH A O   1 
HETATM 1138 O  O   . HOH D 4 .   ? -8.735  5.518   9.727   1.00 26.51 ? 4411 HOH A O   1 
HETATM 1139 O  O   . HOH D 4 .   ? 7.339   -2.828  -16.463 1.00 29.39 ? 4412 HOH A O   1 
HETATM 1140 O  O   . HOH D 4 .   ? 17.396  -7.666  -1.452  1.00 25.46 ? 4413 HOH A O   1 
HETATM 1141 O  O   . HOH D 4 .   ? 2.835   11.387  17.817  1.00 29.10 ? 4414 HOH A O   1 
HETATM 1142 O  O   . HOH D 4 .   ? -13.593 5.200   0.323   1.00 35.19 ? 4415 HOH A O   1 
HETATM 1143 O  O   . HOH D 4 .   ? -14.104 -2.522  1.725   1.00 29.54 ? 4416 HOH A O   1 
HETATM 1144 O  O   . HOH D 4 .   ? 23.188  2.765   -5.856  1.00 36.95 ? 4417 HOH A O   1 
HETATM 1145 O  O   . HOH D 4 .   ? -11.678 -9.086  16.322  1.00 27.41 ? 4418 HOH A O   1 
HETATM 1146 O  O   . HOH D 4 .   ? -14.612 26.571  -6.989  1.00 26.68 ? 4419 HOH A O   1 
HETATM 1147 O  O   . HOH D 4 .   ? -9.039  8.038   -14.683 1.00 38.94 ? 4420 HOH A O   1 
HETATM 1148 O  O   . HOH D 4 .   ? 4.229   14.575  15.935  1.00 32.39 ? 4421 HOH A O   1 
HETATM 1149 O  O   . HOH D 4 .   ? -7.438  9.185   -16.460 1.00 34.39 ? 4422 HOH A O   1 
HETATM 1150 O  O   . HOH D 4 .   ? 1.232   -14.820 -2.971  1.00 41.82 ? 4423 HOH A O   1 
HETATM 1151 O  O   . HOH D 4 .   ? 19.544  -4.783  -2.905  1.00 30.66 ? 4424 HOH A O   1 
HETATM 1152 O  O   . HOH D 4 .   ? 3.669   -11.938 8.072   1.00 31.19 ? 4425 HOH A O   1 
HETATM 1153 O  O   . HOH D 4 .   ? 5.234   -11.381 4.879   1.00 28.67 ? 4426 HOH A O   1 
HETATM 1154 O  O   . HOH D 4 .   ? -8.896  -2.498  -8.344  1.00 27.17 ? 4427 HOH A O   1 
HETATM 1155 O  O   . HOH D 4 .   ? 12.117  -10.366 -8.983  1.00 32.78 ? 4428 HOH A O   1 
HETATM 1156 O  O   . HOH D 4 .   ? 16.227  5.730   5.737   1.00 32.30 ? 4429 HOH A O   1 
HETATM 1157 O  O   . HOH D 4 .   ? -1.959  0.742   18.808  1.00 30.08 ? 4430 HOH A O   1 
HETATM 1158 O  O   . HOH D 4 .   ? 20.501  2.646   1.152   1.00 29.61 ? 4431 HOH A O   1 
HETATM 1159 O  O   . HOH D 4 .   ? 5.363   2.510   13.269  1.00 25.98 ? 4432 HOH A O   1 
HETATM 1160 O  O   . HOH D 4 .   ? -8.049  2.518   17.242  1.00 29.51 ? 4433 HOH A O   1 
HETATM 1161 O  O   . HOH D 4 .   ? -1.208  10.044  -10.199 1.00 40.22 ? 4434 HOH A O   1 
HETATM 1162 O  O   . HOH D 4 .   ? -11.388 -10.628 -5.814  1.00 33.72 ? 4435 HOH A O   1 
HETATM 1163 O  O   . HOH D 4 .   ? 0.728   9.478   17.722  1.00 39.28 ? 4436 HOH A O   1 
HETATM 1164 O  O   . HOH D 4 .   ? -10.896 17.804  -11.190 1.00 31.94 ? 4437 HOH A O   1 
HETATM 1165 O  O   . HOH D 4 .   ? -11.524 8.875   -13.988 1.00 35.99 ? 4438 HOH A O   1 
HETATM 1166 O  O   . HOH D 4 .   ? -10.349 -6.028  15.114  1.00 36.89 ? 4439 HOH A O   1 
HETATM 1167 O  O   . HOH D 4 .   ? 10.156  -6.895  7.081   1.00 28.26 ? 4440 HOH A O   1 
HETATM 1168 O  O   . HOH D 4 .   ? -15.536 -10.743 7.958   1.00 36.29 ? 4441 HOH A O   1 
HETATM 1169 O  O   . HOH D 4 .   ? 3.761   -11.974 11.438  1.00 34.71 ? 4442 HOH A O   1 
HETATM 1170 O  O   . HOH D 4 .   ? -12.960 7.671   -6.265  1.00 34.31 ? 4443 HOH A O   1 
HETATM 1171 O  O   . HOH D 4 .   ? -12.155 -13.198 -1.227  1.00 28.08 ? 4444 HOH A O   1 
HETATM 1172 O  O   . HOH D 4 .   ? -11.552 4.232   -8.279  1.00 33.30 ? 4445 HOH A O   1 
HETATM 1173 O  O   . HOH D 4 .   ? 19.881  13.327  2.608   1.00 43.35 ? 4446 HOH A O   1 
HETATM 1174 O  O   . HOH D 4 .   ? -15.211 -2.596  6.585   1.00 39.03 ? 4447 HOH A O   1 
HETATM 1175 O  O   . HOH D 4 .   ? -0.831  3.684   -16.520 1.00 36.27 ? 4448 HOH A O   1 
HETATM 1176 O  O   . HOH D 4 .   ? -14.467 -9.317  15.182  1.00 46.80 ? 4449 HOH A O   1 
HETATM 1177 O  O   . HOH D 4 .   ? -12.462 -0.252  11.223  1.00 32.35 ? 4450 HOH A O   1 
HETATM 1178 O  O   . HOH D 4 .   ? 9.027   -9.181  5.437   1.00 38.52 ? 4451 HOH A O   1 
HETATM 1179 O  O   . HOH D 4 .   ? -12.823 6.465   -3.810  1.00 37.78 ? 4452 HOH A O   1 
HETATM 1180 O  O   . HOH D 4 .   ? 2.228   -16.726 -0.957  1.00 42.11 ? 4453 HOH A O   1 
HETATM 1181 O  O   . HOH D 4 .   ? -8.137  -5.994  -9.032  1.00 10.80 ? 4454 HOH A O   1 
# 
